data_2PSN
#
_entry.id   2PSN
#
_cell.length_a   192.796
_cell.length_b   192.796
_cell.length_c   65.170
_cell.angle_alpha   90.00
_cell.angle_beta   90.00
_cell.angle_gamma   90.00
#
_symmetry.space_group_name_H-M   'P 42'
#
loop_
_entity.id
_entity.type
_entity.pdbx_description
1 polymer Alpha-enolase
2 non-polymer 'MAGNESIUM ION'
3 non-polymer 'PHOSPHATE ION'
4 water water
#
_entity_poly.entity_id   1
_entity_poly.type   'polypeptide(L)'
_entity_poly.pdbx_seq_one_letter_code
;MSILKIHAREIFDSRGNPTVEVDLFTSKGLFRAAVPSGASTGIYEALELRDNDKTRYMGKGVSKAVEHINKTIAPALVSK
KLNVTEQEKIDKLMIEMDGTENKSKFGANAILGVSLAVCKAGAVEKGVPLYRHIADLAGNSEVILPVPAFNVINGGSHAG
NKLAMQEFMILPVGAANFREAMRIGAEVYHNLKNVIKEKYGKDATNVGDEGGFAPNILENKEGLELLKTAIGKAGYTDKV
VIGMDVAASEFFRSGKYDLDFKSPDDPSRYISPDQLADLYKSFIKDYPVVSIEDPFDQDDWGAWQKFTASAGIQVVGDDL
TVTNPKRIAKAVNEKSCNCLLLKVNQIGSVTESLQACKLAQANGWGVMVSHRSGETEDTFIADLVVGLCTGQIKTGAPCR
SERLAKYNQLLRIEEELGSKAKFAGRNFRNPLAK
;
_entity_poly.pdbx_strand_id   A,B,C,D
#
loop_
_chem_comp.id
_chem_comp.type
_chem_comp.name
_chem_comp.formula
MG non-polymer 'MAGNESIUM ION' 'Mg 2'
PO4 non-polymer 'PHOSPHATE ION' 'O4 P -3'
#
# COMPACT_ATOMS: atom_id res chain seq x y z
N SER A 2 -6.42 -36.15 -31.14
CA SER A 2 -6.51 -36.50 -29.71
C SER A 2 -6.22 -35.29 -28.82
N ILE A 3 -5.86 -34.16 -29.44
CA ILE A 3 -5.58 -32.94 -28.70
C ILE A 3 -6.90 -32.25 -28.38
N LEU A 4 -7.28 -32.27 -27.12
CA LEU A 4 -8.55 -31.68 -26.71
C LEU A 4 -8.48 -30.19 -26.47
N LYS A 5 -7.30 -29.70 -26.06
CA LYS A 5 -7.15 -28.28 -25.77
C LYS A 5 -5.69 -27.87 -25.59
N ILE A 6 -5.40 -26.61 -25.91
CA ILE A 6 -4.08 -26.05 -25.79
C ILE A 6 -4.18 -24.62 -25.28
N HIS A 7 -3.41 -24.28 -24.26
CA HIS A 7 -3.43 -22.93 -23.73
C HIS A 7 -2.03 -22.52 -23.35
N ALA A 8 -1.61 -21.33 -23.80
CA ALA A 8 -0.28 -20.86 -23.50
C ALA A 8 -0.32 -19.66 -22.56
N ARG A 9 0.76 -19.48 -21.81
CA ARG A 9 0.88 -18.40 -20.85
C ARG A 9 2.33 -17.94 -20.74
N GLU A 10 2.48 -16.75 -20.18
CA GLU A 10 3.76 -16.12 -19.97
C GLU A 10 4.25 -16.46 -18.56
N ILE A 11 5.45 -17.02 -18.43
CA ILE A 11 6.03 -17.33 -17.11
C ILE A 11 7.43 -16.71 -17.08
N PHE A 12 8.20 -16.99 -16.02
CA PHE A 12 9.53 -16.43 -15.92
C PHE A 12 10.63 -17.47 -16.01
N ASP A 13 11.69 -17.11 -16.74
CA ASP A 13 12.83 -18.01 -16.87
C ASP A 13 13.81 -17.73 -15.73
N SER A 14 14.89 -18.50 -15.69
CA SER A 14 15.87 -18.40 -14.61
C SER A 14 16.57 -17.06 -14.43
N ARG A 15 16.46 -16.16 -15.42
CA ARG A 15 17.05 -14.84 -15.28
C ARG A 15 15.99 -13.78 -14.93
N GLY A 16 14.74 -14.22 -14.79
CA GLY A 16 13.68 -13.27 -14.46
C GLY A 16 13.03 -12.61 -15.67
N ASN A 17 13.18 -13.23 -16.83
CA ASN A 17 12.61 -12.70 -18.05
C ASN A 17 11.48 -13.58 -18.50
N PRO A 18 10.47 -12.98 -19.12
CA PRO A 18 9.30 -13.71 -19.62
C PRO A 18 9.65 -14.75 -20.67
N THR A 19 8.92 -15.86 -20.65
CA THR A 19 9.09 -16.86 -21.68
C THR A 19 7.78 -17.59 -21.78
N VAL A 20 7.66 -18.42 -22.82
CA VAL A 20 6.46 -19.17 -23.11
C VAL A 20 6.33 -20.53 -22.42
N GLU A 21 5.13 -20.77 -21.91
CA GLU A 21 4.79 -22.06 -21.30
C GLU A 21 3.49 -22.50 -21.97
N VAL A 22 3.37 -23.79 -22.25
CA VAL A 22 2.18 -24.31 -22.90
C VAL A 22 1.56 -25.52 -22.20
N ASP A 23 0.23 -25.47 -22.04
CA ASP A 23 -0.52 -26.57 -21.44
C ASP A 23 -1.28 -27.26 -22.57
N LEU A 24 -1.13 -28.56 -22.70
CA LEU A 24 -1.84 -29.30 -23.74
C LEU A 24 -2.59 -30.42 -23.05
N PHE A 25 -3.86 -30.59 -23.41
CA PHE A 25 -4.67 -31.64 -22.80
C PHE A 25 -5.09 -32.73 -23.77
N THR A 26 -5.05 -33.98 -23.29
CA THR A 26 -5.54 -35.12 -24.07
C THR A 26 -6.40 -35.86 -23.05
N SER A 27 -6.98 -36.99 -23.45
CA SER A 27 -7.80 -37.74 -22.52
C SER A 27 -6.92 -38.31 -21.42
N LYS A 28 -5.61 -38.33 -21.65
CA LYS A 28 -4.69 -38.86 -20.65
C LYS A 28 -4.30 -37.80 -19.62
N GLY A 29 -4.72 -36.56 -19.82
CA GLY A 29 -4.38 -35.52 -18.86
C GLY A 29 -3.74 -34.25 -19.38
N LEU A 30 -3.07 -33.55 -18.46
CA LEU A 30 -2.39 -32.29 -18.73
C LEU A 30 -0.91 -32.48 -19.00
N PHE A 31 -0.42 -31.82 -20.04
CA PHE A 31 0.98 -31.90 -20.43
C PHE A 31 1.49 -30.49 -20.61
N ARG A 32 2.51 -30.15 -19.81
CA ARG A 32 3.09 -28.83 -19.79
C ARG A 32 4.57 -28.79 -20.18
N ALA A 33 4.94 -27.74 -20.90
CA ALA A 33 6.31 -27.55 -21.33
C ALA A 33 6.61 -26.06 -21.37
N ALA A 34 7.87 -25.70 -21.18
CA ALA A 34 8.29 -24.31 -21.21
C ALA A 34 9.46 -24.17 -22.17
N VAL A 35 9.72 -22.93 -22.60
CA VAL A 35 10.76 -22.66 -23.58
C VAL A 35 11.95 -21.90 -22.99
N PRO A 36 13.19 -22.36 -23.31
CA PRO A 36 14.41 -21.71 -22.80
C PRO A 36 14.75 -20.50 -23.68
N SER A 37 15.72 -19.70 -23.23
CA SER A 37 16.14 -18.50 -23.95
C SER A 37 17.63 -18.25 -23.75
N GLY A 38 18.37 -18.09 -24.85
CA GLY A 38 19.78 -17.84 -24.70
C GLY A 38 20.17 -16.39 -24.48
N ALA A 39 21.41 -16.18 -24.06
CA ALA A 39 21.96 -14.83 -23.87
C ALA A 39 22.91 -14.62 -25.07
N SER A 40 23.82 -15.57 -25.30
CA SER A 40 24.72 -15.45 -26.43
C SER A 40 24.10 -16.25 -27.59
N THR A 41 23.11 -15.61 -28.22
CA THR A 41 22.37 -16.20 -29.32
C THR A 41 23.02 -15.88 -30.67
N GLY A 42 23.19 -16.90 -31.50
CA GLY A 42 23.79 -16.68 -32.80
C GLY A 42 22.84 -15.96 -33.75
N ILE A 43 23.38 -15.23 -34.72
CA ILE A 43 22.55 -14.52 -35.68
C ILE A 43 21.65 -15.43 -36.49
N TYR A 44 22.00 -16.71 -36.63
CA TYR A 44 21.16 -17.63 -37.42
C TYR A 44 20.13 -18.42 -36.66
N GLU A 45 19.99 -18.16 -35.38
CA GLU A 45 18.99 -18.90 -34.62
C GLU A 45 17.59 -18.56 -35.12
N ALA A 46 16.66 -19.48 -35.01
CA ALA A 46 15.28 -19.21 -35.42
C ALA A 46 14.81 -18.04 -34.54
N LEU A 47 13.83 -17.28 -35.00
CA LEU A 47 13.37 -16.12 -34.24
C LEU A 47 12.68 -16.36 -32.89
N GLU A 48 13.25 -15.73 -31.87
CA GLU A 48 12.65 -15.79 -30.56
C GLU A 48 11.80 -14.50 -30.59
N LEU A 49 10.49 -14.63 -30.74
CA LEU A 49 9.64 -13.44 -30.83
C LEU A 49 9.38 -12.75 -29.49
N ARG A 50 9.85 -11.51 -29.37
CA ARG A 50 9.68 -10.69 -28.18
C ARG A 50 8.70 -9.57 -28.53
N ASP A 51 7.96 -9.05 -27.55
CA ASP A 51 6.99 -8.00 -27.82
C ASP A 51 7.62 -6.66 -28.20
N ASN A 52 8.76 -6.37 -27.60
CA ASN A 52 9.47 -5.12 -27.84
C ASN A 52 8.70 -3.89 -27.41
N ASP A 53 7.99 -4.02 -26.29
CA ASP A 53 7.23 -2.93 -25.69
C ASP A 53 8.15 -2.45 -24.56
N LYS A 54 8.91 -1.40 -24.82
CA LYS A 54 9.87 -0.86 -23.86
C LYS A 54 9.34 -0.56 -22.45
N THR A 55 8.03 -0.42 -22.30
CA THR A 55 7.49 -0.12 -20.99
C THR A 55 7.25 -1.39 -20.16
N ARG A 56 7.19 -2.53 -20.85
CA ARG A 56 6.92 -3.80 -20.20
C ARG A 56 8.13 -4.75 -20.29
N TYR A 57 8.70 -5.11 -19.13
CA TYR A 57 9.84 -6.01 -19.11
C TYR A 57 10.95 -5.55 -20.05
N MET A 58 11.11 -4.23 -20.18
CA MET A 58 12.12 -3.68 -21.08
C MET A 58 12.04 -4.31 -22.48
N GLY A 59 10.82 -4.48 -22.97
CA GLY A 59 10.64 -5.04 -24.30
C GLY A 59 10.75 -6.55 -24.45
N LYS A 60 10.94 -7.26 -23.33
CA LYS A 60 11.09 -8.72 -23.37
C LYS A 60 9.82 -9.56 -23.19
N GLY A 61 8.65 -8.93 -23.18
CA GLY A 61 7.44 -9.72 -23.04
C GLY A 61 7.29 -10.70 -24.18
N VAL A 62 6.51 -11.76 -23.96
CA VAL A 62 6.25 -12.72 -25.03
C VAL A 62 4.74 -12.92 -25.16
N SER A 63 3.97 -11.86 -24.89
CA SER A 63 2.52 -11.95 -25.00
C SER A 63 2.12 -12.21 -26.46
N LYS A 64 2.92 -11.71 -27.41
CA LYS A 64 2.60 -11.94 -28.82
C LYS A 64 2.70 -13.39 -29.20
N ALA A 65 3.78 -14.04 -28.76
CA ALA A 65 4.00 -15.45 -29.06
C ALA A 65 2.91 -16.28 -28.40
N VAL A 66 2.61 -15.95 -27.15
CA VAL A 66 1.57 -16.66 -26.41
C VAL A 66 0.24 -16.54 -27.15
N GLU A 67 -0.03 -15.35 -27.70
CA GLU A 67 -1.27 -15.12 -28.43
C GLU A 67 -1.34 -15.90 -29.74
N HIS A 68 -0.21 -16.00 -30.45
CA HIS A 68 -0.18 -16.76 -31.71
C HIS A 68 -0.61 -18.18 -31.43
N ILE A 69 -0.24 -18.66 -30.24
CA ILE A 69 -0.59 -20.01 -29.84
C ILE A 69 -2.07 -20.08 -29.48
N ASN A 70 -2.49 -19.23 -28.56
CA ASN A 70 -3.87 -19.25 -28.11
C ASN A 70 -4.91 -18.95 -29.20
N LYS A 71 -4.63 -17.95 -30.02
CA LYS A 71 -5.57 -17.57 -31.06
C LYS A 71 -5.44 -18.27 -32.40
N THR A 72 -4.27 -18.84 -32.70
CA THR A 72 -4.08 -19.45 -34.01
C THR A 72 -3.63 -20.91 -34.05
N ILE A 73 -2.52 -21.23 -33.40
CA ILE A 73 -2.03 -22.60 -33.42
C ILE A 73 -2.97 -23.60 -32.73
N ALA A 74 -3.42 -23.26 -31.53
CA ALA A 74 -4.29 -24.15 -30.77
C ALA A 74 -5.59 -24.51 -31.52
N PRO A 75 -6.40 -23.51 -31.88
CA PRO A 75 -7.63 -23.85 -32.59
C PRO A 75 -7.36 -24.74 -33.80
N ALA A 76 -6.29 -24.45 -34.53
CA ALA A 76 -5.94 -25.24 -35.70
C ALA A 76 -5.61 -26.69 -35.34
N LEU A 77 -4.77 -26.89 -34.33
CA LEU A 77 -4.40 -28.24 -33.94
C LEU A 77 -5.57 -29.03 -33.36
N VAL A 78 -6.44 -28.35 -32.63
CA VAL A 78 -7.60 -29.02 -32.04
C VAL A 78 -8.58 -29.44 -33.15
N SER A 79 -8.72 -28.60 -34.17
CA SER A 79 -9.63 -28.89 -35.29
C SER A 79 -9.20 -30.11 -36.10
N LYS A 80 -7.91 -30.16 -36.44
CA LYS A 80 -7.34 -31.25 -37.23
C LYS A 80 -7.46 -32.60 -36.54
N LYS A 81 -7.79 -32.59 -35.25
CA LYS A 81 -7.92 -33.83 -34.51
C LYS A 81 -6.73 -34.74 -34.78
N LEU A 82 -5.52 -34.18 -34.72
CA LEU A 82 -4.31 -34.95 -34.94
C LEU A 82 -3.93 -35.68 -33.65
N ASN A 83 -3.35 -36.86 -33.78
CA ASN A 83 -2.95 -37.62 -32.59
C ASN A 83 -1.60 -37.12 -32.09
N VAL A 84 -1.48 -37.00 -30.76
CA VAL A 84 -0.24 -36.52 -30.15
C VAL A 84 0.98 -37.36 -30.49
N THR A 85 0.80 -38.62 -30.85
CA THR A 85 1.96 -39.44 -31.18
C THR A 85 2.52 -39.12 -32.56
N GLU A 86 1.82 -38.27 -33.31
CA GLU A 86 2.28 -37.91 -34.66
C GLU A 86 3.06 -36.59 -34.63
N GLN A 87 4.22 -36.64 -33.96
CA GLN A 87 5.08 -35.48 -33.81
C GLN A 87 5.43 -34.77 -35.11
N GLU A 88 5.90 -35.52 -36.09
CA GLU A 88 6.30 -34.93 -37.36
C GLU A 88 5.16 -34.21 -38.09
N LYS A 89 4.00 -34.84 -38.15
CA LYS A 89 2.86 -34.21 -38.83
C LYS A 89 2.45 -32.94 -38.13
N ILE A 90 2.41 -32.98 -36.81
CA ILE A 90 2.02 -31.81 -36.05
C ILE A 90 3.03 -30.68 -36.22
N ASP A 91 4.31 -31.00 -36.12
CA ASP A 91 5.37 -30.00 -36.28
C ASP A 91 5.36 -29.43 -37.69
N LYS A 92 5.15 -30.27 -38.70
CA LYS A 92 5.15 -29.77 -40.08
C LYS A 92 3.97 -28.85 -40.32
N LEU A 93 2.84 -29.17 -39.72
CA LEU A 93 1.63 -28.35 -39.84
C LEU A 93 1.92 -26.96 -39.28
N MET A 94 2.52 -26.90 -38.08
CA MET A 94 2.84 -25.61 -37.48
C MET A 94 3.86 -24.87 -38.32
N ILE A 95 4.79 -25.61 -38.91
CA ILE A 95 5.82 -24.99 -39.73
C ILE A 95 5.19 -24.42 -41.00
N GLU A 96 4.22 -25.13 -41.55
CA GLU A 96 3.52 -24.67 -42.75
C GLU A 96 2.65 -23.47 -42.41
N MET A 97 1.98 -23.50 -41.26
CA MET A 97 1.14 -22.38 -40.86
C MET A 97 1.95 -21.09 -40.72
N ASP A 98 3.14 -21.20 -40.15
CA ASP A 98 4.03 -20.04 -39.98
C ASP A 98 4.49 -19.61 -41.38
N GLY A 99 4.90 -20.59 -42.18
CA GLY A 99 5.31 -20.31 -43.55
C GLY A 99 6.59 -19.54 -43.81
N THR A 100 7.37 -19.26 -42.78
CA THR A 100 8.63 -18.53 -42.98
C THR A 100 9.82 -19.42 -42.72
N GLU A 101 10.96 -19.05 -43.27
CA GLU A 101 12.18 -19.84 -43.12
C GLU A 101 12.61 -19.93 -41.65
N ASN A 102 12.58 -18.80 -40.95
CA ASN A 102 13.01 -18.75 -39.57
C ASN A 102 11.91 -18.66 -38.53
N LYS A 103 10.70 -19.07 -38.88
CA LYS A 103 9.59 -19.04 -37.94
C LYS A 103 9.36 -17.64 -37.40
N SER A 104 9.47 -16.65 -38.28
CA SER A 104 9.29 -15.26 -37.87
C SER A 104 7.84 -14.77 -37.76
N LYS A 105 6.85 -15.57 -38.18
CA LYS A 105 5.47 -15.12 -38.03
C LYS A 105 4.96 -15.46 -36.63
N PHE A 106 5.04 -16.73 -36.25
CA PHE A 106 4.60 -17.14 -34.92
C PHE A 106 5.68 -16.97 -33.86
N GLY A 107 6.93 -17.17 -34.27
CA GLY A 107 8.04 -17.09 -33.32
C GLY A 107 8.40 -18.53 -33.01
N ALA A 108 9.69 -18.85 -33.07
CA ALA A 108 10.13 -20.22 -32.78
C ALA A 108 9.75 -20.59 -31.37
N ASN A 109 9.72 -19.62 -30.46
CA ASN A 109 9.35 -19.91 -29.09
C ASN A 109 7.89 -20.35 -29.00
N ALA A 110 7.05 -19.83 -29.89
CA ALA A 110 5.64 -20.21 -29.89
C ALA A 110 5.51 -21.66 -30.35
N ILE A 111 6.15 -21.98 -31.49
CA ILE A 111 6.04 -23.32 -32.05
C ILE A 111 6.70 -24.41 -31.23
N LEU A 112 7.84 -24.09 -30.61
CA LEU A 112 8.56 -25.06 -29.80
C LEU A 112 7.77 -25.43 -28.53
N GLY A 113 7.17 -24.43 -27.90
CA GLY A 113 6.38 -24.68 -26.70
C GLY A 113 5.31 -25.72 -26.98
N VAL A 114 4.59 -25.55 -28.08
CA VAL A 114 3.56 -26.51 -28.42
C VAL A 114 4.19 -27.84 -28.81
N SER A 115 5.26 -27.77 -29.60
CA SER A 115 5.98 -28.97 -30.05
C SER A 115 6.44 -29.86 -28.90
N LEU A 116 6.90 -29.23 -27.81
CA LEU A 116 7.38 -29.96 -26.65
C LEU A 116 6.24 -30.60 -25.86
N ALA A 117 5.15 -29.85 -25.68
CA ALA A 117 3.99 -30.37 -24.96
C ALA A 117 3.40 -31.56 -25.71
N VAL A 118 3.37 -31.45 -27.03
CA VAL A 118 2.87 -32.54 -27.85
C VAL A 118 3.72 -33.79 -27.63
N CYS A 119 5.05 -33.62 -27.62
CA CYS A 119 5.94 -34.75 -27.44
C CYS A 119 5.73 -35.48 -26.10
N LYS A 120 5.55 -34.73 -25.02
CA LYS A 120 5.31 -35.35 -23.72
C LYS A 120 3.99 -36.11 -23.73
N ALA A 121 2.97 -35.50 -24.33
CA ALA A 121 1.65 -36.13 -24.41
C ALA A 121 1.75 -37.45 -25.17
N GLY A 122 2.47 -37.43 -26.29
CA GLY A 122 2.65 -38.63 -27.09
C GLY A 122 3.26 -39.78 -26.31
N ALA A 123 4.21 -39.48 -25.43
CA ALA A 123 4.85 -40.52 -24.63
C ALA A 123 3.84 -41.23 -23.74
N VAL A 124 3.02 -40.44 -23.05
CA VAL A 124 2.01 -40.98 -22.15
C VAL A 124 0.96 -41.76 -22.95
N GLU A 125 0.60 -41.23 -24.12
CA GLU A 125 -0.37 -41.89 -25.00
C GLU A 125 0.14 -43.29 -25.37
N LYS A 126 1.44 -43.41 -25.56
CA LYS A 126 2.04 -44.68 -25.92
C LYS A 126 2.32 -45.53 -24.69
N GLY A 127 2.06 -44.95 -23.52
CA GLY A 127 2.30 -45.65 -22.26
C GLY A 127 3.75 -46.04 -22.07
N VAL A 128 4.65 -45.09 -22.35
CA VAL A 128 6.07 -45.34 -22.23
C VAL A 128 6.79 -44.08 -21.72
N PRO A 129 7.97 -44.22 -21.05
CA PRO A 129 8.66 -43.02 -20.56
C PRO A 129 9.04 -42.09 -21.72
N LEU A 130 9.09 -40.79 -21.45
CA LEU A 130 9.45 -39.81 -22.48
C LEU A 130 10.74 -40.16 -23.24
N TYR A 131 11.81 -40.52 -22.54
CA TYR A 131 13.04 -40.86 -23.24
C TYR A 131 12.84 -42.05 -24.20
N ARG A 132 11.97 -42.99 -23.84
CA ARG A 132 11.71 -44.13 -24.73
C ARG A 132 10.94 -43.66 -25.97
N HIS A 133 10.03 -42.71 -25.76
CA HIS A 133 9.25 -42.13 -26.86
C HIS A 133 10.18 -41.36 -27.81
N ILE A 134 11.09 -40.57 -27.25
CA ILE A 134 12.01 -39.80 -28.06
C ILE A 134 12.83 -40.82 -28.86
N ALA A 135 13.26 -41.89 -28.20
CA ALA A 135 14.05 -42.93 -28.86
C ALA A 135 13.31 -43.50 -30.08
N ASP A 136 12.02 -43.81 -29.93
CA ASP A 136 11.24 -44.34 -31.05
C ASP A 136 11.15 -43.31 -32.20
N LEU A 137 10.95 -42.04 -31.85
CA LEU A 137 10.87 -40.99 -32.85
C LEU A 137 12.20 -40.81 -33.59
N ALA A 138 13.30 -41.10 -32.92
CA ALA A 138 14.62 -40.96 -33.52
C ALA A 138 15.11 -42.26 -34.16
N GLY A 139 14.35 -43.34 -34.01
CA GLY A 139 14.75 -44.61 -34.58
C GLY A 139 15.86 -45.31 -33.82
N ASN A 140 15.98 -45.01 -32.53
CA ASN A 140 17.03 -45.63 -31.73
C ASN A 140 16.45 -46.80 -30.94
N SER A 141 17.12 -47.94 -30.96
CA SER A 141 16.65 -49.09 -30.22
C SER A 141 17.17 -48.97 -28.81
N GLU A 142 18.42 -48.52 -28.68
CA GLU A 142 19.01 -48.39 -27.36
C GLU A 142 18.89 -47.01 -26.74
N VAL A 143 19.18 -46.97 -25.46
CA VAL A 143 19.11 -45.75 -24.70
C VAL A 143 20.30 -45.75 -23.73
N ILE A 144 20.93 -44.60 -23.50
CA ILE A 144 22.07 -44.54 -22.61
C ILE A 144 22.21 -43.24 -21.82
N LEU A 145 22.77 -43.34 -20.61
CA LEU A 145 22.98 -42.15 -19.79
C LEU A 145 24.20 -41.42 -20.32
N PRO A 146 24.12 -40.09 -20.43
CA PRO A 146 25.21 -39.26 -20.93
C PRO A 146 26.20 -38.83 -19.85
N VAL A 147 27.41 -38.47 -20.26
CA VAL A 147 28.39 -37.95 -19.33
C VAL A 147 27.92 -36.50 -19.16
N PRO A 148 27.79 -36.03 -17.93
CA PRO A 148 27.34 -34.64 -17.80
C PRO A 148 28.53 -33.69 -17.91
N ALA A 149 28.32 -32.51 -18.51
CA ALA A 149 29.36 -31.49 -18.67
C ALA A 149 28.93 -30.29 -17.83
N PHE A 150 29.54 -30.17 -16.65
CA PHE A 150 29.21 -29.12 -15.69
C PHE A 150 30.00 -27.82 -15.89
N ASN A 151 29.27 -26.73 -16.14
CA ASN A 151 29.88 -25.43 -16.38
C ASN A 151 30.08 -24.77 -15.01
N VAL A 152 31.22 -25.06 -14.37
CA VAL A 152 31.53 -24.57 -13.02
C VAL A 152 32.18 -23.20 -12.81
N ILE A 153 32.66 -22.58 -13.88
CA ILE A 153 33.21 -21.22 -13.80
C ILE A 153 32.56 -20.56 -15.00
N ASN A 154 31.82 -19.48 -14.76
CA ASN A 154 31.11 -18.77 -15.81
C ASN A 154 31.79 -17.47 -16.19
N GLY A 155 31.81 -17.17 -17.49
CA GLY A 155 32.40 -15.95 -17.99
C GLY A 155 31.59 -15.43 -19.15
N GLY A 156 32.23 -14.65 -20.02
CA GLY A 156 31.54 -14.12 -21.17
C GLY A 156 30.28 -13.37 -20.84
N SER A 157 29.25 -13.57 -21.65
CA SER A 157 27.95 -12.92 -21.49
C SER A 157 27.06 -13.53 -20.40
N HIS A 158 27.60 -14.46 -19.63
CA HIS A 158 26.83 -15.12 -18.56
C HIS A 158 27.22 -14.66 -17.14
N ALA A 159 28.23 -13.80 -17.04
CA ALA A 159 28.71 -13.36 -15.72
C ALA A 159 29.33 -11.96 -15.73
N GLY A 160 29.28 -11.29 -14.59
CA GLY A 160 29.83 -9.95 -14.50
C GLY A 160 31.33 -9.86 -14.26
N ASN A 161 32.13 -10.78 -14.81
CA ASN A 161 33.56 -10.71 -14.60
C ASN A 161 34.26 -10.26 -15.88
N LYS A 162 35.59 -10.15 -15.84
CA LYS A 162 36.37 -9.77 -17.01
C LYS A 162 36.51 -10.95 -17.98
N LEU A 163 36.54 -12.15 -17.41
CA LEU A 163 36.70 -13.42 -18.13
C LEU A 163 35.89 -13.48 -19.42
N ALA A 164 36.58 -13.49 -20.56
CA ALA A 164 35.92 -13.48 -21.88
C ALA A 164 35.27 -14.79 -22.30
N MET A 165 35.97 -15.91 -22.12
CA MET A 165 35.40 -17.18 -22.52
C MET A 165 34.19 -17.49 -21.64
N GLN A 166 33.16 -18.03 -22.28
CA GLN A 166 31.90 -18.28 -21.59
C GLN A 166 31.77 -19.38 -20.54
N GLU A 167 32.25 -20.57 -20.86
CA GLU A 167 32.08 -21.73 -19.98
C GLU A 167 33.29 -22.64 -19.78
N PHE A 168 33.54 -22.98 -18.52
CA PHE A 168 34.63 -23.86 -18.12
C PHE A 168 33.95 -25.09 -17.51
N MET A 169 33.98 -26.19 -18.26
CA MET A 169 33.30 -27.41 -17.85
C MET A 169 34.14 -28.61 -17.45
N ILE A 170 33.58 -29.41 -16.55
CA ILE A 170 34.23 -30.65 -16.12
C ILE A 170 33.30 -31.80 -16.50
N LEU A 171 33.87 -32.83 -17.11
CA LEU A 171 33.14 -34.02 -17.55
C LEU A 171 33.73 -35.25 -16.86
N PRO A 172 32.95 -35.92 -16.00
CA PRO A 172 33.39 -37.11 -15.27
C PRO A 172 33.32 -38.35 -16.15
N VAL A 173 34.10 -38.38 -17.23
CA VAL A 173 34.08 -39.50 -18.15
C VAL A 173 34.51 -40.81 -17.51
N GLY A 174 35.26 -40.74 -16.42
CA GLY A 174 35.73 -41.94 -15.75
C GLY A 174 34.79 -42.50 -14.71
N ALA A 175 33.65 -41.85 -14.51
CA ALA A 175 32.70 -42.33 -13.51
C ALA A 175 32.13 -43.70 -13.95
N ALA A 176 31.71 -44.52 -12.99
CA ALA A 176 31.18 -45.84 -13.32
C ALA A 176 29.76 -45.77 -13.85
N ASN A 177 29.01 -44.78 -13.39
CA ASN A 177 27.63 -44.61 -13.80
C ASN A 177 27.22 -43.14 -13.62
N PHE A 178 25.99 -42.81 -14.00
CA PHE A 178 25.56 -41.44 -13.87
C PHE A 178 25.53 -40.88 -12.44
N ARG A 179 25.12 -41.66 -11.45
CA ARG A 179 25.09 -41.13 -10.10
C ARG A 179 26.49 -40.78 -9.60
N GLU A 180 27.50 -41.57 -9.96
CA GLU A 180 28.87 -41.22 -9.53
C GLU A 180 29.31 -39.97 -10.29
N ALA A 181 28.89 -39.84 -11.55
CA ALA A 181 29.23 -38.66 -12.35
C ALA A 181 28.69 -37.41 -11.63
N MET A 182 27.48 -37.51 -11.10
CA MET A 182 26.89 -36.39 -10.34
C MET A 182 27.68 -36.13 -9.06
N ARG A 183 28.10 -37.21 -8.39
CA ARG A 183 28.86 -37.07 -7.17
C ARG A 183 30.17 -36.35 -7.43
N ILE A 184 30.85 -36.75 -8.50
CA ILE A 184 32.11 -36.13 -8.87
C ILE A 184 31.87 -34.68 -9.21
N GLY A 185 30.83 -34.42 -10.00
CA GLY A 185 30.52 -33.05 -10.38
C GLY A 185 30.28 -32.17 -9.18
N ALA A 186 29.47 -32.65 -8.24
CA ALA A 186 29.15 -31.89 -7.03
C ALA A 186 30.36 -31.68 -6.12
N GLU A 187 31.12 -32.74 -5.89
CA GLU A 187 32.28 -32.60 -5.03
C GLU A 187 33.35 -31.69 -5.64
N VAL A 188 33.58 -31.78 -6.93
CA VAL A 188 34.58 -30.90 -7.53
C VAL A 188 34.14 -29.44 -7.41
N TYR A 189 32.84 -29.20 -7.63
CA TYR A 189 32.27 -27.86 -7.55
C TYR A 189 32.45 -27.25 -6.15
N HIS A 190 32.14 -28.02 -5.10
CA HIS A 190 32.28 -27.49 -3.75
C HIS A 190 33.76 -27.28 -3.40
N ASN A 191 34.64 -28.14 -3.90
CA ASN A 191 36.06 -27.93 -3.63
C ASN A 191 36.55 -26.68 -4.35
N LEU A 192 36.07 -26.49 -5.57
CA LEU A 192 36.43 -25.33 -6.37
C LEU A 192 36.03 -24.05 -5.64
N LYS A 193 34.90 -24.09 -4.93
CA LYS A 193 34.46 -22.91 -4.21
C LYS A 193 35.52 -22.51 -3.17
N ASN A 194 36.10 -23.51 -2.51
CA ASN A 194 37.13 -23.25 -1.51
C ASN A 194 38.42 -22.76 -2.15
N VAL A 195 38.79 -23.37 -3.27
CA VAL A 195 40.01 -23.00 -3.99
C VAL A 195 39.92 -21.55 -4.42
N ILE A 196 38.78 -21.16 -4.99
CA ILE A 196 38.60 -19.78 -5.42
C ILE A 196 38.54 -18.84 -4.21
N LYS A 197 37.83 -19.25 -3.16
CA LYS A 197 37.72 -18.39 -1.99
C LYS A 197 39.09 -18.14 -1.34
N GLU A 198 39.87 -19.19 -1.19
CA GLU A 198 41.19 -19.08 -0.60
C GLU A 198 42.14 -18.22 -1.42
N LYS A 199 42.00 -18.25 -2.74
CA LYS A 199 42.89 -17.48 -3.58
C LYS A 199 42.40 -16.07 -3.94
N TYR A 200 41.09 -15.91 -4.13
CA TYR A 200 40.57 -14.60 -4.51
C TYR A 200 39.63 -13.92 -3.51
N GLY A 201 39.26 -14.61 -2.43
CA GLY A 201 38.36 -13.99 -1.47
C GLY A 201 36.91 -14.34 -1.73
N LYS A 202 36.05 -14.02 -0.76
CA LYS A 202 34.62 -14.32 -0.85
C LYS A 202 33.89 -13.67 -2.02
N ASP A 203 34.27 -12.45 -2.38
CA ASP A 203 33.62 -11.73 -3.47
C ASP A 203 33.75 -12.45 -4.80
N ALA A 204 34.67 -13.42 -4.85
CA ALA A 204 34.92 -14.19 -6.07
C ALA A 204 34.06 -15.44 -6.16
N THR A 205 33.33 -15.73 -5.08
CA THR A 205 32.52 -16.95 -5.03
C THR A 205 31.03 -16.84 -5.36
N ASN A 206 30.60 -15.71 -5.91
CA ASN A 206 29.20 -15.58 -6.29
C ASN A 206 29.03 -16.29 -7.63
N VAL A 207 27.80 -16.49 -8.09
CA VAL A 207 27.64 -17.21 -9.33
C VAL A 207 27.05 -16.48 -10.51
N GLY A 208 27.32 -17.05 -11.69
CA GLY A 208 26.83 -16.50 -12.94
C GLY A 208 25.50 -17.13 -13.33
N ASP A 209 25.06 -16.81 -14.55
CA ASP A 209 23.78 -17.31 -15.05
C ASP A 209 23.60 -18.81 -15.01
N GLU A 210 24.68 -19.56 -15.20
CA GLU A 210 24.53 -20.99 -15.21
C GLU A 210 25.00 -21.71 -13.96
N GLY A 211 25.17 -20.94 -12.89
CA GLY A 211 25.54 -21.53 -11.63
C GLY A 211 27.01 -21.69 -11.35
N GLY A 212 27.85 -21.36 -12.32
CA GLY A 212 29.28 -21.46 -12.11
C GLY A 212 29.80 -20.25 -11.36
N PHE A 213 30.90 -20.41 -10.66
CA PHE A 213 31.47 -19.30 -9.93
C PHE A 213 31.91 -18.19 -10.87
N ALA A 214 31.87 -16.97 -10.39
CA ALA A 214 32.25 -15.83 -11.23
C ALA A 214 33.41 -15.01 -10.65
N PRO A 215 34.59 -15.62 -10.53
CA PRO A 215 35.74 -14.87 -10.00
C PRO A 215 36.06 -13.79 -11.03
N ASN A 216 36.49 -12.63 -10.57
CA ASN A 216 36.79 -11.54 -11.51
C ASN A 216 38.21 -11.61 -12.09
N ILE A 217 38.52 -12.72 -12.75
CA ILE A 217 39.83 -12.88 -13.36
C ILE A 217 39.71 -12.59 -14.84
N LEU A 218 40.80 -12.19 -15.47
CA LEU A 218 40.77 -11.93 -16.90
C LEU A 218 41.35 -13.12 -17.67
N GLU A 219 42.30 -13.82 -17.07
CA GLU A 219 42.94 -14.93 -17.75
C GLU A 219 42.16 -16.23 -17.84
N ASN A 220 41.82 -16.60 -19.06
CA ASN A 220 41.09 -17.82 -19.31
C ASN A 220 41.88 -19.02 -18.81
N LYS A 221 43.20 -18.93 -18.94
CA LYS A 221 44.08 -20.01 -18.49
C LYS A 221 43.94 -20.24 -17.00
N GLU A 222 43.78 -19.16 -16.23
CA GLU A 222 43.63 -19.27 -14.78
C GLU A 222 42.34 -20.03 -14.48
N GLY A 223 41.31 -19.81 -15.28
CA GLY A 223 40.07 -20.55 -15.06
C GLY A 223 40.38 -22.04 -15.17
N LEU A 224 41.15 -22.42 -16.17
CA LEU A 224 41.52 -23.82 -16.37
C LEU A 224 42.37 -24.34 -15.21
N GLU A 225 43.28 -23.51 -14.71
CA GLU A 225 44.15 -23.87 -13.60
C GLU A 225 43.29 -24.08 -12.35
N LEU A 226 42.26 -23.25 -12.17
CA LEU A 226 41.38 -23.40 -11.01
C LEU A 226 40.66 -24.74 -11.09
N LEU A 227 40.15 -25.08 -12.27
CA LEU A 227 39.48 -26.37 -12.43
C LEU A 227 40.43 -27.51 -12.07
N LYS A 228 41.63 -27.48 -12.65
CA LYS A 228 42.65 -28.50 -12.40
C LYS A 228 42.93 -28.66 -10.91
N THR A 229 43.02 -27.53 -10.20
CA THR A 229 43.29 -27.57 -8.77
C THR A 229 42.12 -28.21 -8.02
N ALA A 230 40.88 -27.80 -8.35
CA ALA A 230 39.71 -28.33 -7.68
C ALA A 230 39.54 -29.81 -7.94
N ILE A 231 39.80 -30.23 -9.18
CA ILE A 231 39.68 -31.62 -9.53
C ILE A 231 40.67 -32.42 -8.68
N GLY A 232 41.88 -31.88 -8.53
CA GLY A 232 42.91 -32.56 -7.76
C GLY A 232 42.54 -32.62 -6.29
N LYS A 233 42.06 -31.51 -5.76
CA LYS A 233 41.67 -31.44 -4.37
C LYS A 233 40.55 -32.45 -4.07
N ALA A 234 39.60 -32.59 -5.00
CA ALA A 234 38.52 -33.54 -4.82
C ALA A 234 38.99 -34.98 -5.06
N GLY A 235 40.21 -35.13 -5.59
CA GLY A 235 40.78 -36.45 -5.84
C GLY A 235 40.28 -37.23 -7.06
N TYR A 236 39.82 -36.54 -8.11
CA TYR A 236 39.29 -37.22 -9.29
C TYR A 236 40.08 -36.89 -10.56
N THR A 237 41.36 -36.57 -10.41
CA THR A 237 42.20 -36.22 -11.54
C THR A 237 42.16 -37.27 -12.65
N ASP A 238 42.07 -38.54 -12.28
CA ASP A 238 42.06 -39.60 -13.29
C ASP A 238 40.70 -39.90 -13.88
N LYS A 239 39.65 -39.23 -13.40
CA LYS A 239 38.30 -39.48 -13.93
C LYS A 239 37.64 -38.27 -14.59
N VAL A 240 38.31 -37.12 -14.58
CA VAL A 240 37.70 -35.92 -15.16
C VAL A 240 38.52 -35.26 -16.27
N VAL A 241 37.83 -34.89 -17.35
CA VAL A 241 38.46 -34.16 -18.45
C VAL A 241 37.71 -32.84 -18.52
N ILE A 242 38.25 -31.90 -19.28
CA ILE A 242 37.67 -30.57 -19.38
C ILE A 242 37.12 -30.20 -20.75
N GLY A 243 36.04 -29.41 -20.71
CA GLY A 243 35.41 -28.93 -21.92
C GLY A 243 35.26 -27.42 -21.80
N MET A 244 35.17 -26.73 -22.92
CA MET A 244 35.03 -25.28 -22.90
C MET A 244 34.05 -24.80 -23.95
N ASP A 245 33.37 -23.70 -23.64
CA ASP A 245 32.51 -23.04 -24.61
C ASP A 245 33.07 -21.62 -24.64
N VAL A 246 33.77 -21.30 -25.70
CA VAL A 246 34.38 -19.98 -25.86
C VAL A 246 33.33 -18.92 -26.22
N ALA A 247 32.32 -19.32 -27.00
CA ALA A 247 31.27 -18.40 -27.46
C ALA A 247 31.97 -17.22 -28.13
N ALA A 248 32.86 -17.56 -29.06
CA ALA A 248 33.67 -16.58 -29.79
C ALA A 248 32.88 -15.55 -30.60
N SER A 249 31.66 -15.88 -30.99
CA SER A 249 30.86 -14.91 -31.75
C SER A 249 30.54 -13.69 -30.88
N GLU A 250 30.60 -13.88 -29.57
CA GLU A 250 30.32 -12.81 -28.62
C GLU A 250 31.43 -11.75 -28.59
N PHE A 251 32.66 -12.15 -28.86
CA PHE A 251 33.74 -11.17 -28.83
C PHE A 251 34.44 -10.99 -30.18
N PHE A 252 33.78 -11.46 -31.23
CA PHE A 252 34.28 -11.31 -32.57
C PHE A 252 34.24 -9.81 -32.86
N ARG A 253 35.34 -9.28 -33.39
CA ARG A 253 35.42 -7.87 -33.71
C ARG A 253 35.91 -7.63 -35.13
N SER A 254 34.97 -7.72 -36.06
CA SER A 254 35.21 -7.51 -37.48
C SER A 254 36.41 -8.25 -38.06
N GLY A 255 36.59 -9.51 -37.67
CA GLY A 255 37.69 -10.30 -38.18
C GLY A 255 38.67 -10.74 -37.11
N LYS A 256 38.80 -9.94 -36.05
CA LYS A 256 39.68 -10.27 -34.96
C LYS A 256 38.83 -10.63 -33.75
N TYR A 257 39.49 -10.96 -32.63
CA TYR A 257 38.79 -11.38 -31.42
C TYR A 257 39.28 -10.63 -30.18
N ASP A 258 38.34 -10.13 -29.39
CA ASP A 258 38.64 -9.36 -28.19
C ASP A 258 38.47 -10.15 -26.88
N LEU A 259 39.56 -10.70 -26.38
CA LEU A 259 39.48 -11.47 -25.13
C LEU A 259 39.35 -10.60 -23.88
N ASP A 260 39.05 -9.31 -24.05
CA ASP A 260 38.84 -8.44 -22.90
C ASP A 260 37.67 -7.54 -23.30
N PHE A 261 36.70 -8.15 -24.00
CA PHE A 261 35.54 -7.41 -24.51
C PHE A 261 34.62 -6.81 -23.48
N LYS A 262 34.79 -7.16 -22.20
CA LYS A 262 33.93 -6.58 -21.18
C LYS A 262 34.55 -5.33 -20.54
N SER A 263 35.70 -4.92 -21.06
CA SER A 263 36.38 -3.71 -20.62
C SER A 263 36.16 -2.70 -21.76
N PRO A 264 36.22 -1.39 -21.47
CA PRO A 264 36.02 -0.39 -22.52
C PRO A 264 36.83 -0.73 -23.77
N ASP A 265 36.15 -0.70 -24.92
CA ASP A 265 36.78 -1.06 -26.18
C ASP A 265 38.13 -0.44 -26.50
N ASP A 266 39.05 -1.28 -26.97
CA ASP A 266 40.38 -0.82 -27.35
C ASP A 266 40.93 -1.82 -28.37
N PRO A 267 40.92 -1.44 -29.66
CA PRO A 267 41.39 -2.28 -30.77
C PRO A 267 42.83 -2.75 -30.66
N SER A 268 43.63 -2.10 -29.83
CA SER A 268 45.02 -2.50 -29.71
C SER A 268 45.20 -3.90 -29.13
N ARG A 269 44.22 -4.39 -28.40
CA ARG A 269 44.33 -5.73 -27.80
C ARG A 269 43.66 -6.85 -28.62
N TYR A 270 42.97 -6.52 -29.71
CA TYR A 270 42.30 -7.58 -30.49
C TYR A 270 43.35 -8.54 -31.05
N ILE A 271 43.03 -9.83 -31.12
CA ILE A 271 43.96 -10.81 -31.69
C ILE A 271 43.36 -11.50 -32.92
N SER A 272 44.23 -12.04 -33.75
CA SER A 272 43.84 -12.72 -34.98
C SER A 272 43.33 -14.12 -34.67
N PRO A 273 42.61 -14.73 -35.62
CA PRO A 273 42.16 -16.08 -35.29
C PRO A 273 43.35 -17.06 -35.13
N ASP A 274 44.48 -16.77 -35.77
CA ASP A 274 45.66 -17.64 -35.65
C ASP A 274 46.18 -17.55 -34.21
N GLN A 275 46.22 -16.34 -33.69
CA GLN A 275 46.66 -16.12 -32.31
C GLN A 275 45.70 -16.80 -31.34
N LEU A 276 44.41 -16.77 -31.66
CA LEU A 276 43.41 -17.37 -30.80
C LEU A 276 43.58 -18.89 -30.80
N ALA A 277 43.86 -19.45 -31.98
CA ALA A 277 44.09 -20.88 -32.14
C ALA A 277 45.33 -21.29 -31.33
N ASP A 278 46.39 -20.47 -31.40
CA ASP A 278 47.60 -20.75 -30.63
C ASP A 278 47.25 -20.82 -29.15
N LEU A 279 46.31 -20.01 -28.69
CA LEU A 279 45.92 -20.08 -27.30
C LEU A 279 45.23 -21.41 -27.03
N TYR A 280 44.31 -21.82 -27.90
CA TYR A 280 43.66 -23.11 -27.67
C TYR A 280 44.71 -24.24 -27.64
N LYS A 281 45.68 -24.18 -28.55
CA LYS A 281 46.71 -25.22 -28.60
C LYS A 281 47.47 -25.35 -27.29
N SER A 282 47.74 -24.23 -26.63
CA SER A 282 48.44 -24.26 -25.34
C SER A 282 47.53 -24.83 -24.24
N PHE A 283 46.22 -24.60 -24.37
CA PHE A 283 45.27 -25.12 -23.37
C PHE A 283 45.26 -26.64 -23.46
N ILE A 284 45.17 -27.13 -24.69
CA ILE A 284 45.12 -28.56 -24.96
C ILE A 284 46.41 -29.22 -24.50
N LYS A 285 47.50 -28.47 -24.56
CA LYS A 285 48.80 -28.97 -24.16
C LYS A 285 48.95 -29.10 -22.64
N ASP A 286 48.49 -28.09 -21.91
CA ASP A 286 48.66 -28.06 -20.47
C ASP A 286 47.54 -28.62 -19.61
N TYR A 287 46.39 -28.88 -20.19
CA TYR A 287 45.27 -29.34 -19.40
C TYR A 287 44.54 -30.38 -20.17
N PRO A 288 43.76 -31.24 -19.48
CA PRO A 288 43.00 -32.30 -20.16
C PRO A 288 41.74 -31.78 -20.83
N VAL A 289 41.91 -30.80 -21.72
CA VAL A 289 40.80 -30.21 -22.47
C VAL A 289 40.54 -31.12 -23.67
N VAL A 290 39.35 -31.72 -23.71
CA VAL A 290 39.01 -32.63 -24.80
C VAL A 290 37.92 -32.07 -25.71
N SER A 291 37.37 -30.92 -25.34
CA SER A 291 36.30 -30.34 -26.13
C SER A 291 36.25 -28.82 -26.06
N ILE A 292 36.12 -28.20 -27.22
CA ILE A 292 36.02 -26.75 -27.30
C ILE A 292 34.87 -26.41 -28.22
N GLU A 293 33.94 -25.61 -27.69
CA GLU A 293 32.76 -25.17 -28.44
C GLU A 293 32.94 -23.73 -28.92
N ASP A 294 32.43 -23.46 -30.12
CA ASP A 294 32.55 -22.13 -30.73
C ASP A 294 33.90 -21.44 -30.55
N PRO A 295 34.98 -22.09 -31.00
CA PRO A 295 36.33 -21.50 -30.90
C PRO A 295 36.46 -20.22 -31.74
N PHE A 296 35.64 -20.08 -32.78
CA PHE A 296 35.67 -18.87 -33.62
C PHE A 296 34.26 -18.38 -33.95
N ASP A 297 34.17 -17.25 -34.66
CA ASP A 297 32.88 -16.68 -35.00
C ASP A 297 31.98 -17.60 -35.83
N GLN A 298 30.68 -17.46 -35.63
CA GLN A 298 29.66 -18.25 -36.33
C GLN A 298 29.79 -18.27 -37.87
N ASP A 299 30.52 -17.33 -38.44
CA ASP A 299 30.74 -17.35 -39.89
C ASP A 299 32.19 -17.17 -40.29
N ASP A 300 33.11 -17.43 -39.36
CA ASP A 300 34.54 -17.33 -39.66
C ASP A 300 34.89 -18.77 -40.10
N TRP A 301 34.25 -19.23 -41.18
CA TRP A 301 34.44 -20.60 -41.64
C TRP A 301 35.87 -21.09 -41.86
N GLY A 302 36.73 -20.23 -42.40
CA GLY A 302 38.11 -20.61 -42.63
C GLY A 302 38.86 -21.00 -41.36
N ALA A 303 38.72 -20.19 -40.30
CA ALA A 303 39.40 -20.50 -39.03
C ALA A 303 38.93 -21.83 -38.46
N TRP A 304 37.62 -22.10 -38.52
CA TRP A 304 37.09 -23.38 -38.02
C TRP A 304 37.73 -24.59 -38.72
N GLN A 305 37.66 -24.62 -40.05
CA GLN A 305 38.23 -25.72 -40.82
C GLN A 305 39.69 -25.99 -40.45
N LYS A 306 40.48 -24.93 -40.48
CA LYS A 306 41.90 -24.98 -40.20
C LYS A 306 42.24 -25.52 -38.80
N PHE A 307 41.47 -25.11 -37.80
CA PHE A 307 41.72 -25.54 -36.43
C PHE A 307 41.32 -27.00 -36.23
N THR A 308 40.13 -27.34 -36.70
CA THR A 308 39.65 -28.70 -36.53
C THR A 308 40.56 -29.71 -37.23
N ALA A 309 41.08 -29.34 -38.40
CA ALA A 309 41.95 -30.25 -39.13
C ALA A 309 43.21 -30.63 -38.34
N SER A 310 43.69 -29.74 -37.48
CA SER A 310 44.91 -30.05 -36.72
C SER A 310 44.73 -30.29 -35.24
N ALA A 311 43.48 -30.25 -34.76
CA ALA A 311 43.20 -30.35 -33.32
C ALA A 311 43.35 -31.65 -32.51
N GLY A 312 42.79 -32.74 -33.00
CA GLY A 312 42.87 -33.98 -32.23
C GLY A 312 41.78 -34.13 -31.19
N ILE A 313 41.00 -33.09 -30.95
CA ILE A 313 39.95 -33.19 -29.94
C ILE A 313 38.54 -32.94 -30.49
N GLN A 314 37.54 -32.89 -29.61
CA GLN A 314 36.18 -32.62 -30.06
C GLN A 314 36.04 -31.10 -30.25
N VAL A 315 35.46 -30.70 -31.37
CA VAL A 315 35.25 -29.27 -31.69
C VAL A 315 33.74 -29.17 -31.91
N VAL A 316 33.08 -28.39 -31.07
CA VAL A 316 31.63 -28.28 -31.13
C VAL A 316 31.07 -27.04 -31.80
N GLY A 317 30.16 -27.24 -32.75
CA GLY A 317 29.54 -26.11 -33.39
C GLY A 317 28.27 -25.79 -32.61
N ASP A 318 28.07 -24.51 -32.28
CA ASP A 318 26.87 -24.10 -31.56
C ASP A 318 26.28 -22.94 -32.39
N ASP A 319 26.82 -21.74 -32.26
CA ASP A 319 26.31 -20.63 -33.08
C ASP A 319 26.64 -20.87 -34.56
N LEU A 320 27.64 -21.72 -34.81
CA LEU A 320 28.01 -22.05 -36.19
C LEU A 320 26.88 -22.81 -36.87
N THR A 321 26.34 -23.78 -36.16
CA THR A 321 25.34 -24.67 -36.73
C THR A 321 23.89 -24.42 -36.34
N VAL A 322 23.69 -23.68 -35.27
CA VAL A 322 22.36 -23.36 -34.72
C VAL A 322 21.29 -24.46 -34.90
N THR A 323 21.69 -25.69 -34.57
CA THR A 323 20.80 -26.86 -34.64
C THR A 323 19.98 -26.85 -35.94
N ASN A 324 20.59 -26.34 -37.01
CA ASN A 324 19.96 -26.20 -38.31
C ASN A 324 20.56 -27.14 -39.36
N PRO A 325 19.76 -28.09 -39.86
CA PRO A 325 20.22 -29.05 -40.88
C PRO A 325 21.02 -28.43 -42.02
N LYS A 326 20.59 -27.27 -42.51
CA LYS A 326 21.32 -26.62 -43.62
C LYS A 326 22.71 -26.15 -43.23
N ARG A 327 22.84 -25.57 -42.04
CA ARG A 327 24.14 -25.07 -41.56
C ARG A 327 25.01 -26.26 -41.22
N ILE A 328 24.39 -27.28 -40.64
CA ILE A 328 25.13 -28.48 -40.26
C ILE A 328 25.74 -29.11 -41.51
N ALA A 329 24.93 -29.28 -42.56
CA ALA A 329 25.38 -29.89 -43.82
C ALA A 329 26.59 -29.15 -44.37
N LYS A 330 26.56 -27.83 -44.32
CA LYS A 330 27.69 -27.07 -44.81
C LYS A 330 28.90 -27.35 -43.92
N ALA A 331 28.67 -27.46 -42.61
CA ALA A 331 29.77 -27.71 -41.69
C ALA A 331 30.33 -29.12 -41.90
N VAL A 332 29.48 -30.10 -42.20
CA VAL A 332 29.99 -31.45 -42.42
C VAL A 332 30.86 -31.48 -43.67
N ASN A 333 30.40 -30.87 -44.76
CA ASN A 333 31.14 -30.81 -46.01
C ASN A 333 32.48 -30.08 -45.85
N GLU A 334 32.51 -29.00 -45.08
CA GLU A 334 33.76 -28.27 -44.87
C GLU A 334 34.61 -28.82 -43.73
N LYS A 335 34.07 -29.80 -43.01
CA LYS A 335 34.78 -30.36 -41.85
C LYS A 335 35.11 -29.21 -40.90
N SER A 336 34.13 -28.34 -40.67
CA SER A 336 34.30 -27.17 -39.78
C SER A 336 34.47 -27.57 -38.31
N CYS A 337 33.85 -28.67 -37.94
CA CYS A 337 33.87 -29.16 -36.57
C CYS A 337 33.50 -30.63 -36.59
N ASN A 338 33.41 -31.27 -35.42
CA ASN A 338 33.06 -32.69 -35.38
C ASN A 338 32.04 -33.02 -34.30
N CYS A 339 31.36 -32.00 -33.79
CA CYS A 339 30.32 -32.22 -32.79
C CYS A 339 29.28 -31.13 -32.88
N LEU A 340 28.01 -31.52 -32.74
CA LEU A 340 26.88 -30.60 -32.79
C LEU A 340 26.32 -30.29 -31.41
N LEU A 341 26.18 -29.01 -31.07
CA LEU A 341 25.54 -28.67 -29.79
C LEU A 341 24.05 -28.62 -30.18
N LEU A 342 23.24 -29.44 -29.53
CA LEU A 342 21.81 -29.51 -29.87
C LEU A 342 20.93 -28.69 -28.92
N LYS A 343 20.42 -27.57 -29.44
CA LYS A 343 19.55 -26.68 -28.67
C LYS A 343 18.23 -26.61 -29.43
N VAL A 344 17.20 -27.27 -28.88
CA VAL A 344 15.89 -27.30 -29.53
C VAL A 344 15.32 -25.94 -29.93
N ASN A 345 15.60 -24.88 -29.16
CA ASN A 345 15.04 -23.58 -29.51
C ASN A 345 15.84 -22.78 -30.55
N GLN A 346 16.93 -23.35 -31.04
CA GLN A 346 17.72 -22.70 -32.09
C GLN A 346 17.05 -22.99 -33.45
N ILE A 347 16.25 -24.05 -33.51
CA ILE A 347 15.56 -24.39 -34.77
C ILE A 347 14.03 -24.32 -34.59
N GLY A 348 13.56 -24.59 -33.38
CA GLY A 348 12.13 -24.41 -33.12
C GLY A 348 11.14 -25.57 -33.03
N SER A 349 11.60 -26.80 -33.26
CA SER A 349 10.69 -27.91 -33.16
C SER A 349 11.40 -29.19 -32.76
N VAL A 350 10.65 -30.09 -32.16
CA VAL A 350 11.18 -31.38 -31.75
C VAL A 350 11.63 -32.15 -33.00
N THR A 351 10.78 -32.18 -34.03
CA THR A 351 11.13 -32.92 -35.25
C THR A 351 12.41 -32.45 -35.91
N GLU A 352 12.58 -31.15 -36.08
CA GLU A 352 13.79 -30.63 -36.71
C GLU A 352 15.04 -30.90 -35.86
N SER A 353 14.88 -30.81 -34.54
CA SER A 353 15.99 -31.07 -33.64
C SER A 353 16.45 -32.52 -33.82
N LEU A 354 15.50 -33.43 -33.94
CA LEU A 354 15.85 -34.84 -34.12
C LEU A 354 16.50 -35.03 -35.49
N GLN A 355 16.06 -34.28 -36.49
CA GLN A 355 16.66 -34.39 -37.82
C GLN A 355 18.08 -33.85 -37.79
N ALA A 356 18.32 -32.77 -37.02
CA ALA A 356 19.66 -32.21 -36.92
C ALA A 356 20.59 -33.21 -36.26
N CYS A 357 20.09 -33.87 -35.22
CA CYS A 357 20.87 -34.86 -34.49
C CYS A 357 21.26 -36.05 -35.37
N LYS A 358 20.28 -36.60 -36.08
CA LYS A 358 20.54 -37.75 -36.94
C LYS A 358 21.47 -37.39 -38.08
N LEU A 359 21.39 -36.15 -38.54
CA LEU A 359 22.24 -35.71 -39.63
C LEU A 359 23.69 -35.69 -39.16
N ALA A 360 23.90 -35.15 -37.96
CA ALA A 360 25.23 -35.07 -37.38
C ALA A 360 25.79 -36.46 -37.16
N GLN A 361 24.98 -37.32 -36.54
CA GLN A 361 25.40 -38.68 -36.27
C GLN A 361 25.70 -39.49 -37.54
N ALA A 362 24.85 -39.36 -38.56
CA ALA A 362 25.07 -40.10 -39.81
C ALA A 362 26.40 -39.71 -40.42
N ASN A 363 26.90 -38.54 -40.05
CA ASN A 363 28.18 -38.06 -40.58
C ASN A 363 29.30 -38.31 -39.58
N GLY A 364 29.02 -39.11 -38.56
CA GLY A 364 30.05 -39.43 -37.58
C GLY A 364 30.39 -38.37 -36.55
N TRP A 365 29.61 -37.29 -36.50
CA TRP A 365 29.85 -36.23 -35.53
C TRP A 365 29.31 -36.67 -34.17
N GLY A 366 29.81 -36.07 -33.10
CA GLY A 366 29.27 -36.35 -31.80
C GLY A 366 28.15 -35.32 -31.67
N VAL A 367 27.31 -35.45 -30.64
CA VAL A 367 26.22 -34.50 -30.42
C VAL A 367 26.13 -34.26 -28.92
N MET A 368 26.12 -32.99 -28.52
CA MET A 368 26.00 -32.69 -27.08
C MET A 368 24.69 -31.95 -26.89
N VAL A 369 23.75 -32.56 -26.18
CA VAL A 369 22.48 -31.90 -25.93
C VAL A 369 22.75 -30.76 -24.95
N SER A 370 22.02 -29.66 -25.11
CA SER A 370 22.25 -28.50 -24.27
C SER A 370 21.01 -27.72 -23.87
N HIS A 371 21.15 -27.00 -22.75
CA HIS A 371 20.14 -26.10 -22.19
C HIS A 371 20.47 -24.73 -22.80
N ARG A 372 19.81 -23.67 -22.34
CA ARG A 372 20.14 -22.30 -22.74
C ARG A 372 20.53 -21.64 -21.42
N SER A 373 21.25 -20.53 -21.46
CA SER A 373 21.65 -19.84 -20.23
C SER A 373 20.40 -19.35 -19.50
N GLY A 374 19.33 -19.20 -20.25
CA GLY A 374 18.05 -18.78 -19.69
C GLY A 374 17.19 -20.03 -19.67
N GLU A 375 17.06 -20.68 -18.52
CA GLU A 375 16.29 -21.90 -18.43
C GLU A 375 15.02 -21.75 -17.59
N THR A 376 14.32 -22.88 -17.42
CA THR A 376 13.11 -22.95 -16.62
C THR A 376 13.15 -24.29 -15.89
N GLU A 377 12.08 -24.58 -15.13
CA GLU A 377 11.97 -25.83 -14.38
C GLU A 377 11.65 -27.05 -15.27
N ASP A 378 11.53 -26.81 -16.58
CA ASP A 378 11.25 -27.86 -17.56
C ASP A 378 12.45 -28.81 -17.65
N THR A 379 12.21 -30.11 -17.79
CA THR A 379 13.32 -31.06 -17.83
C THR A 379 13.38 -31.91 -19.10
N PHE A 380 12.67 -31.48 -20.13
CA PHE A 380 12.62 -32.20 -21.39
C PHE A 380 14.00 -32.66 -21.92
N ILE A 381 15.01 -31.77 -21.93
CA ILE A 381 16.30 -32.18 -22.47
C ILE A 381 16.93 -33.37 -21.78
N ALA A 382 16.55 -33.62 -20.52
CA ALA A 382 17.10 -34.78 -19.82
C ALA A 382 16.65 -36.07 -20.54
N ASP A 383 15.37 -36.17 -20.85
CA ASP A 383 14.88 -37.35 -21.56
C ASP A 383 15.41 -37.34 -23.00
N LEU A 384 15.49 -36.15 -23.58
CA LEU A 384 15.98 -35.98 -24.93
C LEU A 384 17.37 -36.59 -25.14
N VAL A 385 18.33 -36.23 -24.29
CA VAL A 385 19.67 -36.76 -24.49
C VAL A 385 19.75 -38.28 -24.29
N VAL A 386 18.95 -38.81 -23.38
CA VAL A 386 18.94 -40.25 -23.16
C VAL A 386 18.35 -40.97 -24.39
N GLY A 387 17.19 -40.49 -24.86
CA GLY A 387 16.55 -41.10 -26.02
C GLY A 387 17.33 -40.98 -27.33
N LEU A 388 18.12 -39.92 -27.46
CA LEU A 388 18.91 -39.70 -28.66
C LEU A 388 20.25 -40.40 -28.57
N CYS A 389 20.56 -40.99 -27.41
CA CYS A 389 21.82 -41.71 -27.18
C CYS A 389 23.10 -40.95 -27.54
N THR A 390 23.15 -39.64 -27.38
CA THR A 390 24.36 -38.90 -27.77
C THR A 390 25.53 -39.10 -26.80
N GLY A 391 25.24 -39.41 -25.54
CA GLY A 391 26.29 -39.64 -24.57
C GLY A 391 26.84 -38.42 -23.86
N GLN A 392 26.36 -37.23 -24.23
CA GLN A 392 26.84 -36.03 -23.58
C GLN A 392 25.81 -34.92 -23.50
N ILE A 393 25.77 -34.25 -22.36
CA ILE A 393 24.82 -33.17 -22.14
C ILE A 393 25.43 -32.10 -21.27
N LYS A 394 25.18 -30.84 -21.62
CA LYS A 394 25.63 -29.76 -20.76
C LYS A 394 24.34 -29.06 -20.33
N THR A 395 24.11 -29.00 -19.03
CA THR A 395 22.90 -28.33 -18.58
C THR A 395 23.13 -27.60 -17.26
N GLY A 396 24.34 -27.07 -17.14
CA GLY A 396 24.71 -26.28 -15.99
C GLY A 396 25.68 -26.84 -14.97
N ALA A 397 26.11 -25.94 -14.09
CA ALA A 397 26.97 -26.28 -12.99
C ALA A 397 25.97 -27.00 -12.07
N PRO A 398 26.46 -27.69 -11.05
CA PRO A 398 25.48 -28.34 -10.16
C PRO A 398 24.99 -27.30 -9.15
N CYS A 399 24.46 -26.19 -9.66
CA CYS A 399 23.97 -25.09 -8.83
C CYS A 399 22.85 -24.36 -9.61
N ARG A 400 21.78 -23.96 -8.90
CA ARG A 400 20.59 -23.31 -9.47
C ARG A 400 19.69 -24.43 -10.00
N SER A 401 18.48 -24.54 -9.45
CA SER A 401 17.60 -25.63 -9.86
C SER A 401 17.15 -25.71 -11.32
N GLU A 402 17.30 -24.65 -12.11
CA GLU A 402 16.90 -24.79 -13.50
C GLU A 402 17.92 -25.74 -14.14
N ARG A 403 19.03 -25.97 -13.44
CA ARG A 403 20.08 -26.88 -13.90
C ARG A 403 19.89 -28.23 -13.22
N LEU A 404 19.74 -28.21 -11.88
CA LEU A 404 19.57 -29.46 -11.14
C LEU A 404 18.28 -30.20 -11.50
N ALA A 405 17.26 -29.50 -11.98
CA ALA A 405 16.04 -30.20 -12.34
C ALA A 405 16.36 -31.23 -13.44
N LYS A 406 17.29 -30.89 -14.33
CA LYS A 406 17.69 -31.79 -15.43
C LYS A 406 18.55 -32.92 -14.88
N TYR A 407 19.55 -32.58 -14.06
CA TYR A 407 20.43 -33.61 -13.48
C TYR A 407 19.63 -34.56 -12.59
N ASN A 408 18.69 -34.00 -11.83
CA ASN A 408 17.84 -34.83 -10.96
C ASN A 408 17.01 -35.78 -11.81
N GLN A 409 16.47 -35.28 -12.92
CA GLN A 409 15.65 -36.13 -13.79
C GLN A 409 16.52 -37.25 -14.37
N LEU A 410 17.76 -36.93 -14.77
CA LEU A 410 18.66 -37.97 -15.29
C LEU A 410 18.90 -39.03 -14.20
N LEU A 411 19.00 -38.61 -12.94
CA LEU A 411 19.18 -39.58 -11.85
C LEU A 411 17.94 -40.46 -11.79
N ARG A 412 16.77 -39.87 -11.97
CA ARG A 412 15.54 -40.65 -11.96
C ARG A 412 15.48 -41.63 -13.13
N ILE A 413 15.95 -41.20 -14.30
CA ILE A 413 15.94 -42.06 -15.48
C ILE A 413 16.89 -43.26 -15.29
N GLU A 414 18.07 -43.00 -14.71
CA GLU A 414 19.01 -44.06 -14.47
C GLU A 414 18.38 -45.08 -13.51
N GLU A 415 17.81 -44.59 -12.42
CA GLU A 415 17.15 -45.46 -11.44
C GLU A 415 16.07 -46.31 -12.12
N GLU A 416 15.24 -45.69 -12.95
CA GLU A 416 14.18 -46.42 -13.63
C GLU A 416 14.75 -47.47 -14.60
N LEU A 417 15.89 -47.16 -15.22
CA LEU A 417 16.49 -48.12 -16.14
C LEU A 417 17.07 -49.33 -15.40
N GLY A 418 17.32 -49.16 -14.10
CA GLY A 418 17.83 -50.25 -13.30
C GLY A 418 19.23 -50.77 -13.61
N SER A 419 19.42 -52.05 -13.34
CA SER A 419 20.70 -52.73 -13.53
C SER A 419 21.21 -52.70 -14.99
N LYS A 420 20.28 -52.65 -15.94
CA LYS A 420 20.69 -52.62 -17.35
C LYS A 420 21.08 -51.22 -17.87
N ALA A 421 20.98 -50.20 -17.02
CA ALA A 421 21.31 -48.83 -17.41
C ALA A 421 22.74 -48.72 -17.93
N LYS A 422 22.90 -48.15 -19.11
CA LYS A 422 24.23 -47.97 -19.69
C LYS A 422 24.65 -46.51 -19.54
N PHE A 423 25.94 -46.30 -19.34
CA PHE A 423 26.53 -44.96 -19.17
C PHE A 423 27.64 -44.74 -20.19
N ALA A 424 27.58 -43.63 -20.92
CA ALA A 424 28.56 -43.32 -21.96
C ALA A 424 30.02 -43.38 -21.50
N GLY A 425 30.31 -42.76 -20.35
CA GLY A 425 31.66 -42.78 -19.85
C GLY A 425 32.69 -42.33 -20.86
N ARG A 426 33.76 -43.10 -21.00
CA ARG A 426 34.84 -42.74 -21.92
C ARG A 426 34.45 -42.75 -23.38
N ASN A 427 33.28 -43.32 -23.70
CA ASN A 427 32.81 -43.35 -25.08
C ASN A 427 31.81 -42.22 -25.35
N PHE A 428 31.89 -41.15 -24.57
CA PHE A 428 30.95 -40.03 -24.72
C PHE A 428 30.93 -39.40 -26.10
N ARG A 429 32.08 -39.35 -26.78
CA ARG A 429 32.10 -38.73 -28.11
C ARG A 429 31.19 -39.45 -29.07
N ASN A 430 31.05 -40.76 -28.91
CA ASN A 430 30.15 -41.52 -29.76
C ASN A 430 29.84 -42.85 -29.11
N PRO A 431 28.90 -42.85 -28.16
CA PRO A 431 28.50 -44.06 -27.42
C PRO A 431 28.02 -45.22 -28.28
N LEU A 432 28.06 -45.04 -29.58
CA LEU A 432 27.65 -46.08 -30.52
C LEU A 432 28.85 -46.98 -30.86
N ALA A 433 29.32 -46.92 -32.10
CA ALA A 433 30.47 -47.71 -32.55
C ALA A 433 30.22 -49.22 -32.53
N SER B 2 -4.79 -46.37 1.43
CA SER B 2 -4.75 -45.95 0.00
C SER B 2 -3.32 -45.72 -0.47
N ILE B 3 -2.37 -45.58 0.45
CA ILE B 3 -0.95 -45.40 0.08
C ILE B 3 -0.46 -46.77 -0.37
N LEU B 4 -0.08 -46.91 -1.64
CA LEU B 4 0.35 -48.20 -2.17
C LEU B 4 1.85 -48.43 -2.08
N LYS B 5 2.63 -47.36 -2.26
CA LYS B 5 4.07 -47.46 -2.25
C LYS B 5 4.70 -46.10 -1.97
N ILE B 6 5.84 -46.13 -1.28
CA ILE B 6 6.60 -44.93 -1.00
C ILE B 6 8.04 -45.29 -1.26
N HIS B 7 8.72 -44.45 -2.02
CA HIS B 7 10.12 -44.69 -2.33
C HIS B 7 10.87 -43.37 -2.36
N ALA B 8 11.93 -43.29 -1.56
CA ALA B 8 12.72 -42.09 -1.47
C ALA B 8 14.08 -42.20 -2.17
N ARG B 9 14.61 -41.05 -2.54
CA ARG B 9 15.90 -40.98 -3.19
C ARG B 9 16.63 -39.69 -2.86
N GLU B 10 17.93 -39.69 -3.11
CA GLU B 10 18.77 -38.54 -2.89
C GLU B 10 18.79 -37.77 -4.22
N ILE B 11 18.57 -36.46 -4.17
CA ILE B 11 18.65 -35.61 -5.37
C ILE B 11 19.46 -34.41 -4.90
N PHE B 12 19.56 -33.39 -5.75
CA PHE B 12 20.33 -32.21 -5.40
C PHE B 12 19.50 -30.94 -5.29
N ASP B 13 19.82 -30.10 -4.32
CA ASP B 13 19.13 -28.83 -4.13
C ASP B 13 19.82 -27.73 -4.95
N SER B 14 19.36 -26.49 -4.80
CA SER B 14 19.90 -25.38 -5.60
C SER B 14 21.35 -24.98 -5.33
N ARG B 15 21.96 -25.50 -4.27
CA ARG B 15 23.36 -25.20 -3.98
C ARG B 15 24.22 -26.40 -4.37
N GLY B 16 23.58 -27.42 -4.93
CA GLY B 16 24.30 -28.61 -5.34
C GLY B 16 24.58 -29.56 -4.19
N ASN B 17 23.82 -29.43 -3.11
CA ASN B 17 23.95 -30.31 -1.97
C ASN B 17 22.81 -31.33 -2.00
N PRO B 18 23.08 -32.55 -1.58
CA PRO B 18 22.04 -33.57 -1.57
C PRO B 18 20.84 -33.23 -0.68
N THR B 19 19.68 -33.73 -1.04
CA THR B 19 18.50 -33.55 -0.23
C THR B 19 17.55 -34.68 -0.55
N VAL B 20 16.52 -34.80 0.27
CA VAL B 20 15.54 -35.85 0.15
C VAL B 20 14.41 -35.61 -0.83
N GLU B 21 14.08 -36.63 -1.61
CA GLU B 21 12.94 -36.57 -2.54
C GLU B 21 12.12 -37.83 -2.29
N VAL B 22 10.82 -37.67 -2.26
CA VAL B 22 9.92 -38.79 -2.00
C VAL B 22 8.88 -39.01 -3.09
N ASP B 23 8.74 -40.25 -3.55
CA ASP B 23 7.71 -40.62 -4.53
C ASP B 23 6.67 -41.41 -3.74
N LEU B 24 5.40 -41.00 -3.84
CA LEU B 24 4.33 -41.72 -3.14
C LEU B 24 3.26 -42.12 -4.14
N PHE B 25 2.84 -43.39 -4.09
CA PHE B 25 1.85 -43.90 -5.02
C PHE B 25 0.52 -44.29 -4.39
N THR B 26 -0.55 -43.95 -5.11
CA THR B 26 -1.91 -44.31 -4.71
C THR B 26 -2.49 -44.81 -6.03
N SER B 27 -3.75 -45.22 -6.03
CA SER B 27 -4.35 -45.70 -7.27
C SER B 27 -4.49 -44.56 -8.27
N LYS B 28 -4.41 -43.32 -7.78
CA LYS B 28 -4.53 -42.16 -8.65
C LYS B 28 -3.19 -41.85 -9.33
N GLY B 29 -2.11 -42.46 -8.85
CA GLY B 29 -0.83 -42.21 -9.47
C GLY B 29 0.35 -41.91 -8.57
N LEU B 30 1.34 -41.24 -9.14
CA LEU B 30 2.56 -40.88 -8.45
C LEU B 30 2.57 -39.44 -7.96
N PHE B 31 2.95 -39.24 -6.72
CA PHE B 31 3.05 -37.92 -6.13
C PHE B 31 4.46 -37.78 -5.61
N ARG B 32 5.12 -36.70 -6.01
CA ARG B 32 6.51 -36.47 -5.67
C ARG B 32 6.75 -35.15 -4.96
N ALA B 33 7.61 -35.19 -3.95
CA ALA B 33 7.95 -33.98 -3.20
C ALA B 33 9.41 -34.04 -2.77
N ALA B 34 10.03 -32.87 -2.61
CA ALA B 34 11.42 -32.77 -2.19
C ALA B 34 11.53 -31.81 -1.00
N VAL B 35 12.59 -31.96 -0.23
CA VAL B 35 12.80 -31.16 0.96
C VAL B 35 13.87 -30.06 0.80
N PRO B 36 13.56 -28.85 1.30
CA PRO B 36 14.49 -27.71 1.24
C PRO B 36 15.50 -27.76 2.36
N SER B 37 16.50 -26.89 2.31
CA SER B 37 17.53 -26.88 3.35
C SER B 37 18.08 -25.46 3.55
N GLY B 38 18.06 -24.97 4.79
CA GLY B 38 18.57 -23.63 5.04
C GLY B 38 20.08 -23.55 5.27
N ALA B 39 20.62 -22.33 5.23
CA ALA B 39 22.04 -22.11 5.51
C ALA B 39 22.11 -21.46 6.90
N SER B 40 21.33 -20.40 7.13
CA SER B 40 21.31 -19.77 8.44
C SER B 40 20.14 -20.36 9.19
N THR B 41 20.40 -21.56 9.71
CA THR B 41 19.44 -22.38 10.44
C THR B 41 19.53 -22.14 11.95
N GLY B 42 18.41 -21.80 12.57
CA GLY B 42 18.39 -21.56 14.00
C GLY B 42 18.67 -22.85 14.76
N ILE B 43 19.28 -22.72 15.93
CA ILE B 43 19.60 -23.87 16.75
C ILE B 43 18.39 -24.69 17.22
N TYR B 44 17.19 -24.09 17.19
CA TYR B 44 15.99 -24.80 17.62
C TYR B 44 15.20 -25.49 16.54
N GLU B 45 15.72 -25.47 15.31
CA GLU B 45 15.03 -26.13 14.21
C GLU B 45 15.06 -27.65 14.39
N ALA B 46 14.02 -28.32 13.90
CA ALA B 46 13.97 -29.78 13.97
C ALA B 46 15.22 -30.24 13.19
N LEU B 47 15.76 -31.39 13.55
CA LEU B 47 16.98 -31.85 12.91
C LEU B 47 16.94 -32.22 11.44
N GLU B 48 17.81 -31.56 10.68
CA GLU B 48 17.99 -31.89 9.27
C GLU B 48 19.09 -32.93 9.40
N LEU B 49 18.80 -34.18 9.06
CA LEU B 49 19.77 -35.25 9.20
C LEU B 49 20.72 -35.41 8.01
N ARG B 50 22.02 -35.24 8.27
CA ARG B 50 23.09 -35.38 7.27
C ARG B 50 23.87 -36.64 7.62
N ASP B 51 24.53 -37.23 6.63
CA ASP B 51 25.30 -38.44 6.84
C ASP B 51 26.59 -38.20 7.60
N ASN B 52 27.17 -37.03 7.40
CA ASN B 52 28.42 -36.63 8.01
C ASN B 52 29.60 -37.54 7.64
N ASP B 53 29.57 -38.06 6.43
CA ASP B 53 30.67 -38.87 5.90
C ASP B 53 31.46 -37.85 5.09
N LYS B 54 32.50 -37.31 5.68
CA LYS B 54 33.34 -36.28 5.07
C LYS B 54 33.95 -36.62 3.71
N THR B 55 33.98 -37.90 3.34
CA THR B 55 34.52 -38.31 2.05
C THR B 55 33.42 -38.20 0.98
N ARG B 56 32.17 -38.07 1.42
CA ARG B 56 31.06 -38.01 0.47
C ARG B 56 30.27 -36.72 0.60
N TYR B 57 30.29 -35.91 -0.46
CA TYR B 57 29.57 -34.64 -0.49
C TYR B 57 29.95 -33.74 0.68
N MET B 58 31.21 -33.83 1.09
CA MET B 58 31.72 -33.01 2.19
C MET B 58 30.92 -33.27 3.47
N GLY B 59 30.38 -34.47 3.62
CA GLY B 59 29.60 -34.80 4.81
C GLY B 59 28.10 -34.50 4.70
N LYS B 60 27.67 -34.01 3.54
CA LYS B 60 26.27 -33.62 3.37
C LYS B 60 25.32 -34.58 2.67
N GLY B 61 25.71 -35.85 2.54
CA GLY B 61 24.81 -36.79 1.92
C GLY B 61 23.60 -36.95 2.82
N VAL B 62 22.50 -37.46 2.27
CA VAL B 62 21.30 -37.71 3.06
C VAL B 62 20.82 -39.13 2.83
N SER B 63 21.77 -40.04 2.56
CA SER B 63 21.36 -41.42 2.33
C SER B 63 20.75 -42.06 3.58
N LYS B 64 21.13 -41.58 4.76
CA LYS B 64 20.56 -42.14 6.00
C LYS B 64 19.10 -41.75 6.14
N ALA B 65 18.79 -40.49 5.82
CA ALA B 65 17.41 -40.00 5.90
C ALA B 65 16.56 -40.77 4.88
N VAL B 66 17.08 -40.92 3.67
CA VAL B 66 16.38 -41.63 2.61
C VAL B 66 16.13 -43.09 3.04
N GLU B 67 17.12 -43.67 3.72
CA GLU B 67 17.00 -45.04 4.19
C GLU B 67 15.92 -45.12 5.29
N HIS B 68 15.84 -44.10 6.15
CA HIS B 68 14.82 -44.10 7.21
C HIS B 68 13.42 -44.19 6.59
N ILE B 69 13.25 -43.58 5.43
CA ILE B 69 11.98 -43.61 4.74
C ILE B 69 11.78 -44.98 4.09
N ASN B 70 12.78 -45.41 3.33
CA ASN B 70 12.65 -46.69 2.63
C ASN B 70 12.59 -47.94 3.50
N LYS B 71 13.34 -47.98 4.59
CA LYS B 71 13.32 -49.17 5.44
C LYS B 71 12.39 -49.10 6.66
N THR B 72 11.90 -47.91 7.00
CA THR B 72 11.06 -47.79 8.19
C THR B 72 9.69 -47.11 8.00
N ILE B 73 9.69 -45.84 7.60
CA ILE B 73 8.45 -45.11 7.41
C ILE B 73 7.53 -45.69 6.31
N ALA B 74 8.10 -45.97 5.14
CA ALA B 74 7.32 -46.51 4.04
C ALA B 74 6.55 -47.79 4.40
N PRO B 75 7.26 -48.83 4.86
CA PRO B 75 6.50 -50.03 5.20
C PRO B 75 5.49 -49.85 6.32
N ALA B 76 5.76 -48.96 7.26
CA ALA B 76 4.80 -48.73 8.34
C ALA B 76 3.54 -48.11 7.76
N LEU B 77 3.70 -47.06 6.95
CA LEU B 77 2.55 -46.40 6.36
C LEU B 77 1.79 -47.28 5.37
N VAL B 78 2.51 -48.07 4.57
CA VAL B 78 1.87 -48.94 3.61
C VAL B 78 1.06 -50.03 4.31
N SER B 79 1.55 -50.49 5.46
CA SER B 79 0.87 -51.52 6.23
C SER B 79 -0.43 -51.01 6.85
N LYS B 80 -0.40 -49.81 7.42
CA LYS B 80 -1.57 -49.23 8.06
C LYS B 80 -2.71 -48.95 7.09
N LYS B 81 -2.42 -48.97 5.80
CA LYS B 81 -3.44 -48.69 4.79
C LYS B 81 -4.18 -47.39 5.13
N LEU B 82 -3.44 -46.33 5.43
CA LEU B 82 -4.08 -45.05 5.77
C LEU B 82 -4.47 -44.25 4.54
N ASN B 83 -5.55 -43.49 4.64
CA ASN B 83 -6.00 -42.70 3.50
C ASN B 83 -5.18 -41.44 3.43
N VAL B 84 -4.67 -41.15 2.23
CA VAL B 84 -3.83 -39.98 2.03
C VAL B 84 -4.46 -38.64 2.42
N THR B 85 -5.79 -38.55 2.47
CA THR B 85 -6.41 -37.27 2.87
C THR B 85 -6.35 -37.03 4.38
N GLU B 86 -6.00 -38.07 5.14
CA GLU B 86 -5.89 -37.97 6.60
C GLU B 86 -4.50 -37.49 7.01
N GLN B 87 -4.19 -36.26 6.60
CA GLN B 87 -2.89 -35.66 6.88
C GLN B 87 -2.48 -35.73 8.34
N GLU B 88 -3.37 -35.30 9.23
CA GLU B 88 -3.05 -35.29 10.65
C GLU B 88 -2.73 -36.65 11.25
N LYS B 89 -3.50 -37.68 10.89
CA LYS B 89 -3.24 -39.03 11.41
C LYS B 89 -1.90 -39.53 10.94
N ILE B 90 -1.60 -39.32 9.66
CA ILE B 90 -0.35 -39.77 9.08
C ILE B 90 0.83 -39.03 9.69
N ASP B 91 0.75 -37.70 9.78
CA ASP B 91 1.86 -36.94 10.35
C ASP B 91 2.09 -37.36 11.80
N LYS B 92 1.00 -37.52 12.55
CA LYS B 92 1.13 -37.93 13.94
C LYS B 92 1.74 -39.31 14.07
N LEU B 93 1.39 -40.22 13.17
CA LEU B 93 1.98 -41.56 13.23
C LEU B 93 3.51 -41.41 13.12
N MET B 94 3.94 -40.62 12.15
CA MET B 94 5.38 -40.42 11.94
C MET B 94 6.07 -39.76 13.11
N ILE B 95 5.39 -38.80 13.71
CA ILE B 95 5.95 -38.11 14.86
C ILE B 95 6.09 -39.09 16.01
N GLU B 96 5.10 -39.97 16.16
CA GLU B 96 5.12 -40.97 17.23
C GLU B 96 6.20 -42.00 16.98
N MET B 97 6.34 -42.44 15.73
CA MET B 97 7.36 -43.42 15.37
C MET B 97 8.76 -42.87 15.68
N ASP B 98 8.98 -41.61 15.36
CA ASP B 98 10.28 -41.01 15.63
C ASP B 98 10.48 -40.95 17.15
N GLY B 99 9.47 -40.49 17.87
CA GLY B 99 9.53 -40.42 19.33
C GLY B 99 10.46 -39.40 19.96
N THR B 100 11.15 -38.59 19.16
CA THR B 100 12.04 -37.59 19.74
C THR B 100 11.46 -36.18 19.58
N GLU B 101 11.96 -35.27 20.40
CA GLU B 101 11.51 -33.89 20.38
C GLU B 101 11.81 -33.17 19.06
N ASN B 102 13.00 -33.37 18.52
CA ASN B 102 13.36 -32.67 17.29
C ASN B 102 13.50 -33.57 16.07
N LYS B 103 12.75 -34.68 16.08
CA LYS B 103 12.75 -35.63 14.98
C LYS B 103 14.16 -36.06 14.60
N SER B 104 14.99 -36.33 15.61
CA SER B 104 16.37 -36.73 15.34
C SER B 104 16.57 -38.23 15.12
N LYS B 105 15.51 -39.02 15.17
CA LYS B 105 15.71 -40.43 14.89
C LYS B 105 15.61 -40.66 13.39
N PHE B 106 14.65 -40.01 12.73
CA PHE B 106 14.48 -40.16 11.28
C PHE B 106 15.03 -38.92 10.56
N GLY B 107 15.02 -37.81 11.27
CA GLY B 107 15.44 -36.56 10.67
C GLY B 107 14.16 -35.86 10.22
N ALA B 108 14.10 -34.53 10.40
CA ALA B 108 12.95 -33.76 9.98
C ALA B 108 12.85 -33.81 8.45
N ASN B 109 13.99 -33.98 7.78
CA ASN B 109 13.97 -34.04 6.32
C ASN B 109 13.31 -35.32 5.80
N ALA B 110 13.44 -36.42 6.54
CA ALA B 110 12.82 -37.68 6.15
C ALA B 110 11.30 -37.59 6.37
N ILE B 111 10.89 -37.12 7.55
CA ILE B 111 9.48 -37.02 7.86
C ILE B 111 8.76 -36.01 6.96
N LEU B 112 9.37 -34.84 6.77
CA LEU B 112 8.73 -33.83 5.92
C LEU B 112 8.56 -34.30 4.48
N GLY B 113 9.57 -34.98 3.93
CA GLY B 113 9.45 -35.47 2.57
C GLY B 113 8.19 -36.29 2.36
N VAL B 114 7.90 -37.21 3.29
CA VAL B 114 6.69 -38.03 3.16
C VAL B 114 5.45 -37.18 3.42
N SER B 115 5.51 -36.33 4.44
CA SER B 115 4.39 -35.46 4.81
C SER B 115 3.89 -34.67 3.61
N LEU B 116 4.82 -34.03 2.90
CA LEU B 116 4.49 -33.25 1.72
C LEU B 116 3.85 -34.06 0.59
N ALA B 117 4.43 -35.23 0.30
CA ALA B 117 3.94 -36.11 -0.77
C ALA B 117 2.54 -36.62 -0.46
N VAL B 118 2.29 -36.87 0.82
CA VAL B 118 0.98 -37.35 1.27
C VAL B 118 -0.04 -36.25 1.01
N CYS B 119 0.33 -35.02 1.33
CA CYS B 119 -0.55 -33.87 1.14
C CYS B 119 -0.91 -33.71 -0.34
N LYS B 120 0.07 -33.82 -1.22
CA LYS B 120 -0.20 -33.69 -2.66
C LYS B 120 -1.11 -34.81 -3.15
N ALA B 121 -0.92 -36.02 -2.63
CA ALA B 121 -1.75 -37.16 -3.02
C ALA B 121 -3.19 -36.95 -2.49
N GLY B 122 -3.30 -36.36 -1.32
CA GLY B 122 -4.61 -36.12 -0.73
C GLY B 122 -5.47 -35.19 -1.57
N ALA B 123 -4.86 -34.15 -2.13
CA ALA B 123 -5.58 -33.19 -2.96
C ALA B 123 -6.14 -33.91 -4.19
N VAL B 124 -5.29 -34.66 -4.89
CA VAL B 124 -5.75 -35.36 -6.08
C VAL B 124 -6.77 -36.44 -5.70
N GLU B 125 -6.62 -36.99 -4.49
CA GLU B 125 -7.55 -38.02 -4.03
C GLU B 125 -8.94 -37.38 -3.98
N LYS B 126 -9.01 -36.14 -3.51
CA LYS B 126 -10.27 -35.42 -3.41
C LYS B 126 -10.65 -34.74 -4.73
N GLY B 127 -9.78 -34.80 -5.72
CA GLY B 127 -10.09 -34.15 -6.99
C GLY B 127 -10.21 -32.65 -6.84
N VAL B 128 -9.35 -32.08 -6.00
CA VAL B 128 -9.38 -30.65 -5.78
C VAL B 128 -7.95 -30.10 -5.88
N PRO B 129 -7.79 -28.82 -6.25
CA PRO B 129 -6.43 -28.26 -6.37
C PRO B 129 -5.72 -28.33 -5.02
N LEU B 130 -4.40 -28.43 -5.05
CA LEU B 130 -3.62 -28.51 -3.83
C LEU B 130 -3.90 -27.38 -2.83
N TYR B 131 -3.94 -26.14 -3.30
CA TYR B 131 -4.22 -25.05 -2.37
C TYR B 131 -5.61 -25.21 -1.74
N ARG B 132 -6.54 -25.82 -2.46
CA ARG B 132 -7.88 -26.02 -1.90
C ARG B 132 -7.82 -27.06 -0.78
N HIS B 133 -7.07 -28.12 -0.99
CA HIS B 133 -6.93 -29.17 0.02
C HIS B 133 -6.28 -28.60 1.28
N ILE B 134 -5.27 -27.74 1.09
CA ILE B 134 -4.59 -27.14 2.22
C ILE B 134 -5.61 -26.23 2.93
N ALA B 135 -6.39 -25.51 2.14
CA ALA B 135 -7.39 -24.62 2.71
C ALA B 135 -8.30 -25.47 3.62
N ASP B 136 -8.78 -26.61 3.09
CA ASP B 136 -9.64 -27.54 3.83
C ASP B 136 -8.99 -27.98 5.14
N LEU B 137 -7.76 -28.50 5.05
CA LEU B 137 -7.03 -28.96 6.22
C LEU B 137 -6.82 -27.81 7.21
N ALA B 138 -6.70 -26.59 6.72
CA ALA B 138 -6.48 -25.47 7.62
C ALA B 138 -7.81 -24.90 8.14
N GLY B 139 -8.91 -25.33 7.54
CA GLY B 139 -10.21 -24.83 7.96
C GLY B 139 -10.52 -23.46 7.39
N ASN B 140 -10.07 -23.22 6.15
CA ASN B 140 -10.32 -21.95 5.48
C ASN B 140 -11.25 -22.20 4.31
N SER B 141 -12.15 -21.25 4.08
CA SER B 141 -13.09 -21.37 2.96
C SER B 141 -12.57 -20.52 1.82
N GLU B 142 -11.98 -19.38 2.17
CA GLU B 142 -11.43 -18.47 1.18
C GLU B 142 -9.97 -18.73 0.92
N VAL B 143 -9.54 -18.34 -0.27
CA VAL B 143 -8.17 -18.54 -0.70
C VAL B 143 -7.70 -17.24 -1.36
N ILE B 144 -6.43 -16.86 -1.17
CA ILE B 144 -5.95 -15.63 -1.78
C ILE B 144 -4.46 -15.58 -2.17
N LEU B 145 -4.18 -14.89 -3.26
CA LEU B 145 -2.81 -14.72 -3.75
C LEU B 145 -2.07 -13.78 -2.80
N PRO B 146 -0.87 -14.16 -2.35
CA PRO B 146 -0.09 -13.31 -1.44
C PRO B 146 0.71 -12.24 -2.17
N VAL B 147 1.26 -11.31 -1.41
CA VAL B 147 2.11 -10.32 -2.02
C VAL B 147 3.47 -11.02 -1.95
N PRO B 148 4.24 -11.00 -3.04
CA PRO B 148 5.55 -11.63 -3.06
C PRO B 148 6.63 -10.67 -2.56
N ALA B 149 7.57 -11.19 -1.76
CA ALA B 149 8.67 -10.40 -1.22
C ALA B 149 9.95 -10.95 -1.87
N PHE B 150 10.50 -10.19 -2.82
CA PHE B 150 11.71 -10.60 -3.56
C PHE B 150 13.03 -10.16 -2.89
N ASN B 151 13.83 -11.13 -2.48
CA ASN B 151 15.12 -10.89 -1.86
C ASN B 151 16.08 -10.56 -3.01
N VAL B 152 16.13 -9.27 -3.38
CA VAL B 152 16.93 -8.86 -4.53
C VAL B 152 18.39 -8.46 -4.34
N ILE B 153 18.82 -8.38 -3.09
CA ILE B 153 20.22 -8.11 -2.78
C ILE B 153 20.49 -9.07 -1.64
N ASN B 154 21.51 -9.92 -1.82
CA ASN B 154 21.84 -10.96 -0.83
C ASN B 154 23.11 -10.63 -0.05
N GLY B 155 23.08 -10.99 1.24
CA GLY B 155 24.22 -10.76 2.11
C GLY B 155 24.31 -11.88 3.14
N GLY B 156 24.92 -11.59 4.29
CA GLY B 156 25.04 -12.60 5.32
C GLY B 156 25.61 -13.90 4.80
N SER B 157 25.08 -15.01 5.28
CA SER B 157 25.52 -16.34 4.89
C SER B 157 25.04 -16.83 3.53
N HIS B 158 24.37 -16.00 2.74
CA HIS B 158 23.88 -16.40 1.41
C HIS B 158 24.70 -15.79 0.27
N ALA B 159 25.69 -14.96 0.60
CA ALA B 159 26.47 -14.28 -0.43
C ALA B 159 27.94 -14.05 -0.08
N GLY B 160 28.74 -13.90 -1.13
CA GLY B 160 30.15 -13.64 -0.96
C GLY B 160 30.44 -12.15 -1.00
N ASN B 161 30.30 -11.50 0.15
CA ASN B 161 30.55 -10.07 0.31
C ASN B 161 30.58 -9.80 1.80
N LYS B 162 30.89 -8.57 2.18
CA LYS B 162 30.95 -8.21 3.60
C LYS B 162 29.57 -7.96 4.18
N LEU B 163 28.64 -7.54 3.32
CA LEU B 163 27.26 -7.25 3.74
C LEU B 163 26.78 -8.24 4.79
N ALA B 164 26.65 -7.77 6.04
CA ALA B 164 26.23 -8.65 7.13
C ALA B 164 24.76 -9.05 7.13
N MET B 165 23.87 -8.11 6.85
CA MET B 165 22.47 -8.46 6.86
C MET B 165 22.15 -9.34 5.65
N GLN B 166 21.39 -10.39 5.91
CA GLN B 166 21.04 -11.43 4.94
C GLN B 166 20.18 -11.11 3.72
N GLU B 167 19.02 -10.49 3.91
CA GLU B 167 18.11 -10.26 2.78
C GLU B 167 17.55 -8.83 2.67
N PHE B 168 17.49 -8.32 1.44
CA PHE B 168 16.95 -6.98 1.15
C PHE B 168 15.87 -7.24 0.13
N MET B 169 14.62 -7.20 0.60
CA MET B 169 13.46 -7.49 -0.20
C MET B 169 12.59 -6.33 -0.63
N ILE B 170 11.95 -6.49 -1.79
CA ILE B 170 11.03 -5.48 -2.30
C ILE B 170 9.68 -6.18 -2.35
N LEU B 171 8.63 -5.48 -1.93
CA LEU B 171 7.28 -6.02 -1.95
C LEU B 171 6.38 -5.08 -2.73
N PRO B 172 5.80 -5.56 -3.84
CA PRO B 172 4.93 -4.73 -4.67
C PRO B 172 3.51 -4.78 -4.10
N VAL B 173 3.33 -4.25 -2.90
CA VAL B 173 2.01 -4.23 -2.26
C VAL B 173 0.97 -3.47 -3.10
N GLY B 174 1.43 -2.51 -3.90
CA GLY B 174 0.52 -1.72 -4.72
C GLY B 174 0.08 -2.31 -6.05
N ALA B 175 0.47 -3.56 -6.34
CA ALA B 175 0.09 -4.20 -7.59
C ALA B 175 -1.41 -4.48 -7.69
N ALA B 176 -1.91 -4.54 -8.91
CA ALA B 176 -3.34 -4.78 -9.16
C ALA B 176 -3.73 -6.23 -8.94
N ASN B 177 -2.76 -7.12 -9.12
CA ASN B 177 -2.98 -8.54 -8.97
C ASN B 177 -1.60 -9.21 -8.85
N PHE B 178 -1.57 -10.53 -8.74
CA PHE B 178 -0.29 -11.22 -8.59
C PHE B 178 0.59 -11.10 -9.83
N ARG B 179 0.02 -11.29 -11.02
CA ARG B 179 0.84 -11.17 -12.21
C ARG B 179 1.52 -9.79 -12.30
N GLU B 180 0.81 -8.73 -12.00
CA GLU B 180 1.45 -7.41 -12.03
C GLU B 180 2.52 -7.34 -10.94
N ALA B 181 2.30 -8.06 -9.85
CA ALA B 181 3.28 -8.05 -8.77
C ALA B 181 4.57 -8.68 -9.31
N MET B 182 4.42 -9.72 -10.13
CA MET B 182 5.58 -10.38 -10.73
C MET B 182 6.27 -9.43 -11.70
N ARG B 183 5.48 -8.77 -12.54
CA ARG B 183 6.05 -7.83 -13.50
C ARG B 183 6.82 -6.72 -12.79
N ILE B 184 6.24 -6.19 -11.72
CA ILE B 184 6.90 -5.13 -10.97
C ILE B 184 8.18 -5.65 -10.33
N GLY B 185 8.11 -6.83 -9.73
CA GLY B 185 9.29 -7.42 -9.11
C GLY B 185 10.42 -7.60 -10.12
N ALA B 186 10.11 -8.17 -11.28
CA ALA B 186 11.11 -8.39 -12.30
C ALA B 186 11.70 -7.08 -12.84
N GLU B 187 10.84 -6.12 -13.16
CA GLU B 187 11.33 -4.85 -13.68
C GLU B 187 12.22 -4.12 -12.70
N VAL B 188 11.85 -4.10 -11.41
CA VAL B 188 12.71 -3.43 -10.44
C VAL B 188 14.05 -4.20 -10.33
N TYR B 189 13.98 -5.53 -10.31
CA TYR B 189 15.18 -6.36 -10.24
C TYR B 189 16.12 -6.00 -11.40
N HIS B 190 15.59 -5.99 -12.63
CA HIS B 190 16.41 -5.64 -13.78
C HIS B 190 16.96 -4.21 -13.73
N ASN B 191 16.17 -3.27 -13.21
CA ASN B 191 16.64 -1.91 -13.10
C ASN B 191 17.77 -1.86 -12.08
N LEU B 192 17.62 -2.62 -11.00
CA LEU B 192 18.63 -2.67 -9.95
C LEU B 192 19.98 -3.16 -10.48
N LYS B 193 19.96 -4.13 -11.38
CA LYS B 193 21.21 -4.66 -11.95
C LYS B 193 21.95 -3.52 -12.62
N ASN B 194 21.22 -2.64 -13.30
CA ASN B 194 21.86 -1.49 -13.95
C ASN B 194 22.37 -0.48 -12.94
N VAL B 195 21.59 -0.23 -11.89
CA VAL B 195 22.00 0.72 -10.85
C VAL B 195 23.29 0.24 -10.20
N ILE B 196 23.35 -1.04 -9.89
CA ILE B 196 24.53 -1.59 -9.25
C ILE B 196 25.71 -1.58 -10.21
N LYS B 197 25.47 -2.02 -11.43
CA LYS B 197 26.51 -2.08 -12.44
C LYS B 197 27.12 -0.71 -12.66
N GLU B 198 26.27 0.30 -12.80
CA GLU B 198 26.76 1.64 -13.03
C GLU B 198 27.63 2.17 -11.89
N LYS B 199 27.28 1.84 -10.67
CA LYS B 199 28.04 2.34 -9.54
C LYS B 199 29.24 1.47 -9.14
N TYR B 200 29.05 0.16 -9.13
CA TYR B 200 30.13 -0.74 -8.72
C TYR B 200 30.77 -1.60 -9.82
N GLY B 201 30.23 -1.56 -11.02
CA GLY B 201 30.80 -2.36 -12.10
C GLY B 201 30.09 -3.70 -12.25
N LYS B 202 30.32 -4.37 -13.37
CA LYS B 202 29.68 -5.65 -13.63
C LYS B 202 30.01 -6.71 -12.57
N ASP B 203 31.23 -6.68 -12.04
CA ASP B 203 31.64 -7.65 -11.03
C ASP B 203 30.77 -7.65 -9.76
N ALA B 204 29.94 -6.63 -9.60
CA ALA B 204 29.05 -6.55 -8.45
C ALA B 204 27.63 -7.06 -8.77
N THR B 205 27.43 -7.59 -9.96
CA THR B 205 26.12 -8.06 -10.37
C THR B 205 25.93 -9.58 -10.49
N ASN B 206 26.84 -10.34 -9.90
CA ASN B 206 26.69 -11.79 -9.89
C ASN B 206 25.68 -12.03 -8.74
N VAL B 207 25.14 -13.24 -8.61
CA VAL B 207 24.13 -13.48 -7.57
C VAL B 207 24.50 -14.41 -6.41
N GLY B 208 23.79 -14.24 -5.29
CA GLY B 208 23.99 -15.07 -4.12
C GLY B 208 23.05 -16.25 -4.21
N ASP B 209 22.97 -17.04 -3.13
CA ASP B 209 22.12 -18.23 -3.09
C ASP B 209 20.66 -18.08 -3.45
N GLU B 210 20.08 -16.90 -3.21
CA GLU B 210 18.66 -16.72 -3.50
C GLU B 210 18.34 -15.89 -4.74
N GLY B 211 19.34 -15.70 -5.60
CA GLY B 211 19.14 -14.98 -6.84
C GLY B 211 19.29 -13.47 -6.74
N GLY B 212 19.53 -12.95 -5.54
CA GLY B 212 19.70 -11.51 -5.42
C GLY B 212 21.13 -11.16 -5.78
N PHE B 213 21.38 -9.93 -6.21
CA PHE B 213 22.73 -9.51 -6.56
C PHE B 213 23.61 -9.50 -5.33
N ALA B 214 24.89 -9.79 -5.52
CA ALA B 214 25.82 -9.83 -4.40
C ALA B 214 26.91 -8.77 -4.58
N PRO B 215 26.54 -7.50 -4.41
CA PRO B 215 27.52 -6.42 -4.56
C PRO B 215 28.56 -6.48 -3.44
N ASN B 216 29.75 -5.99 -3.73
CA ASN B 216 30.83 -5.97 -2.75
C ASN B 216 30.75 -4.71 -1.89
N ILE B 217 29.75 -4.65 -1.02
CA ILE B 217 29.56 -3.52 -0.13
C ILE B 217 29.52 -4.04 1.30
N LEU B 218 29.63 -3.14 2.26
CA LEU B 218 29.61 -3.52 3.67
C LEU B 218 28.42 -2.89 4.40
N GLU B 219 28.12 -1.65 4.04
CA GLU B 219 27.04 -0.90 4.66
C GLU B 219 25.65 -1.37 4.29
N ASN B 220 24.89 -1.79 5.30
CA ASN B 220 23.53 -2.26 5.05
C ASN B 220 22.64 -1.12 4.58
N LYS B 221 22.98 0.11 4.97
CA LYS B 221 22.20 1.25 4.52
C LYS B 221 22.35 1.38 3.00
N GLU B 222 23.55 1.10 2.49
CA GLU B 222 23.78 1.19 1.06
C GLU B 222 22.88 0.17 0.34
N GLY B 223 22.67 -0.99 0.94
CA GLY B 223 21.79 -1.98 0.32
C GLY B 223 20.40 -1.37 0.13
N LEU B 224 19.90 -0.74 1.19
CA LEU B 224 18.58 -0.12 1.17
C LEU B 224 18.52 1.02 0.14
N GLU B 225 19.58 1.80 0.08
CA GLU B 225 19.67 2.92 -0.83
C GLU B 225 19.60 2.46 -2.28
N LEU B 226 20.24 1.33 -2.58
CA LEU B 226 20.24 0.79 -3.93
C LEU B 226 18.82 0.34 -4.33
N LEU B 227 18.10 -0.28 -3.40
CA LEU B 227 16.74 -0.71 -3.67
C LEU B 227 15.84 0.50 -3.98
N LYS B 228 16.00 1.54 -3.17
CA LYS B 228 15.20 2.75 -3.34
C LYS B 228 15.48 3.38 -4.71
N THR B 229 16.74 3.41 -5.11
CA THR B 229 17.10 3.98 -6.40
C THR B 229 16.48 3.14 -7.51
N ALA B 230 16.61 1.83 -7.40
CA ALA B 230 16.05 0.96 -8.44
C ALA B 230 14.53 1.13 -8.52
N ILE B 231 13.87 1.21 -7.36
CA ILE B 231 12.42 1.37 -7.36
C ILE B 231 12.00 2.66 -8.08
N GLY B 232 12.67 3.77 -7.75
CA GLY B 232 12.37 5.03 -8.39
C GLY B 232 12.64 4.97 -9.88
N LYS B 233 13.82 4.47 -10.24
CA LYS B 233 14.20 4.35 -11.65
C LYS B 233 13.18 3.51 -12.43
N ALA B 234 12.67 2.45 -11.80
CA ALA B 234 11.69 1.59 -12.46
C ALA B 234 10.30 2.25 -12.49
N GLY B 235 10.17 3.38 -11.81
CA GLY B 235 8.91 4.10 -11.77
C GLY B 235 7.84 3.49 -10.87
N TYR B 236 8.23 2.81 -9.79
CA TYR B 236 7.24 2.20 -8.90
C TYR B 236 7.31 2.63 -7.44
N THR B 237 7.81 3.85 -7.21
CA THR B 237 7.92 4.35 -5.85
C THR B 237 6.57 4.31 -5.12
N ASP B 238 5.48 4.37 -5.87
CA ASP B 238 4.15 4.34 -5.29
C ASP B 238 3.64 2.94 -4.95
N LYS B 239 4.23 1.91 -5.57
CA LYS B 239 3.77 0.54 -5.35
C LYS B 239 4.71 -0.41 -4.63
N VAL B 240 5.92 0.01 -4.31
CA VAL B 240 6.85 -0.89 -3.65
C VAL B 240 7.37 -0.49 -2.29
N VAL B 241 7.36 -1.43 -1.35
CA VAL B 241 7.91 -1.19 -0.02
C VAL B 241 9.03 -2.20 0.24
N ILE B 242 9.85 -1.93 1.24
CA ILE B 242 10.98 -2.79 1.53
C ILE B 242 10.86 -3.65 2.77
N GLY B 243 11.42 -4.85 2.69
CA GLY B 243 11.43 -5.75 3.83
C GLY B 243 12.85 -6.23 4.00
N MET B 244 13.21 -6.64 5.21
CA MET B 244 14.56 -7.12 5.45
C MET B 244 14.55 -8.38 6.30
N ASP B 245 15.62 -9.17 6.14
CA ASP B 245 15.82 -10.35 6.97
C ASP B 245 17.26 -10.19 7.39
N VAL B 246 17.43 -9.77 8.64
CA VAL B 246 18.74 -9.55 9.22
C VAL B 246 19.48 -10.85 9.54
N ALA B 247 18.76 -11.84 10.06
CA ALA B 247 19.36 -13.11 10.46
C ALA B 247 20.45 -12.79 11.48
N ALA B 248 20.08 -11.95 12.43
CA ALA B 248 20.98 -11.50 13.48
C ALA B 248 21.62 -12.63 14.25
N SER B 249 20.98 -13.80 14.31
CA SER B 249 21.56 -14.93 15.03
C SER B 249 22.90 -15.34 14.40
N GLU B 250 23.08 -15.01 13.12
CA GLU B 250 24.32 -15.36 12.42
C GLU B 250 25.51 -14.54 12.86
N PHE B 251 25.27 -13.33 13.35
CA PHE B 251 26.37 -12.49 13.81
C PHE B 251 26.27 -12.10 15.28
N PHE B 252 25.62 -12.94 16.06
CA PHE B 252 25.47 -12.72 17.50
C PHE B 252 26.79 -13.17 18.14
N ARG B 253 27.37 -12.32 18.97
CA ARG B 253 28.64 -12.63 19.62
C ARG B 253 28.57 -12.36 21.13
N SER B 254 28.32 -13.42 21.90
CA SER B 254 28.24 -13.34 23.35
C SER B 254 27.55 -12.09 23.87
N GLY B 255 26.32 -11.86 23.42
CA GLY B 255 25.58 -10.71 23.89
C GLY B 255 25.54 -9.52 22.95
N LYS B 256 26.60 -9.33 22.15
CA LYS B 256 26.64 -8.21 21.21
C LYS B 256 26.45 -8.71 19.77
N TYR B 257 26.55 -7.78 18.82
CA TYR B 257 26.36 -8.09 17.40
C TYR B 257 27.50 -7.59 16.53
N ASP B 258 27.92 -8.42 15.58
CA ASP B 258 29.01 -8.10 14.66
C ASP B 258 28.53 -7.86 13.21
N LEU B 259 28.38 -6.59 12.84
CA LEU B 259 27.94 -6.24 11.49
C LEU B 259 29.01 -6.35 10.42
N ASP B 260 30.11 -7.03 10.75
CA ASP B 260 31.18 -7.27 9.80
C ASP B 260 31.74 -8.66 10.12
N PHE B 261 30.84 -9.58 10.48
CA PHE B 261 31.23 -10.93 10.87
C PHE B 261 31.91 -11.77 9.78
N LYS B 262 31.89 -11.30 8.53
CA LYS B 262 32.56 -12.06 7.48
C LYS B 262 34.01 -11.61 7.30
N SER B 263 34.43 -10.60 8.07
CA SER B 263 35.81 -10.14 8.04
C SER B 263 36.45 -10.70 9.32
N PRO B 264 37.79 -10.83 9.34
CA PRO B 264 38.52 -11.35 10.51
C PRO B 264 38.02 -10.74 11.83
N ASP B 265 37.63 -11.60 12.75
CA ASP B 265 37.08 -11.17 14.04
C ASP B 265 37.80 -10.05 14.74
N ASP B 266 37.02 -9.24 15.45
CA ASP B 266 37.54 -8.11 16.21
C ASP B 266 36.41 -7.57 17.06
N PRO B 267 36.33 -8.02 18.32
CA PRO B 267 35.30 -7.60 19.28
C PRO B 267 35.12 -6.08 19.39
N SER B 268 36.17 -5.32 19.12
CA SER B 268 36.08 -3.87 19.22
C SER B 268 35.05 -3.27 18.27
N ARG B 269 34.60 -4.04 17.27
CA ARG B 269 33.62 -3.50 16.35
C ARG B 269 32.20 -3.93 16.70
N TYR B 270 32.07 -4.86 17.65
CA TYR B 270 30.74 -5.34 18.05
C TYR B 270 29.88 -4.19 18.58
N ILE B 271 28.57 -4.31 18.41
CA ILE B 271 27.65 -3.29 18.92
C ILE B 271 26.64 -3.98 19.83
N SER B 272 25.96 -3.19 20.64
CA SER B 272 24.97 -3.71 21.58
C SER B 272 23.60 -3.79 20.93
N PRO B 273 22.69 -4.55 21.54
CA PRO B 273 21.34 -4.66 20.96
C PRO B 273 20.65 -3.31 20.84
N ASP B 274 20.91 -2.39 21.77
CA ASP B 274 20.29 -1.06 21.70
C ASP B 274 20.83 -0.31 20.49
N GLN B 275 22.13 -0.46 20.24
CA GLN B 275 22.73 0.20 19.09
C GLN B 275 22.17 -0.36 17.80
N LEU B 276 21.93 -1.67 17.78
CA LEU B 276 21.38 -2.34 16.59
C LEU B 276 19.93 -1.90 16.40
N ALA B 277 19.19 -1.83 17.50
CA ALA B 277 17.79 -1.41 17.47
C ALA B 277 17.70 0.01 16.88
N ASP B 278 18.56 0.90 17.36
CA ASP B 278 18.54 2.28 16.85
C ASP B 278 18.92 2.34 15.38
N LEU B 279 19.82 1.44 14.96
CA LEU B 279 20.20 1.41 13.55
C LEU B 279 18.97 1.07 12.72
N TYR B 280 18.20 0.08 13.16
CA TYR B 280 17.00 -0.31 12.41
C TYR B 280 16.03 0.87 12.35
N LYS B 281 15.89 1.56 13.47
CA LYS B 281 14.98 2.69 13.54
C LYS B 281 15.37 3.77 12.55
N SER B 282 16.68 3.98 12.35
CA SER B 282 17.12 4.97 11.37
C SER B 282 16.73 4.48 9.96
N PHE B 283 16.84 3.17 9.74
CA PHE B 283 16.47 2.55 8.46
C PHE B 283 14.98 2.76 8.23
N ILE B 284 14.19 2.51 9.27
CA ILE B 284 12.75 2.65 9.21
C ILE B 284 12.38 4.11 8.97
N LYS B 285 13.22 5.01 9.47
CA LYS B 285 12.97 6.42 9.28
C LYS B 285 13.33 6.90 7.87
N ASP B 286 14.48 6.47 7.34
CA ASP B 286 14.93 6.91 6.02
C ASP B 286 14.44 6.11 4.81
N TYR B 287 13.92 4.91 5.04
CA TYR B 287 13.47 4.10 3.91
C TYR B 287 12.10 3.47 4.16
N PRO B 288 11.40 3.10 3.08
CA PRO B 288 10.08 2.47 3.18
C PRO B 288 10.14 1.03 3.71
N VAL B 289 10.93 0.81 4.76
CA VAL B 289 11.07 -0.51 5.34
C VAL B 289 9.87 -0.77 6.24
N VAL B 290 8.98 -1.67 5.81
CA VAL B 290 7.80 -2.00 6.59
C VAL B 290 7.90 -3.34 7.29
N SER B 291 9.01 -4.04 7.12
CA SER B 291 9.15 -5.34 7.77
C SER B 291 10.59 -5.75 8.03
N ILE B 292 10.85 -6.27 9.23
CA ILE B 292 12.20 -6.72 9.58
C ILE B 292 12.11 -8.08 10.27
N GLU B 293 12.86 -9.04 9.73
CA GLU B 293 12.92 -10.41 10.23
C GLU B 293 14.20 -10.62 11.04
N ASP B 294 14.10 -11.40 12.11
CA ASP B 294 15.23 -11.70 12.99
C ASP B 294 16.17 -10.53 13.28
N PRO B 295 15.63 -9.42 13.82
CA PRO B 295 16.47 -8.25 14.13
C PRO B 295 17.46 -8.57 15.25
N PHE B 296 17.17 -9.60 16.03
CA PHE B 296 18.05 -9.98 17.13
C PHE B 296 18.26 -11.49 17.19
N ASP B 297 19.18 -11.91 18.05
CA ASP B 297 19.48 -13.32 18.19
C ASP B 297 18.24 -14.12 18.57
N GLN B 298 18.25 -15.40 18.20
CA GLN B 298 17.13 -16.30 18.45
C GLN B 298 16.69 -16.43 19.90
N ASP B 299 17.55 -16.07 20.85
CA ASP B 299 17.16 -16.15 22.26
C ASP B 299 17.40 -14.85 23.02
N ASP B 300 17.51 -13.74 22.29
CA ASP B 300 17.71 -12.43 22.89
C ASP B 300 16.31 -11.86 23.05
N TRP B 301 15.45 -12.61 23.75
CA TRP B 301 14.05 -12.23 23.97
C TRP B 301 13.79 -10.80 24.45
N GLY B 302 14.65 -10.28 25.30
CA GLY B 302 14.44 -8.93 25.81
C GLY B 302 14.45 -7.88 24.72
N ALA B 303 15.47 -7.95 23.87
CA ALA B 303 15.62 -7.03 22.76
C ALA B 303 14.43 -7.11 21.80
N TRP B 304 13.95 -8.33 21.53
CA TRP B 304 12.83 -8.51 20.64
C TRP B 304 11.58 -7.79 21.14
N GLN B 305 11.19 -8.09 22.38
CA GLN B 305 9.99 -7.49 22.98
C GLN B 305 10.04 -5.96 22.94
N LYS B 306 11.18 -5.42 23.31
CA LYS B 306 11.42 -3.99 23.34
C LYS B 306 11.33 -3.36 21.94
N PHE B 307 11.93 -4.03 20.97
CA PHE B 307 11.92 -3.49 19.62
C PHE B 307 10.53 -3.58 19.00
N THR B 308 9.88 -4.72 19.17
CA THR B 308 8.55 -4.91 18.59
C THR B 308 7.56 -3.88 19.15
N ALA B 309 7.77 -3.51 20.40
CA ALA B 309 6.91 -2.54 21.08
C ALA B 309 7.20 -1.09 20.67
N SER B 310 8.34 -0.84 20.04
CA SER B 310 8.66 0.54 19.67
C SER B 310 8.98 0.82 18.22
N ALA B 311 9.11 -0.21 17.38
CA ALA B 311 9.45 -0.02 15.97
C ALA B 311 8.31 0.46 15.08
N GLY B 312 7.09 0.04 15.40
CA GLY B 312 5.94 0.45 14.60
C GLY B 312 5.77 -0.26 13.26
N ILE B 313 6.43 -1.41 13.10
CA ILE B 313 6.35 -2.16 11.85
C ILE B 313 6.17 -3.66 12.09
N GLN B 314 6.09 -4.42 11.02
CA GLN B 314 5.96 -5.86 11.15
C GLN B 314 7.35 -6.37 11.53
N VAL B 315 7.39 -7.21 12.57
CA VAL B 315 8.63 -7.80 13.06
C VAL B 315 8.42 -9.29 12.92
N VAL B 316 9.22 -9.92 12.07
CA VAL B 316 9.08 -11.34 11.79
C VAL B 316 10.00 -12.24 12.58
N GLY B 317 9.41 -13.24 13.24
CA GLY B 317 10.22 -14.20 13.98
C GLY B 317 10.53 -15.35 13.03
N ASP B 318 11.80 -15.72 12.93
CA ASP B 318 12.20 -16.83 12.05
C ASP B 318 12.98 -17.83 12.92
N ASP B 319 14.24 -17.54 13.19
CA ASP B 319 15.01 -18.43 14.06
C ASP B 319 14.48 -18.36 15.50
N LEU B 320 13.81 -17.25 15.84
CA LEU B 320 13.22 -17.07 17.17
C LEU B 320 12.13 -18.11 17.41
N THR B 321 11.25 -18.26 16.43
CA THR B 321 10.10 -19.17 16.50
C THR B 321 10.24 -20.54 15.84
N VAL B 322 11.11 -20.65 14.85
CA VAL B 322 11.32 -21.89 14.10
C VAL B 322 10.06 -22.71 13.82
N THR B 323 9.01 -22.01 13.36
CA THR B 323 7.73 -22.63 13.00
C THR B 323 7.27 -23.67 14.04
N ASN B 324 7.64 -23.43 15.30
CA ASN B 324 7.37 -24.31 16.43
C ASN B 324 6.28 -23.76 17.39
N PRO B 325 5.10 -24.38 17.43
CA PRO B 325 4.05 -23.87 18.33
C PRO B 325 4.50 -23.52 19.74
N LYS B 326 5.40 -24.33 20.30
CA LYS B 326 5.89 -24.09 21.66
C LYS B 326 6.68 -22.79 21.75
N ARG B 327 7.52 -22.50 20.75
CA ARG B 327 8.30 -21.27 20.77
C ARG B 327 7.35 -20.13 20.45
N ILE B 328 6.41 -20.39 19.54
CA ILE B 328 5.47 -19.37 19.14
C ILE B 328 4.63 -18.92 20.34
N ALA B 329 4.17 -19.88 21.14
CA ALA B 329 3.35 -19.58 22.31
C ALA B 329 4.09 -18.61 23.21
N LYS B 330 5.38 -18.85 23.45
CA LYS B 330 6.10 -17.94 24.30
C LYS B 330 6.20 -16.55 23.68
N ALA B 331 6.44 -16.48 22.37
CA ALA B 331 6.55 -15.20 21.66
C ALA B 331 5.23 -14.40 21.70
N VAL B 332 4.10 -15.08 21.58
CA VAL B 332 2.83 -14.37 21.62
C VAL B 332 2.65 -13.79 23.02
N ASN B 333 2.89 -14.60 24.05
CA ASN B 333 2.75 -14.12 25.43
C ASN B 333 3.60 -12.91 25.76
N GLU B 334 4.84 -12.89 25.27
CA GLU B 334 5.74 -11.77 25.56
C GLU B 334 5.68 -10.70 24.47
N LYS B 335 4.91 -10.96 23.41
CA LYS B 335 4.83 -10.01 22.31
C LYS B 335 6.24 -9.77 21.78
N SER B 336 6.96 -10.86 21.52
CA SER B 336 8.32 -10.76 21.03
C SER B 336 8.39 -10.29 19.58
N CYS B 337 7.34 -10.58 18.82
CA CYS B 337 7.26 -10.19 17.41
C CYS B 337 5.79 -10.18 17.04
N ASN B 338 5.46 -9.82 15.80
CA ASN B 338 4.06 -9.79 15.40
C ASN B 338 3.80 -10.47 14.05
N CYS B 339 4.77 -11.28 13.62
CA CYS B 339 4.65 -12.03 12.37
C CYS B 339 5.46 -13.30 12.48
N LEU B 340 4.95 -14.36 11.88
CA LEU B 340 5.63 -15.66 11.90
C LEU B 340 6.17 -16.04 10.53
N LEU B 341 7.44 -16.43 10.45
CA LEU B 341 8.00 -16.88 9.17
C LEU B 341 7.70 -18.37 9.19
N LEU B 342 6.94 -18.84 8.20
CA LEU B 342 6.56 -20.24 8.14
C LEU B 342 7.46 -21.06 7.20
N LYS B 343 8.28 -21.93 7.81
CA LYS B 343 9.20 -22.82 7.09
C LYS B 343 8.88 -24.26 7.47
N VAL B 344 8.17 -24.97 6.59
CA VAL B 344 7.79 -26.34 6.89
C VAL B 344 8.92 -27.20 7.40
N ASN B 345 10.13 -27.04 6.86
CA ASN B 345 11.22 -27.87 7.32
C ASN B 345 11.82 -27.48 8.69
N GLN B 346 11.39 -26.36 9.26
CA GLN B 346 11.89 -25.99 10.61
C GLN B 346 11.19 -26.83 11.69
N ILE B 347 10.01 -27.36 11.38
CA ILE B 347 9.28 -28.15 12.35
C ILE B 347 9.17 -29.61 11.88
N GLY B 348 9.08 -29.82 10.56
CA GLY B 348 9.06 -31.18 10.05
C GLY B 348 7.81 -31.86 9.52
N SER B 349 6.66 -31.19 9.54
CA SER B 349 5.45 -31.82 9.04
C SER B 349 4.46 -30.76 8.60
N VAL B 350 3.58 -31.13 7.68
CA VAL B 350 2.56 -30.19 7.19
C VAL B 350 1.59 -29.82 8.32
N THR B 351 1.22 -30.81 9.11
CA THR B 351 0.29 -30.59 10.21
C THR B 351 0.80 -29.61 11.26
N GLU B 352 2.03 -29.78 11.71
CA GLU B 352 2.58 -28.86 12.71
C GLU B 352 2.74 -27.47 12.09
N SER B 353 2.97 -27.44 10.78
CA SER B 353 3.12 -26.17 10.10
C SER B 353 1.77 -25.44 10.10
N LEU B 354 0.67 -26.16 9.84
CA LEU B 354 -0.65 -25.52 9.84
C LEU B 354 -1.00 -25.13 11.26
N GLN B 355 -0.59 -25.94 12.24
CA GLN B 355 -0.87 -25.59 13.63
C GLN B 355 -0.14 -24.29 13.99
N ALA B 356 1.11 -24.20 13.56
CA ALA B 356 1.91 -23.02 13.87
C ALA B 356 1.28 -21.79 13.22
N CYS B 357 0.83 -21.95 11.97
CA CYS B 357 0.20 -20.84 11.27
C CYS B 357 -1.07 -20.38 12.01
N LYS B 358 -1.96 -21.33 12.31
CA LYS B 358 -3.22 -21.00 12.98
C LYS B 358 -2.99 -20.36 14.34
N LEU B 359 -2.01 -20.85 15.10
CA LEU B 359 -1.73 -20.25 16.40
C LEU B 359 -1.33 -18.79 16.24
N ALA B 360 -0.50 -18.52 15.25
CA ALA B 360 -0.06 -17.15 14.99
C ALA B 360 -1.24 -16.29 14.55
N GLN B 361 -1.98 -16.77 13.55
CA GLN B 361 -3.13 -16.01 13.05
C GLN B 361 -4.19 -15.75 14.13
N ALA B 362 -4.44 -16.75 14.99
CA ALA B 362 -5.45 -16.57 16.05
C ALA B 362 -5.02 -15.49 17.02
N ASN B 363 -3.74 -15.16 17.04
CA ASN B 363 -3.26 -14.13 17.96
C ASN B 363 -2.95 -12.80 17.29
N GLY B 364 -3.58 -12.59 16.14
CA GLY B 364 -3.37 -11.33 15.42
C GLY B 364 -2.03 -11.15 14.74
N TRP B 365 -1.25 -12.22 14.61
CA TRP B 365 0.06 -12.16 13.95
C TRP B 365 -0.06 -12.32 12.45
N GLY B 366 0.85 -11.71 11.71
CA GLY B 366 0.82 -11.92 10.28
C GLY B 366 1.58 -13.24 10.13
N VAL B 367 1.62 -13.78 8.92
CA VAL B 367 2.35 -15.01 8.67
C VAL B 367 2.90 -14.93 7.25
N MET B 368 4.22 -15.07 7.13
CA MET B 368 4.84 -15.05 5.79
C MET B 368 5.40 -16.44 5.51
N VAL B 369 4.86 -17.09 4.50
CA VAL B 369 5.34 -18.42 4.11
C VAL B 369 6.73 -18.23 3.50
N SER B 370 7.62 -19.18 3.71
CA SER B 370 8.98 -19.04 3.22
C SER B 370 9.67 -20.32 2.71
N HIS B 371 10.56 -20.11 1.74
CA HIS B 371 11.39 -21.13 1.15
C HIS B 371 12.59 -21.23 2.08
N ARG B 372 13.61 -22.00 1.70
CA ARG B 372 14.86 -22.02 2.46
C ARG B 372 15.86 -21.51 1.41
N SER B 373 17.04 -21.08 1.84
CA SER B 373 18.05 -20.60 0.89
C SER B 373 18.49 -21.78 -0.01
N GLY B 374 18.36 -23.00 0.52
CA GLY B 374 18.68 -24.17 -0.29
C GLY B 374 17.36 -24.76 -0.74
N GLU B 375 16.96 -24.53 -1.99
CA GLU B 375 15.69 -25.03 -2.49
C GLU B 375 15.79 -26.08 -3.56
N THR B 376 14.64 -26.49 -4.08
CA THR B 376 14.56 -27.49 -5.15
C THR B 376 13.48 -27.03 -6.11
N GLU B 377 13.22 -27.84 -7.15
CA GLU B 377 12.20 -27.56 -8.12
C GLU B 377 10.76 -27.77 -7.59
N ASP B 378 10.64 -28.17 -6.33
CA ASP B 378 9.34 -28.41 -5.68
C ASP B 378 8.59 -27.07 -5.54
N THR B 379 7.29 -27.08 -5.75
CA THR B 379 6.53 -25.82 -5.63
C THR B 379 5.42 -25.83 -4.55
N PHE B 380 5.52 -26.75 -3.61
CA PHE B 380 4.52 -26.86 -2.54
C PHE B 380 4.16 -25.55 -1.83
N ILE B 381 5.14 -24.76 -1.42
CA ILE B 381 4.82 -23.52 -0.71
C ILE B 381 3.98 -22.52 -1.49
N ALA B 382 3.88 -22.66 -2.80
CA ALA B 382 3.05 -21.76 -3.58
C ALA B 382 1.59 -22.05 -3.20
N ASP B 383 1.23 -23.33 -3.24
CA ASP B 383 -0.14 -23.72 -2.91
C ASP B 383 -0.39 -23.52 -1.42
N LEU B 384 0.63 -23.73 -0.61
CA LEU B 384 0.51 -23.59 0.83
C LEU B 384 0.14 -22.18 1.26
N VAL B 385 0.81 -21.15 0.74
CA VAL B 385 0.52 -19.79 1.15
C VAL B 385 -0.87 -19.36 0.68
N VAL B 386 -1.29 -19.87 -0.46
CA VAL B 386 -2.60 -19.54 -0.99
C VAL B 386 -3.68 -20.23 -0.12
N GLY B 387 -3.47 -21.52 0.19
CA GLY B 387 -4.41 -22.25 1.00
C GLY B 387 -4.50 -21.77 2.44
N LEU B 388 -3.39 -21.23 2.95
CA LEU B 388 -3.36 -20.72 4.33
C LEU B 388 -3.79 -19.26 4.40
N CYS B 389 -4.06 -18.65 3.24
CA CYS B 389 -4.50 -17.26 3.16
C CYS B 389 -3.64 -16.32 3.98
N THR B 390 -2.33 -16.52 4.03
CA THR B 390 -1.51 -15.63 4.86
C THR B 390 -1.32 -14.25 4.26
N GLY B 391 -1.41 -14.16 2.95
CA GLY B 391 -1.24 -12.85 2.31
C GLY B 391 0.20 -12.47 2.00
N GLN B 392 1.18 -13.25 2.46
CA GLN B 392 2.56 -12.91 2.16
C GLN B 392 3.53 -14.08 2.04
N ILE B 393 4.44 -13.98 1.08
CA ILE B 393 5.41 -15.04 0.87
C ILE B 393 6.73 -14.53 0.33
N LYS B 394 7.82 -15.06 0.87
CA LYS B 394 9.13 -14.72 0.35
C LYS B 394 9.68 -16.06 -0.19
N THR B 395 10.02 -16.08 -1.46
CA THR B 395 10.55 -17.29 -2.03
C THR B 395 11.62 -17.00 -3.07
N GLY B 396 12.31 -15.88 -2.81
CA GLY B 396 13.43 -15.47 -3.65
C GLY B 396 13.31 -14.28 -4.56
N ALA B 397 14.45 -13.91 -5.12
CA ALA B 397 14.50 -12.84 -6.09
C ALA B 397 13.87 -13.52 -7.31
N PRO B 398 13.52 -12.74 -8.33
CA PRO B 398 12.93 -13.36 -9.52
C PRO B 398 14.10 -13.84 -10.40
N CYS B 399 14.97 -14.68 -9.82
CA CYS B 399 16.15 -15.20 -10.50
C CYS B 399 16.49 -16.57 -9.88
N ARG B 400 16.85 -17.55 -10.73
CA ARG B 400 17.17 -18.93 -10.31
C ARG B 400 15.83 -19.66 -10.20
N SER B 401 15.64 -20.67 -11.04
CA SER B 401 14.37 -21.38 -11.08
C SER B 401 13.86 -22.05 -9.83
N GLU B 402 14.70 -22.29 -8.82
CA GLU B 402 14.17 -22.90 -7.61
C GLU B 402 13.26 -21.83 -6.95
N ARG B 403 13.39 -20.58 -7.42
CA ARG B 403 12.59 -19.46 -6.93
C ARG B 403 11.39 -19.24 -7.89
N LEU B 404 11.69 -19.09 -9.18
CA LEU B 404 10.62 -18.86 -10.16
C LEU B 404 9.64 -20.01 -10.28
N ALA B 405 10.06 -21.23 -9.92
CA ALA B 405 9.16 -22.37 -10.00
C ALA B 405 7.94 -22.05 -9.13
N LYS B 406 8.19 -21.52 -7.94
CA LYS B 406 7.12 -21.13 -7.01
C LYS B 406 6.31 -19.94 -7.55
N TYR B 407 6.99 -18.89 -8.01
CA TYR B 407 6.28 -17.72 -8.52
C TYR B 407 5.43 -18.10 -9.74
N ASN B 408 5.99 -18.92 -10.62
CA ASN B 408 5.27 -19.36 -11.80
C ASN B 408 4.04 -20.16 -11.37
N GLN B 409 4.19 -20.97 -10.31
CA GLN B 409 3.06 -21.76 -9.84
C GLN B 409 1.98 -20.81 -9.31
N LEU B 410 2.41 -19.74 -8.63
CA LEU B 410 1.45 -18.76 -8.11
C LEU B 410 0.72 -18.11 -9.27
N LEU B 411 1.40 -17.90 -10.38
CA LEU B 411 0.76 -17.32 -11.56
C LEU B 411 -0.29 -18.29 -12.09
N ARG B 412 0.02 -19.59 -12.05
CA ARG B 412 -0.93 -20.60 -12.52
C ARG B 412 -2.16 -20.71 -11.61
N ILE B 413 -1.97 -20.47 -10.31
CA ILE B 413 -3.08 -20.55 -9.38
C ILE B 413 -4.01 -19.34 -9.60
N GLU B 414 -3.42 -18.14 -9.73
CA GLU B 414 -4.21 -16.96 -9.97
C GLU B 414 -5.05 -17.16 -11.24
N GLU B 415 -4.42 -17.67 -12.29
CA GLU B 415 -5.08 -17.93 -13.56
C GLU B 415 -6.24 -18.92 -13.36
N GLU B 416 -5.98 -19.99 -12.63
CA GLU B 416 -6.99 -21.00 -12.38
C GLU B 416 -8.16 -20.42 -11.57
N LEU B 417 -7.89 -19.51 -10.65
CA LEU B 417 -8.93 -18.91 -9.83
C LEU B 417 -9.78 -17.94 -10.67
N GLY B 418 -9.20 -17.45 -11.76
CA GLY B 418 -9.92 -16.56 -12.65
C GLY B 418 -10.45 -15.24 -12.13
N SER B 419 -11.63 -14.86 -12.60
CA SER B 419 -12.24 -13.59 -12.22
C SER B 419 -12.50 -13.46 -10.73
N LYS B 420 -12.65 -14.59 -10.04
CA LYS B 420 -12.88 -14.55 -8.61
C LYS B 420 -11.59 -14.55 -7.79
N ALA B 421 -10.45 -14.38 -8.48
CA ALA B 421 -9.17 -14.38 -7.78
C ALA B 421 -8.97 -13.13 -6.92
N LYS B 422 -8.45 -13.34 -5.72
CA LYS B 422 -8.19 -12.23 -4.82
C LYS B 422 -6.68 -12.14 -4.57
N PHE B 423 -6.22 -10.92 -4.34
CA PHE B 423 -4.81 -10.61 -4.10
C PHE B 423 -4.72 -9.75 -2.84
N ALA B 424 -3.84 -10.13 -1.91
CA ALA B 424 -3.70 -9.39 -0.66
C ALA B 424 -3.30 -7.92 -0.85
N GLY B 425 -2.40 -7.65 -1.79
CA GLY B 425 -2.00 -6.26 -2.02
C GLY B 425 -1.49 -5.55 -0.77
N ARG B 426 -2.01 -4.37 -0.51
CA ARG B 426 -1.56 -3.60 0.63
C ARG B 426 -2.04 -4.14 1.99
N ASN B 427 -2.94 -5.11 1.94
CA ASN B 427 -3.45 -5.72 3.15
C ASN B 427 -2.78 -7.07 3.40
N PHE B 428 -1.52 -7.20 2.97
CA PHE B 428 -0.79 -8.47 3.13
C PHE B 428 -0.66 -9.01 4.55
N ARG B 429 -0.55 -8.11 5.52
CA ARG B 429 -0.42 -8.53 6.92
C ARG B 429 -1.68 -9.19 7.46
N ASN B 430 -2.84 -8.80 6.93
CA ASN B 430 -4.11 -9.38 7.34
C ASN B 430 -5.05 -9.31 6.15
N PRO B 431 -4.82 -10.17 5.14
CA PRO B 431 -5.64 -10.20 3.92
C PRO B 431 -7.14 -10.38 4.07
N LEU B 432 -7.58 -11.10 5.10
CA LEU B 432 -9.01 -11.29 5.27
C LEU B 432 -9.53 -10.46 6.44
N ALA B 433 -9.32 -9.15 6.34
CA ALA B 433 -9.74 -8.18 7.34
C ALA B 433 -10.45 -8.78 8.55
N SER C 2 -41.89 5.37 23.86
CA SER C 2 -41.99 5.56 22.39
C SER C 2 -40.62 5.41 21.71
N ILE C 3 -39.58 5.07 22.46
CA ILE C 3 -38.24 4.87 21.88
C ILE C 3 -38.22 3.49 21.26
N LEU C 4 -38.07 3.42 19.94
CA LEU C 4 -38.07 2.13 19.25
C LEU C 4 -36.67 1.53 19.05
N LYS C 5 -35.67 2.38 18.85
CA LYS C 5 -34.32 1.91 18.63
C LYS C 5 -33.29 2.98 18.89
N ILE C 6 -32.13 2.54 19.37
CA ILE C 6 -31.02 3.44 19.64
C ILE C 6 -29.77 2.71 19.15
N HIS C 7 -28.95 3.44 18.41
CA HIS C 7 -27.71 2.89 17.90
C HIS C 7 -26.67 4.00 17.87
N ALA C 8 -25.54 3.74 18.52
CA ALA C 8 -24.46 4.71 18.59
C ALA C 8 -23.32 4.29 17.67
N ARG C 9 -22.51 5.27 17.27
CA ARG C 9 -21.36 5.01 16.41
C ARG C 9 -20.26 6.02 16.73
N GLU C 10 -19.06 5.74 16.24
CA GLU C 10 -17.89 6.58 16.44
C GLU C 10 -17.78 7.49 15.20
N ILE C 11 -17.69 8.80 15.39
CA ILE C 11 -17.51 9.72 14.26
C ILE C 11 -16.34 10.63 14.63
N PHE C 12 -16.08 11.65 13.82
CA PHE C 12 -14.95 12.54 14.12
C PHE C 12 -15.35 13.97 14.44
N ASP C 13 -14.66 14.55 15.42
CA ASP C 13 -14.93 15.93 15.79
C ASP C 13 -14.11 16.87 14.91
N SER C 14 -14.21 18.17 15.16
CA SER C 14 -13.53 19.19 14.37
C SER C 14 -12.01 19.18 14.44
N ARG C 15 -11.45 18.42 15.38
CA ARG C 15 -10.00 18.32 15.50
C ARG C 15 -9.53 16.96 14.94
N GLY C 16 -10.48 16.18 14.43
CA GLY C 16 -10.13 14.89 13.88
C GLY C 16 -10.03 13.74 14.87
N ASN C 17 -10.54 13.93 16.08
CA ASN C 17 -10.52 12.87 17.08
C ASN C 17 -11.89 12.24 17.15
N PRO C 18 -11.95 10.94 17.48
CA PRO C 18 -13.24 10.24 17.58
C PRO C 18 -14.16 10.82 18.66
N THR C 19 -15.46 10.67 18.43
CA THR C 19 -16.44 11.08 19.43
C THR C 19 -17.70 10.30 19.19
N VAL C 20 -18.59 10.37 20.16
CA VAL C 20 -19.86 9.65 20.13
C VAL C 20 -20.97 10.35 19.37
N GLU C 21 -21.70 9.57 18.59
CA GLU C 21 -22.87 10.01 17.85
C GLU C 21 -23.95 8.98 18.12
N VAL C 22 -25.18 9.43 18.36
CA VAL C 22 -26.28 8.53 18.64
C VAL C 22 -27.44 8.70 17.69
N ASP C 23 -27.99 7.59 17.24
CA ASP C 23 -29.18 7.59 16.38
C ASP C 23 -30.31 7.04 17.25
N LEU C 24 -31.40 7.77 17.36
CA LEU C 24 -32.53 7.31 18.16
C LEU C 24 -33.76 7.36 17.26
N PHE C 25 -34.57 6.30 17.30
CA PHE C 25 -35.77 6.24 16.47
C PHE C 25 -37.07 6.10 17.28
N THR C 26 -38.10 6.80 16.81
CA THR C 26 -39.45 6.73 17.39
C THR C 26 -40.33 6.56 16.16
N SER C 27 -41.63 6.47 16.34
CA SER C 27 -42.51 6.32 15.19
C SER C 27 -42.41 7.56 14.29
N LYS C 28 -41.89 8.65 14.83
CA LYS C 28 -41.74 9.90 14.06
C LYS C 28 -40.50 9.93 13.16
N GLY C 29 -39.56 9.02 13.38
CA GLY C 29 -38.38 9.01 12.54
C GLY C 29 -37.04 8.89 13.24
N LEU C 30 -36.00 9.41 12.58
CA LEU C 30 -34.64 9.36 13.09
C LEU C 30 -34.19 10.66 13.75
N PHE C 31 -33.57 10.55 14.92
CA PHE C 31 -33.08 11.69 15.65
C PHE C 31 -31.61 11.43 15.95
N ARG C 32 -30.76 12.35 15.51
CA ARG C 32 -29.32 12.20 15.65
C ARG C 32 -28.63 13.33 16.41
N ALA C 33 -27.68 12.95 17.26
CA ALA C 33 -26.92 13.89 18.06
C ALA C 33 -25.49 13.38 18.24
N ALA C 34 -24.55 14.31 18.45
CA ALA C 34 -23.15 13.99 18.65
C ALA C 34 -22.63 14.74 19.88
N VAL C 35 -21.53 14.27 20.44
CA VAL C 35 -20.96 14.85 21.65
C VAL C 35 -19.67 15.63 21.40
N PRO C 36 -19.55 16.84 21.99
CA PRO C 36 -18.37 17.71 21.83
C PRO C 36 -17.28 17.23 22.80
N SER C 37 -16.07 17.77 22.64
CA SER C 37 -14.96 17.38 23.50
C SER C 37 -14.05 18.57 23.71
N GLY C 38 -13.75 18.88 24.97
CA GLY C 38 -12.87 20.01 25.24
C GLY C 38 -11.40 19.68 25.18
N ALA C 39 -10.57 20.73 25.18
CA ALA C 39 -9.12 20.55 25.17
C ALA C 39 -8.68 20.98 26.57
N SER C 40 -9.07 22.18 26.99
CA SER C 40 -8.72 22.64 28.34
C SER C 40 -9.87 22.22 29.25
N THR C 41 -9.93 20.91 29.54
CA THR C 41 -10.98 20.35 30.38
C THR C 41 -10.63 20.46 31.86
N GLY C 42 -11.55 21.06 32.63
CA GLY C 42 -11.33 21.20 34.05
C GLY C 42 -11.30 19.84 34.73
N ILE C 43 -10.55 19.74 35.82
CA ILE C 43 -10.44 18.48 36.53
C ILE C 43 -11.74 17.97 37.13
N TYR C 44 -12.75 18.83 37.28
CA TYR C 44 -14.02 18.36 37.86
C TYR C 44 -15.11 17.97 36.87
N GLU C 45 -14.80 18.05 35.58
CA GLU C 45 -15.77 17.71 34.55
C GLU C 45 -16.15 16.24 34.68
N ALA C 46 -17.36 15.88 34.27
CA ALA C 46 -17.78 14.49 34.33
C ALA C 46 -16.83 13.75 33.38
N LEU C 47 -16.71 12.44 33.54
CA LEU C 47 -15.76 11.68 32.74
C LEU C 47 -16.07 11.48 31.25
N GLU C 48 -15.12 11.91 30.42
CA GLU C 48 -15.20 11.72 28.98
C GLU C 48 -14.46 10.38 28.84
N LEU C 49 -15.18 9.29 28.57
CA LEU C 49 -14.57 7.97 28.46
C LEU C 49 -13.84 7.70 27.14
N ARG C 50 -12.51 7.59 27.21
CA ARG C 50 -11.66 7.31 26.05
C ARG C 50 -11.20 5.85 26.20
N ASP C 51 -10.86 5.22 25.08
CA ASP C 51 -10.42 3.83 25.09
C ASP C 51 -9.01 3.67 25.63
N ASN C 52 -8.18 4.67 25.40
CA ASN C 52 -6.80 4.67 25.88
C ASN C 52 -5.93 3.55 25.31
N ASP C 53 -6.14 3.25 24.04
CA ASP C 53 -5.37 2.26 23.31
C ASP C 53 -4.40 3.07 22.47
N LYS C 54 -3.18 3.25 22.97
CA LYS C 54 -2.17 4.05 22.29
C LYS C 54 -1.89 3.71 20.84
N THR C 55 -2.36 2.56 20.38
CA THR C 55 -2.15 2.16 18.99
C THR C 55 -3.29 2.66 18.10
N ARG C 56 -4.39 3.08 18.71
CA ARG C 56 -5.56 3.54 17.96
C ARG C 56 -5.96 4.97 18.31
N TYR C 57 -5.83 5.87 17.34
CA TYR C 57 -6.18 7.27 17.54
C TYR C 57 -5.38 7.90 18.68
N MET C 58 -4.18 7.38 18.89
CA MET C 58 -3.31 7.90 19.93
C MET C 58 -3.98 7.80 21.30
N GLY C 59 -4.88 6.82 21.43
CA GLY C 59 -5.57 6.57 22.67
C GLY C 59 -6.92 7.26 22.84
N LYS C 60 -7.40 7.95 21.81
CA LYS C 60 -8.64 8.69 21.90
C LYS C 60 -9.90 8.06 21.29
N GLY C 61 -9.88 6.75 21.13
CA GLY C 61 -11.05 6.09 20.59
C GLY C 61 -12.20 6.18 21.60
N VAL C 62 -13.42 6.01 21.14
CA VAL C 62 -14.58 6.05 22.04
C VAL C 62 -15.46 4.83 21.81
N SER C 63 -14.87 3.74 21.30
CA SER C 63 -15.62 2.52 21.07
C SER C 63 -16.23 1.95 22.35
N LYS C 64 -15.59 2.18 23.49
CA LYS C 64 -16.12 1.69 24.76
C LYS C 64 -17.42 2.42 25.10
N ALA C 65 -17.35 3.75 25.03
CA ALA C 65 -18.51 4.59 25.28
C ALA C 65 -19.62 4.16 24.33
N VAL C 66 -19.26 3.97 23.06
CA VAL C 66 -20.22 3.56 22.03
C VAL C 66 -20.80 2.19 22.36
N GLU C 67 -19.97 1.28 22.87
CA GLU C 67 -20.44 -0.04 23.21
C GLU C 67 -21.37 0.01 24.41
N HIS C 68 -21.04 0.85 25.40
CA HIS C 68 -21.90 0.97 26.58
C HIS C 68 -23.30 1.35 26.16
N ILE C 69 -23.41 2.20 25.14
CA ILE C 69 -24.72 2.62 24.66
C ILE C 69 -25.41 1.47 23.93
N ASN C 70 -24.72 0.91 22.94
CA ASN C 70 -25.29 -0.16 22.15
C ASN C 70 -25.60 -1.42 22.93
N LYS C 71 -24.70 -1.85 23.81
CA LYS C 71 -24.95 -3.07 24.59
C LYS C 71 -25.74 -2.90 25.90
N THR C 72 -25.62 -1.75 26.55
CA THR C 72 -26.32 -1.56 27.83
C THR C 72 -27.45 -0.54 27.89
N ILE C 73 -27.16 0.71 27.57
CA ILE C 73 -28.19 1.74 27.65
C ILE C 73 -29.34 1.54 26.68
N ALA C 74 -29.02 1.26 25.42
CA ALA C 74 -30.07 1.11 24.41
C ALA C 74 -31.14 0.08 24.76
N PRO C 75 -30.75 -1.19 25.00
CA PRO C 75 -31.76 -2.21 25.33
C PRO C 75 -32.59 -1.86 26.57
N ALA C 76 -31.95 -1.23 27.56
CA ALA C 76 -32.67 -0.84 28.76
C ALA C 76 -33.77 0.19 28.42
N LEU C 77 -33.42 1.26 27.70
CA LEU C 77 -34.42 2.27 27.36
C LEU C 77 -35.50 1.78 26.41
N VAL C 78 -35.12 0.94 25.47
CA VAL C 78 -36.09 0.41 24.52
C VAL C 78 -37.04 -0.51 25.29
N SER C 79 -36.50 -1.19 26.30
CA SER C 79 -37.30 -2.09 27.13
C SER C 79 -38.32 -1.34 27.96
N LYS C 80 -37.87 -0.31 28.68
CA LYS C 80 -38.73 0.47 29.53
C LYS C 80 -39.88 1.15 28.78
N LYS C 81 -39.78 1.22 27.47
CA LYS C 81 -40.83 1.87 26.69
C LYS C 81 -41.10 3.25 27.31
N LEU C 82 -40.06 4.05 27.42
CA LEU C 82 -40.16 5.40 27.98
C LEU C 82 -40.50 6.40 26.87
N ASN C 83 -41.38 7.34 27.15
CA ASN C 83 -41.74 8.34 26.16
C ASN C 83 -40.64 9.41 26.04
N VAL C 84 -40.25 9.74 24.81
CA VAL C 84 -39.19 10.72 24.60
C VAL C 84 -39.41 12.11 25.16
N THR C 85 -40.66 12.47 25.43
CA THR C 85 -40.91 13.79 25.99
C THR C 85 -40.56 13.81 27.48
N GLU C 86 -40.36 12.66 28.09
CA GLU C 86 -40.02 12.60 29.52
C GLU C 86 -38.51 12.68 29.75
N GLN C 87 -37.94 13.83 29.38
CA GLN C 87 -36.50 14.06 29.48
C GLN C 87 -35.95 13.77 30.86
N GLU C 88 -36.62 14.26 31.89
CA GLU C 88 -36.09 14.04 33.23
C GLU C 88 -36.07 12.56 33.64
N LYS C 89 -37.15 11.83 33.38
CA LYS C 89 -37.19 10.41 33.73
C LYS C 89 -36.10 9.60 33.03
N ILE C 90 -35.92 9.84 31.74
CA ILE C 90 -34.92 9.12 30.98
C ILE C 90 -33.50 9.45 31.46
N ASP C 91 -33.22 10.74 31.66
CA ASP C 91 -31.89 11.11 32.12
C ASP C 91 -31.64 10.49 33.48
N LYS C 92 -32.62 10.59 34.39
CA LYS C 92 -32.46 10.01 35.71
C LYS C 92 -32.19 8.51 35.65
N LEU C 93 -32.87 7.82 34.75
CA LEU C 93 -32.68 6.37 34.59
C LEU C 93 -31.22 6.07 34.24
N MET C 94 -30.68 6.80 33.28
CA MET C 94 -29.30 6.59 32.84
C MET C 94 -28.32 6.92 33.95
N ILE C 95 -28.63 7.95 34.73
CA ILE C 95 -27.76 8.34 35.80
C ILE C 95 -27.72 7.25 36.88
N GLU C 96 -28.85 6.58 37.07
CA GLU C 96 -28.95 5.50 38.04
C GLU C 96 -28.19 4.28 37.55
N MET C 97 -28.41 3.91 36.28
CA MET C 97 -27.74 2.77 35.70
C MET C 97 -26.23 2.93 35.80
N ASP C 98 -25.73 4.12 35.55
CA ASP C 98 -24.30 4.37 35.65
C ASP C 98 -23.89 4.22 37.12
N GLY C 99 -24.67 4.86 37.99
CA GLY C 99 -24.45 4.78 39.43
C GLY C 99 -23.23 5.44 40.03
N THR C 100 -22.44 6.15 39.24
CA THR C 100 -21.26 6.81 39.80
C THR C 100 -21.48 8.31 39.83
N GLU C 101 -20.66 9.01 40.62
CA GLU C 101 -20.75 10.46 40.77
C GLU C 101 -20.41 11.22 39.49
N ASN C 102 -19.40 10.74 38.76
CA ASN C 102 -18.99 11.41 37.53
C ASN C 102 -19.21 10.64 36.24
N LYS C 103 -20.22 9.78 36.25
CA LYS C 103 -20.56 8.99 35.08
C LYS C 103 -19.31 8.29 34.55
N SER C 104 -18.58 7.65 35.46
CA SER C 104 -17.37 6.94 35.09
C SER C 104 -17.59 5.51 34.62
N LYS C 105 -18.83 5.03 34.69
CA LYS C 105 -19.09 3.67 34.22
C LYS C 105 -19.35 3.64 32.70
N PHE C 106 -20.34 4.38 32.23
CA PHE C 106 -20.63 4.42 30.79
C PHE C 106 -19.86 5.55 30.14
N GLY C 107 -19.52 6.54 30.96
CA GLY C 107 -18.83 7.73 30.46
C GLY C 107 -19.88 8.82 30.27
N ALA C 108 -19.54 10.06 30.58
CA ALA C 108 -20.51 11.15 30.39
C ALA C 108 -20.81 11.31 28.90
N ASN C 109 -19.83 11.00 28.05
CA ASN C 109 -20.06 11.13 26.61
C ASN C 109 -21.05 10.10 26.08
N ALA C 110 -21.19 8.96 26.74
CA ALA C 110 -22.16 7.96 26.28
C ALA C 110 -23.57 8.41 26.70
N ILE C 111 -23.70 8.83 27.95
CA ILE C 111 -24.98 9.29 28.48
C ILE C 111 -25.49 10.56 27.79
N LEU C 112 -24.64 11.57 27.63
CA LEU C 112 -25.05 12.81 26.97
C LEU C 112 -25.53 12.57 25.55
N GLY C 113 -24.82 11.71 24.83
CA GLY C 113 -25.21 11.39 23.46
C GLY C 113 -26.66 10.96 23.37
N VAL C 114 -27.06 10.05 24.24
CA VAL C 114 -28.43 9.56 24.25
C VAL C 114 -29.38 10.69 24.72
N SER C 115 -28.99 11.40 25.77
CA SER C 115 -29.78 12.50 26.34
C SER C 115 -30.12 13.54 25.25
N LEU C 116 -29.13 13.90 24.43
CA LEU C 116 -29.33 14.88 23.37
C LEU C 116 -30.29 14.36 22.30
N ALA C 117 -30.14 13.10 21.91
CA ALA C 117 -31.02 12.49 20.91
C ALA C 117 -32.46 12.38 21.44
N VAL C 118 -32.60 12.07 22.73
CA VAL C 118 -33.93 11.99 23.33
C VAL C 118 -34.61 13.37 23.27
N CYS C 119 -33.87 14.40 23.62
CA CYS C 119 -34.43 15.76 23.62
C CYS C 119 -34.90 16.17 22.22
N LYS C 120 -34.13 15.83 21.19
CA LYS C 120 -34.53 16.18 19.83
C LYS C 120 -35.81 15.42 19.44
N ALA C 121 -35.90 14.15 19.80
CA ALA C 121 -37.10 13.39 19.49
C ALA C 121 -38.30 13.96 20.26
N GLY C 122 -38.07 14.32 21.52
CA GLY C 122 -39.14 14.88 22.34
C GLY C 122 -39.84 16.07 21.72
N ALA C 123 -39.05 16.97 21.13
CA ALA C 123 -39.59 18.17 20.49
C ALA C 123 -40.46 17.82 19.28
N VAL C 124 -39.95 16.96 18.39
CA VAL C 124 -40.70 16.57 17.20
C VAL C 124 -41.99 15.83 17.60
N GLU C 125 -41.90 15.06 18.67
CA GLU C 125 -43.04 14.33 19.19
C GLU C 125 -44.13 15.32 19.62
N LYS C 126 -43.71 16.48 20.11
CA LYS C 126 -44.65 17.52 20.54
C LYS C 126 -45.05 18.46 19.40
N GLY C 127 -44.47 18.25 18.21
CA GLY C 127 -44.78 19.07 17.05
C GLY C 127 -44.26 20.49 17.21
N VAL C 128 -43.20 20.62 17.98
CA VAL C 128 -42.63 21.92 18.28
C VAL C 128 -41.13 22.04 17.95
N PRO C 129 -40.66 23.24 17.57
CA PRO C 129 -39.24 23.40 17.26
C PRO C 129 -38.44 23.05 18.53
N LEU C 130 -37.22 22.59 18.34
CA LEU C 130 -36.42 22.20 19.49
C LEU C 130 -36.21 23.29 20.53
N TYR C 131 -36.01 24.55 20.10
CA TYR C 131 -35.82 25.62 21.09
C TYR C 131 -37.07 25.82 21.95
N ARG C 132 -38.23 25.55 21.38
CA ARG C 132 -39.51 25.69 22.10
C ARG C 132 -39.68 24.56 23.10
N HIS C 133 -39.21 23.38 22.74
CA HIS C 133 -39.26 22.22 23.63
C HIS C 133 -38.31 22.50 24.80
N ILE C 134 -37.16 23.08 24.51
CA ILE C 134 -36.20 23.40 25.57
C ILE C 134 -36.83 24.43 26.52
N ALA C 135 -37.46 25.45 25.94
CA ALA C 135 -38.11 26.51 26.72
C ALA C 135 -39.18 25.89 27.62
N ASP C 136 -39.93 24.93 27.09
CA ASP C 136 -40.96 24.27 27.89
C ASP C 136 -40.30 23.54 29.04
N LEU C 137 -39.31 22.72 28.72
CA LEU C 137 -38.61 21.95 29.74
C LEU C 137 -38.01 22.84 30.82
N ALA C 138 -37.58 24.03 30.45
CA ALA C 138 -36.95 24.96 31.39
C ALA C 138 -37.95 25.91 32.08
N GLY C 139 -39.22 25.86 31.67
CA GLY C 139 -40.21 26.72 32.29
C GLY C 139 -40.21 28.16 31.82
N ASN C 140 -39.75 28.40 30.58
CA ASN C 140 -39.73 29.74 30.01
C ASN C 140 -40.92 29.92 29.07
N SER C 141 -41.59 31.07 29.15
CA SER C 141 -42.74 31.35 28.31
C SER C 141 -42.35 32.20 27.11
N GLU C 142 -41.09 32.61 27.07
CA GLU C 142 -40.60 33.42 25.96
C GLU C 142 -39.33 32.78 25.47
N VAL C 143 -38.86 33.25 24.34
CA VAL C 143 -37.65 32.74 23.76
C VAL C 143 -36.95 33.98 23.23
N ILE C 144 -35.62 34.04 23.29
CA ILE C 144 -34.92 35.20 22.76
C ILE C 144 -33.57 34.86 22.13
N LEU C 145 -33.21 35.59 21.08
CA LEU C 145 -31.92 35.38 20.41
C LEU C 145 -30.81 35.98 21.27
N PRO C 146 -29.72 35.23 21.44
CA PRO C 146 -28.57 35.67 22.24
C PRO C 146 -27.60 36.55 21.47
N VAL C 147 -26.76 37.29 22.20
CA VAL C 147 -25.73 38.08 21.55
C VAL C 147 -24.64 37.02 21.40
N PRO C 148 -24.00 36.94 20.22
CA PRO C 148 -22.93 35.95 20.04
C PRO C 148 -21.59 36.48 20.49
N ALA C 149 -20.75 35.61 21.05
CA ALA C 149 -19.41 36.01 21.49
C ALA C 149 -18.45 35.22 20.60
N PHE C 150 -17.90 35.90 19.60
CA PHE C 150 -16.98 35.28 18.64
C PHE C 150 -15.52 35.33 19.10
N ASN C 151 -14.92 34.15 19.21
CA ASN C 151 -13.54 33.95 19.62
C ASN C 151 -12.69 34.16 18.37
N VAL C 152 -12.35 35.41 18.05
CA VAL C 152 -11.61 35.69 16.83
C VAL C 152 -10.08 35.63 16.86
N ILE C 153 -9.49 35.53 18.04
CA ILE C 153 -8.04 35.38 18.15
C ILE C 153 -7.88 34.25 19.16
N ASN C 154 -7.24 33.17 18.73
CA ASN C 154 -7.07 32.01 19.58
C ASN C 154 -5.70 31.91 20.25
N GLY C 155 -5.70 31.51 21.52
CA GLY C 155 -4.46 31.36 22.26
C GLY C 155 -4.55 30.12 23.14
N GLY C 156 -3.74 30.09 24.20
CA GLY C 156 -3.74 28.97 25.12
C GLY C 156 -3.64 27.62 24.43
N SER C 157 -4.39 26.64 24.96
CA SER C 157 -4.36 25.30 24.42
C SER C 157 -5.08 25.10 23.09
N HIS C 158 -5.66 26.16 22.54
CA HIS C 158 -6.39 26.05 21.28
C HIS C 158 -5.56 26.52 20.07
N ALA C 159 -4.37 27.06 20.30
CA ALA C 159 -3.59 27.60 19.20
C ALA C 159 -2.07 27.43 19.25
N GLY C 160 -1.46 27.42 18.07
CA GLY C 160 -0.02 27.28 17.97
C GLY C 160 0.68 28.62 18.02
N ASN C 161 0.86 29.13 19.23
CA ASN C 161 1.53 30.40 19.48
C ASN C 161 1.87 30.48 20.95
N LYS C 162 2.47 31.59 21.35
CA LYS C 162 2.84 31.81 22.75
C LYS C 162 1.66 32.33 23.56
N LEU C 163 0.83 33.16 22.93
CA LEU C 163 -0.35 33.76 23.57
C LEU C 163 -0.96 32.78 24.56
N ALA C 164 -0.80 33.08 25.84
CA ALA C 164 -1.28 32.23 26.93
C ALA C 164 -2.79 32.24 27.14
N MET C 165 -3.40 33.41 27.11
CA MET C 165 -4.84 33.48 27.31
C MET C 165 -5.54 32.81 26.16
N GLN C 166 -6.50 31.95 26.51
CA GLN C 166 -7.23 31.14 25.53
C GLN C 166 -8.09 31.80 24.46
N GLU C 167 -9.00 32.69 24.85
CA GLU C 167 -9.88 33.29 23.85
C GLU C 167 -10.11 34.80 23.98
N PHE C 168 -10.15 35.46 22.83
CA PHE C 168 -10.39 36.91 22.75
C PHE C 168 -11.67 37.03 21.94
N MET C 169 -12.74 37.46 22.61
CA MET C 169 -14.06 37.55 21.97
C MET C 169 -14.63 38.94 21.75
N ILE C 170 -15.42 39.06 20.68
CA ILE C 170 -16.09 40.29 20.36
C ILE C 170 -17.58 39.95 20.41
N LEU C 171 -18.33 40.82 21.09
CA LEU C 171 -19.77 40.66 21.25
C LEU C 171 -20.51 41.88 20.71
N PRO C 172 -21.28 41.71 19.63
CA PRO C 172 -22.03 42.81 19.03
C PRO C 172 -23.28 43.11 19.86
N VAL C 173 -23.10 43.61 21.08
CA VAL C 173 -24.27 43.91 21.91
C VAL C 173 -25.11 45.05 21.33
N GLY C 174 -24.50 45.88 20.48
CA GLY C 174 -25.20 47.00 19.88
C GLY C 174 -26.01 46.71 18.62
N ALA C 175 -25.99 45.46 18.15
CA ALA C 175 -26.74 45.09 16.94
C ALA C 175 -28.25 45.15 17.18
N ALA C 176 -29.03 45.31 16.12
CA ALA C 176 -30.49 45.40 16.22
C ALA C 176 -31.16 44.05 16.33
N ASN C 177 -30.54 43.02 15.74
CA ASN C 177 -31.07 41.68 15.77
C ASN C 177 -29.91 40.71 15.53
N PHE C 178 -30.21 39.42 15.54
CA PHE C 178 -29.14 38.44 15.36
C PHE C 178 -28.46 38.51 14.00
N ARG C 179 -29.24 38.71 12.93
CA ARG C 179 -28.61 38.79 11.62
C ARG C 179 -27.56 39.90 11.61
N GLU C 180 -27.89 41.05 12.19
CA GLU C 180 -26.91 42.13 12.22
C GLU C 180 -25.73 41.75 13.11
N ALA C 181 -25.97 40.92 14.13
CA ALA C 181 -24.89 40.48 15.03
C ALA C 181 -23.88 39.65 14.20
N MET C 182 -24.40 38.79 13.35
CA MET C 182 -23.56 37.97 12.49
C MET C 182 -22.77 38.84 11.53
N ARG C 183 -23.46 39.80 10.91
CA ARG C 183 -22.80 40.68 9.95
C ARG C 183 -21.62 41.39 10.60
N ILE C 184 -21.85 41.95 11.78
CA ILE C 184 -20.80 42.66 12.48
C ILE C 184 -19.65 41.72 12.80
N GLY C 185 -19.98 40.55 13.35
CA GLY C 185 -18.92 39.60 13.68
C GLY C 185 -18.09 39.21 12.46
N ALA C 186 -18.76 38.95 11.34
CA ALA C 186 -18.11 38.54 10.11
C ALA C 186 -17.24 39.68 9.56
N GLU C 187 -17.81 40.87 9.43
CA GLU C 187 -17.07 42.02 8.93
C GLU C 187 -15.88 42.35 9.82
N VAL C 188 -16.04 42.31 11.13
CA VAL C 188 -14.92 42.59 12.01
C VAL C 188 -13.86 41.50 11.87
N TYR C 189 -14.31 40.25 11.69
CA TYR C 189 -13.37 39.13 11.54
C TYR C 189 -12.49 39.29 10.28
N HIS C 190 -13.13 39.60 9.16
CA HIS C 190 -12.38 39.77 7.92
C HIS C 190 -11.49 40.99 7.99
N ASN C 191 -11.96 42.03 8.66
CA ASN C 191 -11.12 43.22 8.80
C ASN C 191 -9.91 42.86 9.64
N LEU C 192 -10.11 42.05 10.68
CA LEU C 192 -9.02 41.65 11.57
C LEU C 192 -7.96 40.84 10.85
N LYS C 193 -8.37 40.10 9.83
CA LYS C 193 -7.43 39.29 9.06
C LYS C 193 -6.45 40.23 8.38
N ASN C 194 -6.98 41.26 7.72
CA ASN C 194 -6.12 42.23 7.04
C ASN C 194 -5.25 42.98 8.03
N VAL C 195 -5.81 43.31 9.18
CA VAL C 195 -5.05 44.03 10.19
C VAL C 195 -3.87 43.18 10.64
N ILE C 196 -4.14 41.92 10.96
CA ILE C 196 -3.07 41.02 11.40
C ILE C 196 -2.08 40.77 10.27
N LYS C 197 -2.58 40.56 9.06
CA LYS C 197 -1.68 40.30 7.94
C LYS C 197 -0.75 41.49 7.70
N GLU C 198 -1.31 42.69 7.68
CA GLU C 198 -0.51 43.87 7.43
C GLU C 198 0.56 44.11 8.48
N LYS C 199 0.31 43.70 9.71
CA LYS C 199 1.27 43.91 10.79
C LYS C 199 2.21 42.74 11.05
N TYR C 200 1.70 41.51 10.95
CA TYR C 200 2.52 40.35 11.21
C TYR C 200 2.83 39.48 10.00
N GLY C 201 2.19 39.78 8.87
CA GLY C 201 2.43 38.98 7.67
C GLY C 201 1.45 37.85 7.51
N LYS C 202 1.47 37.21 6.33
CA LYS C 202 0.55 36.12 6.04
C LYS C 202 0.63 34.92 6.99
N ASP C 203 1.82 34.58 7.45
CA ASP C 203 2.00 33.44 8.34
C ASP C 203 1.19 33.53 9.63
N ALA C 204 0.78 34.74 10.02
CA ALA C 204 0.01 34.92 11.24
C ALA C 204 -1.49 34.85 11.01
N THR C 205 -1.91 34.66 9.76
CA THR C 205 -3.34 34.61 9.42
C THR C 205 -4.02 33.24 9.36
N ASN C 206 -3.35 32.21 9.87
CA ASN C 206 -3.95 30.88 9.88
C ASN C 206 -4.80 30.80 11.15
N VAL C 207 -5.65 29.78 11.28
CA VAL C 207 -6.53 29.71 12.45
C VAL C 207 -6.28 28.62 13.48
N GLY C 208 -6.79 28.88 14.70
CA GLY C 208 -6.67 27.94 15.81
C GLY C 208 -7.88 27.01 15.87
N ASP C 209 -8.00 26.23 16.92
CA ASP C 209 -9.11 25.28 17.02
C ASP C 209 -10.52 25.82 16.86
N GLU C 210 -10.78 27.05 17.31
CA GLU C 210 -12.13 27.60 17.21
C GLU C 210 -12.34 28.62 16.10
N GLY C 211 -11.45 28.60 15.11
CA GLY C 211 -11.57 29.48 13.96
C GLY C 211 -10.97 30.86 14.06
N GLY C 212 -10.50 31.23 15.24
CA GLY C 212 -9.89 32.53 15.40
C GLY C 212 -8.48 32.51 14.86
N PHE C 213 -7.97 33.67 14.46
CA PHE C 213 -6.61 33.74 13.94
C PHE C 213 -5.64 33.41 15.05
N ALA C 214 -4.53 32.78 14.69
CA ALA C 214 -3.51 32.41 15.66
C ALA C 214 -2.21 33.15 15.33
N PRO C 215 -2.19 34.47 15.56
CA PRO C 215 -0.97 35.24 15.27
C PRO C 215 0.14 34.86 16.24
N ASN C 216 1.38 35.03 15.80
CA ASN C 216 2.52 34.70 16.64
C ASN C 216 2.84 35.83 17.60
N ILE C 217 2.00 36.00 18.61
CA ILE C 217 2.21 37.03 19.61
C ILE C 217 2.23 36.38 20.97
N LEU C 218 2.68 37.14 21.97
CA LEU C 218 2.78 36.64 23.34
C LEU C 218 1.99 37.50 24.31
N GLU C 219 2.00 38.80 24.08
CA GLU C 219 1.31 39.73 24.96
C GLU C 219 -0.20 39.72 24.73
N ASN C 220 -0.93 39.37 25.78
CA ASN C 220 -2.37 39.31 25.71
C ASN C 220 -2.94 40.68 25.39
N LYS C 221 -2.25 41.73 25.86
CA LYS C 221 -2.71 43.08 25.57
C LYS C 221 -2.72 43.35 24.07
N GLU C 222 -1.78 42.74 23.35
CA GLU C 222 -1.70 42.93 21.91
C GLU C 222 -2.93 42.27 21.28
N GLY C 223 -3.41 41.20 21.90
CA GLY C 223 -4.59 40.54 21.39
C GLY C 223 -5.76 41.50 21.45
N LEU C 224 -5.89 42.21 22.57
CA LEU C 224 -6.97 43.17 22.76
C LEU C 224 -6.82 44.36 21.83
N GLU C 225 -5.60 44.85 21.67
CA GLU C 225 -5.35 45.99 20.79
C GLU C 225 -5.77 45.64 19.38
N LEU C 226 -5.44 44.42 18.94
CA LEU C 226 -5.80 43.97 17.59
C LEU C 226 -7.31 44.01 17.40
N LEU C 227 -8.04 43.46 18.38
CA LEU C 227 -9.50 43.46 18.32
C LEU C 227 -9.96 44.90 18.18
N LYS C 228 -9.42 45.75 19.05
CA LYS C 228 -9.76 47.17 19.05
C LYS C 228 -9.61 47.84 17.69
N THR C 229 -8.50 47.60 17.00
CA THR C 229 -8.34 48.26 15.70
C THR C 229 -9.21 47.64 14.60
N ALA C 230 -9.40 46.34 14.64
CA ALA C 230 -10.22 45.68 13.61
C ALA C 230 -11.66 46.16 13.79
N ILE C 231 -12.07 46.34 15.03
CA ILE C 231 -13.41 46.81 15.31
C ILE C 231 -13.60 48.20 14.72
N GLY C 232 -12.63 49.09 14.98
CA GLY C 232 -12.72 50.44 14.45
C GLY C 232 -12.67 50.44 12.95
N LYS C 233 -11.74 49.68 12.38
CA LYS C 233 -11.57 49.58 10.95
C LYS C 233 -12.89 49.18 10.28
N ALA C 234 -13.64 48.29 10.92
CA ALA C 234 -14.92 47.84 10.37
C ALA C 234 -16.04 48.84 10.70
N GLY C 235 -15.74 49.81 11.57
CA GLY C 235 -16.74 50.82 11.92
C GLY C 235 -17.82 50.42 12.91
N TYR C 236 -17.51 49.59 13.89
CA TYR C 236 -18.50 49.16 14.87
C TYR C 236 -18.04 49.34 16.30
N THR C 237 -17.21 50.36 16.54
CA THR C 237 -16.69 50.62 17.87
C THR C 237 -17.80 50.89 18.89
N ASP C 238 -18.89 51.48 18.40
CA ASP C 238 -20.04 51.84 19.22
C ASP C 238 -21.02 50.69 19.40
N LYS C 239 -20.76 49.57 18.74
CA LYS C 239 -21.67 48.42 18.85
C LYS C 239 -21.04 47.13 19.35
N VAL C 240 -19.74 47.15 19.64
CA VAL C 240 -19.02 45.96 20.08
C VAL C 240 -18.26 46.05 21.41
N VAL C 241 -18.42 45.04 22.24
CA VAL C 241 -17.70 44.98 23.51
C VAL C 241 -16.87 43.69 23.48
N ILE C 242 -15.96 43.54 24.44
CA ILE C 242 -15.08 42.38 24.44
C ILE C 242 -15.21 41.44 25.60
N GLY C 243 -14.97 40.16 25.31
CA GLY C 243 -15.03 39.13 26.33
C GLY C 243 -13.77 38.30 26.22
N MET C 244 -13.40 37.65 27.31
CA MET C 244 -12.19 36.84 27.33
C MET C 244 -12.39 35.55 28.11
N ASP C 245 -11.71 34.49 27.67
CA ASP C 245 -11.72 33.26 28.42
C ASP C 245 -10.23 33.05 28.65
N VAL C 246 -9.79 33.31 29.87
CA VAL C 246 -8.39 33.17 30.21
C VAL C 246 -8.00 31.71 30.31
N ALA C 247 -8.90 30.89 30.85
CA ALA C 247 -8.65 29.45 31.04
C ALA C 247 -7.38 29.32 31.90
N ALA C 248 -7.33 30.09 32.98
CA ALA C 248 -6.20 30.12 33.90
C ALA C 248 -5.78 28.78 34.49
N SER C 249 -6.69 27.83 34.58
CA SER C 249 -6.32 26.54 35.15
C SER C 249 -5.26 25.87 34.27
N GLU C 250 -5.22 26.27 33.00
CA GLU C 250 -4.27 25.69 32.07
C GLU C 250 -2.82 26.06 32.39
N PHE C 251 -2.61 27.28 32.89
CA PHE C 251 -1.26 27.70 33.23
C PHE C 251 -1.06 27.98 34.72
N PHE C 252 -1.81 27.24 35.56
CA PHE C 252 -1.72 27.35 37.01
C PHE C 252 -0.51 26.53 37.46
N ARG C 253 0.42 27.16 38.16
CA ARG C 253 1.62 26.48 38.64
C ARG C 253 1.80 26.71 40.15
N SER C 254 1.38 25.71 40.93
CA SER C 254 1.50 25.76 42.39
C SER C 254 1.17 27.09 43.06
N GLY C 255 0.06 27.71 42.68
CA GLY C 255 -0.30 28.97 43.30
C GLY C 255 -0.02 30.19 42.46
N LYS C 256 0.90 30.07 41.51
CA LYS C 256 1.20 31.20 40.66
C LYS C 256 0.75 30.91 39.24
N TYR C 257 0.84 31.90 38.38
CA TYR C 257 0.40 31.73 37.01
C TYR C 257 1.52 32.05 36.03
N ASP C 258 1.63 31.21 35.00
CA ASP C 258 2.65 31.34 33.98
C ASP C 258 2.03 31.78 32.66
N LEU C 259 2.17 33.07 32.34
CA LEU C 259 1.61 33.62 31.11
C LEU C 259 2.45 33.35 29.85
N ASP C 260 3.38 32.42 29.94
CA ASP C 260 4.21 32.04 28.80
C ASP C 260 4.44 30.54 28.96
N PHE C 261 3.40 29.86 29.46
CA PHE C 261 3.45 28.43 29.72
C PHE C 261 3.65 27.55 28.49
N LYS C 262 3.63 28.14 27.31
CA LYS C 262 3.84 27.35 26.11
C LYS C 262 5.31 27.43 25.67
N SER C 263 6.13 28.01 26.55
CA SER C 263 7.57 28.15 26.35
C SER C 263 8.23 27.32 27.46
N PRO C 264 9.45 26.83 27.24
CA PRO C 264 10.15 26.02 28.24
C PRO C 264 10.04 26.64 29.64
N ASP C 265 9.56 25.84 30.59
CA ASP C 265 9.34 26.33 31.96
C ASP C 265 10.44 27.24 32.51
N ASP C 266 10.05 28.06 33.48
CA ASP C 266 10.96 29.00 34.12
C ASP C 266 10.17 29.81 35.14
N PRO C 267 10.06 29.29 36.38
CA PRO C 267 9.34 29.89 37.50
C PRO C 267 9.55 31.37 37.72
N SER C 268 10.71 31.89 37.32
CA SER C 268 10.97 33.31 37.51
C SER C 268 9.96 34.21 36.82
N ARG C 269 9.25 33.67 35.83
CA ARG C 269 8.25 34.47 35.11
C ARG C 269 6.86 34.39 35.76
N TYR C 270 6.59 33.32 36.50
CA TYR C 270 5.31 33.15 37.17
C TYR C 270 4.91 34.43 37.89
N ILE C 271 3.62 34.69 37.96
CA ILE C 271 3.13 35.87 38.66
C ILE C 271 2.11 35.43 39.69
N SER C 272 1.75 36.36 40.58
CA SER C 272 0.80 36.06 41.63
C SER C 272 -0.64 36.31 41.19
N PRO C 273 -1.60 35.75 41.95
CA PRO C 273 -3.00 35.96 41.59
C PRO C 273 -3.31 37.46 41.63
N ASP C 274 -2.73 38.16 42.61
CA ASP C 274 -2.94 39.60 42.74
C ASP C 274 -2.41 40.31 41.50
N GLN C 275 -1.25 39.85 41.02
CA GLN C 275 -0.65 40.42 39.84
C GLN C 275 -1.52 40.15 38.62
N LEU C 276 -2.02 38.93 38.50
CA LEU C 276 -2.88 38.56 37.38
C LEU C 276 -4.15 39.42 37.47
N ALA C 277 -4.66 39.59 38.69
CA ALA C 277 -5.85 40.40 38.91
C ALA C 277 -5.63 41.84 38.46
N ASP C 278 -4.46 42.39 38.74
CA ASP C 278 -4.18 43.77 38.33
C ASP C 278 -4.06 43.87 36.82
N LEU C 279 -3.55 42.79 36.21
CA LEU C 279 -3.42 42.77 34.76
C LEU C 279 -4.84 42.89 34.17
N TYR C 280 -5.76 42.09 34.71
CA TYR C 280 -7.15 42.13 34.24
C TYR C 280 -7.77 43.51 34.37
N LYS C 281 -7.57 44.15 35.51
CA LYS C 281 -8.13 45.47 35.73
C LYS C 281 -7.57 46.51 34.75
N SER C 282 -6.33 46.32 34.28
CA SER C 282 -5.78 47.27 33.33
C SER C 282 -6.51 47.07 32.00
N PHE C 283 -6.78 45.81 31.66
CA PHE C 283 -7.49 45.47 30.43
C PHE C 283 -8.88 46.09 30.46
N ILE C 284 -9.56 45.93 31.59
CA ILE C 284 -10.90 46.47 31.79
C ILE C 284 -10.87 47.98 31.70
N LYS C 285 -9.75 48.58 32.11
CA LYS C 285 -9.62 50.02 32.07
C LYS C 285 -9.35 50.51 30.65
N ASP C 286 -8.42 49.86 29.96
CA ASP C 286 -8.02 50.27 28.62
C ASP C 286 -8.88 49.78 27.46
N TYR C 287 -9.72 48.78 27.69
CA TYR C 287 -10.56 48.25 26.63
C TYR C 287 -12.00 47.97 27.07
N PRO C 288 -12.92 47.87 26.11
CA PRO C 288 -14.32 47.61 26.45
C PRO C 288 -14.52 46.13 26.79
N VAL C 289 -13.76 45.66 27.77
CA VAL C 289 -13.85 44.27 28.21
C VAL C 289 -14.92 44.20 29.28
N VAL C 290 -16.02 43.51 28.98
CA VAL C 290 -17.14 43.41 29.92
C VAL C 290 -17.30 42.03 30.55
N SER C 291 -16.53 41.06 30.08
CA SER C 291 -16.66 39.73 30.62
C SER C 291 -15.35 38.94 30.59
N ILE C 292 -15.03 38.30 31.71
CA ILE C 292 -13.83 37.48 31.80
C ILE C 292 -14.16 36.13 32.44
N GLU C 293 -13.77 35.06 31.72
CA GLU C 293 -14.02 33.68 32.13
C GLU C 293 -12.76 33.01 32.66
N ASP C 294 -12.92 32.23 33.73
CA ASP C 294 -11.83 31.52 34.38
C ASP C 294 -10.56 32.37 34.57
N PRO C 295 -10.71 33.57 35.19
CA PRO C 295 -9.54 34.43 35.42
C PRO C 295 -8.53 33.78 36.37
N PHE C 296 -8.98 32.78 37.13
CA PHE C 296 -8.10 32.09 38.07
C PHE C 296 -8.32 30.57 38.02
N ASP C 297 -7.45 29.84 38.69
CA ASP C 297 -7.53 28.39 38.69
C ASP C 297 -8.88 27.89 39.19
N GLN C 298 -9.24 26.69 38.74
CA GLN C 298 -10.52 26.08 39.11
C GLN C 298 -10.72 25.90 40.61
N ASP C 299 -9.66 26.04 41.38
CA ASP C 299 -9.79 25.91 42.82
C ASP C 299 -9.13 27.02 43.60
N ASP C 300 -8.85 28.13 42.92
CA ASP C 300 -8.23 29.26 43.59
C ASP C 300 -9.40 30.14 44.05
N TRP C 301 -10.25 29.56 44.88
CA TRP C 301 -11.44 30.24 45.37
C TRP C 301 -11.26 31.65 45.90
N GLY C 302 -10.21 31.85 46.69
CA GLY C 302 -9.96 33.15 47.27
C GLY C 302 -9.81 34.26 46.25
N ALA C 303 -9.05 33.98 45.20
CA ALA C 303 -8.81 34.96 44.15
C ALA C 303 -10.11 35.28 43.40
N TRP C 304 -10.89 34.24 43.11
CA TRP C 304 -12.16 34.44 42.40
C TRP C 304 -13.04 35.45 43.15
N GLN C 305 -13.28 35.16 44.43
CA GLN C 305 -14.11 36.00 45.27
C GLN C 305 -13.66 37.45 45.30
N LYS C 306 -12.38 37.65 45.55
CA LYS C 306 -11.79 38.98 45.63
C LYS C 306 -11.91 39.75 44.32
N PHE C 307 -11.69 39.05 43.20
CA PHE C 307 -11.78 39.70 41.90
C PHE C 307 -13.23 40.07 41.53
N THR C 308 -14.16 39.14 41.72
CA THR C 308 -15.56 39.38 41.38
C THR C 308 -16.13 40.56 42.14
N ALA C 309 -15.74 40.70 43.41
CA ALA C 309 -16.26 41.81 44.21
C ALA C 309 -15.66 43.15 43.82
N SER C 310 -14.46 43.14 43.25
CA SER C 310 -13.79 44.38 42.88
C SER C 310 -13.70 44.72 41.38
N ALA C 311 -13.75 43.70 40.52
CA ALA C 311 -13.61 43.94 39.08
C ALA C 311 -14.68 44.81 38.42
N GLY C 312 -15.91 44.70 38.87
CA GLY C 312 -16.99 45.49 38.30
C GLY C 312 -17.47 45.01 36.94
N ILE C 313 -17.28 43.72 36.65
CA ILE C 313 -17.70 43.17 35.35
C ILE C 313 -18.25 41.75 35.48
N GLN C 314 -18.67 41.17 34.36
CA GLN C 314 -19.17 39.81 34.40
C GLN C 314 -17.96 38.89 34.57
N VAL C 315 -18.04 37.98 35.53
CA VAL C 315 -16.98 37.03 35.78
C VAL C 315 -17.61 35.65 35.60
N VAL C 316 -17.14 34.94 34.58
CA VAL C 316 -17.68 33.64 34.21
C VAL C 316 -16.93 32.41 34.71
N GLY C 317 -17.66 31.53 35.38
CA GLY C 317 -17.06 30.32 35.86
C GLY C 317 -17.22 29.24 34.80
N ASP C 318 -16.13 28.55 34.47
CA ASP C 318 -16.16 27.48 33.49
C ASP C 318 -15.57 26.26 34.21
N ASP C 319 -14.25 26.15 34.27
CA ASP C 319 -13.66 25.02 34.99
C ASP C 319 -13.96 25.15 36.48
N LEU C 320 -14.24 26.36 36.92
CA LEU C 320 -14.59 26.57 38.32
C LEU C 320 -15.87 25.82 38.67
N THR C 321 -16.87 25.98 37.81
CA THR C 321 -18.18 25.41 38.02
C THR C 321 -18.54 24.11 37.32
N VAL C 322 -17.86 23.84 36.22
CA VAL C 322 -18.10 22.64 35.41
C VAL C 322 -19.59 22.24 35.25
N THR C 323 -20.42 23.24 34.95
CA THR C 323 -21.85 23.02 34.73
C THR C 323 -22.45 22.06 35.75
N ASN C 324 -21.92 22.12 36.98
CA ASN C 324 -22.32 21.21 38.06
C ASN C 324 -23.06 21.95 39.20
N PRO C 325 -24.34 21.63 39.42
CA PRO C 325 -25.12 22.28 40.48
C PRO C 325 -24.43 22.37 41.85
N LYS C 326 -23.67 21.35 42.22
CA LYS C 326 -22.99 21.35 43.51
C LYS C 326 -21.86 22.36 43.56
N ARG C 327 -21.10 22.49 42.47
CA ARG C 327 -20.02 23.47 42.44
C ARG C 327 -20.67 24.85 42.36
N ILE C 328 -21.71 24.98 41.53
CA ILE C 328 -22.39 26.27 41.37
C ILE C 328 -22.95 26.75 42.70
N ALA C 329 -23.53 25.85 43.48
CA ALA C 329 -24.08 26.23 44.78
C ALA C 329 -23.01 26.88 45.67
N LYS C 330 -21.82 26.31 45.69
CA LYS C 330 -20.74 26.85 46.49
C LYS C 330 -20.35 28.21 45.93
N ALA C 331 -20.18 28.26 44.61
CA ALA C 331 -19.80 29.49 43.96
C ALA C 331 -20.80 30.62 44.24
N VAL C 332 -22.10 30.32 44.23
CA VAL C 332 -23.05 31.40 44.52
C VAL C 332 -22.83 31.82 45.96
N ASN C 333 -22.74 30.84 46.87
CA ASN C 333 -22.51 31.12 48.29
C ASN C 333 -21.31 32.01 48.59
N GLU C 334 -20.18 31.75 47.93
CA GLU C 334 -18.97 32.54 48.12
C GLU C 334 -18.85 33.72 47.16
N LYS C 335 -19.89 33.92 46.35
CA LYS C 335 -19.87 34.99 45.36
C LYS C 335 -18.57 34.89 44.57
N SER C 336 -18.20 33.66 44.22
CA SER C 336 -16.97 33.41 43.46
C SER C 336 -17.02 34.06 42.09
N CYS C 337 -18.20 34.06 41.47
CA CYS C 337 -18.37 34.66 40.14
C CYS C 337 -19.82 35.12 39.98
N ASN C 338 -20.21 35.58 38.79
CA ASN C 338 -21.58 36.01 38.59
C ASN C 338 -22.23 35.58 37.27
N CYS C 339 -21.63 34.59 36.63
CA CYS C 339 -22.14 34.07 35.37
C CYS C 339 -21.63 32.65 35.25
N LEU C 340 -22.46 31.76 34.72
CA LEU C 340 -22.14 30.35 34.54
C LEU C 340 -21.90 30.02 33.06
N LEU C 341 -20.80 29.34 32.74
CA LEU C 341 -20.57 28.94 31.35
C LEU C 341 -21.27 27.60 31.31
N LEU C 342 -22.22 27.44 30.39
CA LEU C 342 -22.98 26.21 30.33
C LEU C 342 -22.49 25.23 29.25
N LYS C 343 -21.87 24.14 29.67
CA LYS C 343 -21.37 23.13 28.75
C LYS C 343 -22.02 21.79 29.10
N VAL C 344 -22.98 21.38 28.28
CA VAL C 344 -23.67 20.12 28.54
C VAL C 344 -22.76 18.94 28.82
N ASN C 345 -21.61 18.88 28.16
CA ASN C 345 -20.74 17.72 28.39
C ASN C 345 -19.86 17.77 29.64
N GLN C 346 -19.91 18.88 30.38
CA GLN C 346 -19.15 18.96 31.62
C GLN C 346 -19.91 18.24 32.73
N ILE C 347 -21.21 18.03 32.52
CA ILE C 347 -22.02 17.34 33.52
C ILE C 347 -22.61 16.03 32.94
N GLY C 348 -22.90 16.02 31.63
CA GLY C 348 -23.35 14.80 31.00
C GLY C 348 -24.79 14.48 30.67
N SER C 349 -25.71 15.40 30.92
CA SER C 349 -27.13 15.18 30.60
C SER C 349 -27.84 16.49 30.36
N VAL C 350 -28.89 16.45 29.56
CA VAL C 350 -29.67 17.65 29.30
C VAL C 350 -30.37 18.13 30.59
N THR C 351 -30.94 17.19 31.33
CA THR C 351 -31.65 17.52 32.57
C THR C 351 -30.76 18.25 33.57
N GLU C 352 -29.55 17.75 33.81
CA GLU C 352 -28.66 18.39 34.78
C GLU C 352 -28.17 19.75 34.31
N SER C 353 -28.00 19.91 32.99
CA SER C 353 -27.56 21.17 32.42
C SER C 353 -28.63 22.21 32.65
N LEU C 354 -29.89 21.83 32.42
CA LEU C 354 -31.00 22.75 32.63
C LEU C 354 -31.05 23.11 34.11
N GLN C 355 -30.87 22.12 34.99
CA GLN C 355 -30.89 22.40 36.41
C GLN C 355 -29.78 23.39 36.79
N ALA C 356 -28.61 23.26 36.16
CA ALA C 356 -27.48 24.15 36.46
C ALA C 356 -27.81 25.56 36.01
N CYS C 357 -28.41 25.68 34.82
CA CYS C 357 -28.81 26.97 34.26
C CYS C 357 -29.84 27.64 35.16
N LYS C 358 -30.90 26.91 35.52
CA LYS C 358 -31.96 27.47 36.37
C LYS C 358 -31.45 27.84 37.76
N LEU C 359 -30.49 27.09 38.29
CA LEU C 359 -29.96 27.41 39.61
C LEU C 359 -29.26 28.75 39.52
N ALA C 360 -28.38 28.89 38.53
CA ALA C 360 -27.64 30.11 38.33
C ALA C 360 -28.59 31.29 38.12
N GLN C 361 -29.58 31.10 37.24
CA GLN C 361 -30.54 32.16 36.97
C GLN C 361 -31.39 32.53 38.20
N ALA C 362 -31.84 31.55 38.95
CA ALA C 362 -32.65 31.83 40.15
C ALA C 362 -31.85 32.75 41.10
N ASN C 363 -30.55 32.52 41.14
CA ASN C 363 -29.66 33.28 41.98
C ASN C 363 -29.20 34.59 41.38
N GLY C 364 -29.68 34.93 40.18
CA GLY C 364 -29.26 36.19 39.60
C GLY C 364 -28.00 36.20 38.74
N TRP C 365 -27.39 35.05 38.51
CA TRP C 365 -26.20 34.99 37.66
C TRP C 365 -26.62 35.02 36.20
N GLY C 366 -25.67 35.38 35.34
CA GLY C 366 -25.93 35.33 33.93
C GLY C 366 -25.55 33.90 33.54
N VAL C 367 -25.78 33.54 32.29
CA VAL C 367 -25.44 32.22 31.81
C VAL C 367 -25.05 32.35 30.34
N MET C 368 -23.90 31.83 29.99
CA MET C 368 -23.43 31.87 28.61
C MET C 368 -23.33 30.45 28.15
N VAL C 369 -24.14 30.07 27.17
CA VAL C 369 -24.13 28.73 26.60
C VAL C 369 -22.87 28.60 25.76
N SER C 370 -22.22 27.44 25.83
CA SER C 370 -20.96 27.24 25.12
C SER C 370 -20.75 25.91 24.41
N HIS C 371 -19.94 25.99 23.36
CA HIS C 371 -19.52 24.85 22.57
C HIS C 371 -18.28 24.32 23.34
N ARG C 372 -17.56 23.36 22.74
CA ARG C 372 -16.29 22.86 23.30
C ARG C 372 -15.34 23.18 22.15
N SER C 373 -14.03 23.23 22.42
CA SER C 373 -13.05 23.51 21.36
C SER C 373 -13.09 22.38 20.32
N GLY C 374 -13.53 21.21 20.76
CA GLY C 374 -13.68 20.07 19.87
C GLY C 374 -15.18 19.94 19.62
N GLU C 375 -15.63 20.33 18.42
CA GLU C 375 -17.06 20.27 18.12
C GLU C 375 -17.43 19.35 16.96
N THR C 376 -18.70 19.33 16.61
CA THR C 376 -19.19 18.53 15.50
C THR C 376 -20.21 19.37 14.72
N GLU C 377 -20.79 18.78 13.68
CA GLU C 377 -21.79 19.46 12.87
C GLU C 377 -23.12 19.59 13.61
N ASP C 378 -23.17 19.06 14.83
CA ASP C 378 -24.37 19.14 15.67
C ASP C 378 -24.66 20.62 15.98
N THR C 379 -25.94 21.00 16.03
CA THR C 379 -26.33 22.39 16.34
C THR C 379 -27.25 22.52 17.56
N PHE C 380 -27.31 21.48 18.39
CA PHE C 380 -28.15 21.48 19.59
C PHE C 380 -28.03 22.76 20.42
N ILE C 381 -26.82 23.22 20.66
CA ILE C 381 -26.68 24.40 21.53
C ILE C 381 -27.27 25.71 21.01
N ALA C 382 -27.58 25.79 19.72
CA ALA C 382 -28.19 27.01 19.20
C ALA C 382 -29.61 27.06 19.73
N ASP C 383 -30.34 25.95 19.62
CA ASP C 383 -31.70 25.90 20.13
C ASP C 383 -31.69 25.96 21.65
N LEU C 384 -30.65 25.38 22.25
CA LEU C 384 -30.51 25.40 23.69
C LEU C 384 -30.45 26.82 24.24
N VAL C 385 -29.56 27.65 23.70
CA VAL C 385 -29.42 29.00 24.22
C VAL C 385 -30.70 29.83 24.00
N VAL C 386 -31.39 29.58 22.90
CA VAL C 386 -32.63 30.30 22.61
C VAL C 386 -33.74 29.89 23.59
N GLY C 387 -33.90 28.59 23.83
CA GLY C 387 -34.93 28.13 24.74
C GLY C 387 -34.65 28.47 26.21
N LEU C 388 -33.37 28.61 26.56
CA LEU C 388 -33.01 28.94 27.92
C LEU C 388 -33.02 30.44 28.16
N CYS C 389 -33.18 31.20 27.08
CA CYS C 389 -33.21 32.64 27.18
C CYS C 389 -32.01 33.22 27.94
N THR C 390 -30.82 32.67 27.78
CA THR C 390 -29.70 33.21 28.56
C THR C 390 -29.16 34.53 27.99
N GLY C 391 -29.48 34.81 26.73
CA GLY C 391 -29.01 36.04 26.11
C GLY C 391 -27.57 36.05 25.61
N GLN C 392 -26.82 34.98 25.87
CA GLN C 392 -25.45 34.95 25.40
C GLN C 392 -24.92 33.56 25.04
N ILE C 393 -24.15 33.49 23.95
CA ILE C 393 -23.57 32.22 23.53
C ILE C 393 -22.25 32.42 22.83
N LYS C 394 -21.29 31.58 23.17
CA LYS C 394 -20.01 31.63 22.50
C LYS C 394 -19.92 30.26 21.81
N THR C 395 -19.76 30.27 20.50
CA THR C 395 -19.64 29.02 19.78
C THR C 395 -18.66 29.14 18.59
N GLY C 396 -17.62 29.93 18.83
CA GLY C 396 -16.57 30.10 17.84
C GLY C 396 -16.52 31.39 17.06
N ALA C 397 -15.42 31.54 16.33
CA ALA C 397 -15.21 32.68 15.45
C ALA C 397 -16.16 32.40 14.30
N PRO C 398 -16.38 33.39 13.43
CA PRO C 398 -17.28 33.11 12.31
C PRO C 398 -16.49 32.35 11.24
N CYS C 399 -15.78 31.30 11.67
CA CYS C 399 -14.94 30.48 10.78
C CYS C 399 -14.87 29.00 11.25
N ARG C 400 -14.91 28.06 10.29
CA ARG C 400 -14.91 26.60 10.52
C ARG C 400 -16.37 26.24 10.78
N SER C 401 -16.95 25.42 9.91
CA SER C 401 -18.37 25.12 10.06
C SER C 401 -18.88 24.42 11.31
N GLU C 402 -18.00 23.88 12.16
CA GLU C 402 -18.53 23.29 13.38
C GLU C 402 -18.94 24.47 14.26
N ARG C 403 -18.63 25.69 13.80
CA ARG C 403 -18.97 26.91 14.52
C ARG C 403 -20.18 27.55 13.79
N LEU C 404 -20.01 27.79 12.50
CA LEU C 404 -21.06 28.39 11.67
C LEU C 404 -22.34 27.59 11.64
N ALA C 405 -22.25 26.26 11.85
CA ALA C 405 -23.45 25.45 11.84
C ALA C 405 -24.39 26.00 12.92
N LYS C 406 -23.83 26.37 14.07
CA LYS C 406 -24.61 26.90 15.17
C LYS C 406 -25.15 28.31 14.86
N TYR C 407 -24.29 29.16 14.31
CA TYR C 407 -24.70 30.52 13.98
C TYR C 407 -25.76 30.51 12.89
N ASN C 408 -25.61 29.61 11.92
CA ASN C 408 -26.57 29.50 10.81
C ASN C 408 -27.90 29.04 11.37
N GLN C 409 -27.86 28.11 12.33
CA GLN C 409 -29.09 27.62 12.93
C GLN C 409 -29.78 28.76 13.72
N LEU C 410 -29.00 29.61 14.37
CA LEU C 410 -29.58 30.73 15.12
C LEU C 410 -30.24 31.69 14.13
N LEU C 411 -29.62 31.88 12.96
CA LEU C 411 -30.20 32.73 11.93
C LEU C 411 -31.54 32.14 11.50
N ARG C 412 -31.59 30.82 11.35
CA ARG C 412 -32.83 30.16 10.93
C ARG C 412 -33.94 30.30 11.99
N ILE C 413 -33.55 30.25 13.26
CA ILE C 413 -34.50 30.38 14.35
C ILE C 413 -35.08 31.80 14.36
N GLU C 414 -34.22 32.80 14.21
CA GLU C 414 -34.65 34.19 14.18
C GLU C 414 -35.68 34.35 13.06
N GLU C 415 -35.34 33.84 11.88
CA GLU C 415 -36.23 33.90 10.72
C GLU C 415 -37.57 33.23 11.01
N GLU C 416 -37.52 32.04 11.58
CA GLU C 416 -38.75 31.30 11.91
C GLU C 416 -39.61 32.05 12.94
N LEU C 417 -38.96 32.76 13.87
CA LEU C 417 -39.69 33.49 14.90
C LEU C 417 -40.40 34.74 14.34
N GLY C 418 -39.99 35.17 13.16
CA GLY C 418 -40.64 36.31 12.53
C GLY C 418 -40.36 37.69 13.09
N SER C 419 -41.27 38.61 12.79
CA SER C 419 -41.16 40.01 13.23
C SER C 419 -41.20 40.11 14.75
N LYS C 420 -41.74 39.09 15.40
CA LYS C 420 -41.83 39.08 16.86
C LYS C 420 -40.53 38.60 17.54
N ALA C 421 -39.52 38.26 16.75
CA ALA C 421 -38.26 37.76 17.31
C ALA C 421 -37.62 38.80 18.22
N LYS C 422 -37.08 38.34 19.35
CA LYS C 422 -36.42 39.23 20.28
C LYS C 422 -34.92 38.96 20.35
N PHE C 423 -34.15 40.05 20.37
CA PHE C 423 -32.70 39.97 20.44
C PHE C 423 -32.26 40.54 21.79
N ALA C 424 -31.37 39.84 22.47
CA ALA C 424 -30.92 40.26 23.79
C ALA C 424 -30.18 41.59 23.82
N GLY C 425 -29.44 41.87 22.75
CA GLY C 425 -28.70 43.13 22.68
C GLY C 425 -27.94 43.54 23.93
N ARG C 426 -28.10 44.81 24.31
CA ARG C 426 -27.44 45.39 25.48
C ARG C 426 -27.90 44.77 26.80
N ASN C 427 -28.98 44.01 26.75
CA ASN C 427 -29.50 43.39 27.98
C ASN C 427 -29.05 41.93 28.04
N PHE C 428 -27.92 41.62 27.40
CA PHE C 428 -27.41 40.27 27.33
C PHE C 428 -27.10 39.56 28.64
N ARG C 429 -26.75 40.29 29.69
CA ARG C 429 -26.41 39.63 30.93
C ARG C 429 -27.58 38.90 31.56
N ASN C 430 -28.80 39.37 31.31
CA ASN C 430 -29.99 38.75 31.86
C ASN C 430 -31.17 39.40 31.13
N PRO C 431 -31.47 38.92 29.92
CA PRO C 431 -32.53 39.38 29.01
C PRO C 431 -34.00 39.28 29.38
N LEU C 432 -34.37 38.29 30.19
CA LEU C 432 -35.76 38.16 30.54
C LEU C 432 -36.00 38.37 32.02
N ALA C 433 -36.80 39.38 32.35
CA ALA C 433 -37.12 39.66 33.74
C ALA C 433 -38.11 38.57 34.19
N LYS C 434 -37.85 37.97 35.35
CA LYS C 434 -38.69 36.89 35.87
C LYS C 434 -39.14 37.10 37.31
N SER D 2 -45.53 18.69 -7.32
CA SER D 2 -45.20 18.08 -6.00
C SER D 2 -44.37 19.02 -5.14
N ILE D 3 -43.71 20.01 -5.77
CA ILE D 3 -42.94 20.98 -5.01
C ILE D 3 -43.98 21.94 -4.47
N LEU D 4 -44.11 22.02 -3.15
CA LEU D 4 -45.11 22.89 -2.57
C LEU D 4 -44.58 24.28 -2.27
N LYS D 5 -43.28 24.41 -2.04
CA LYS D 5 -42.71 25.71 -1.71
C LYS D 5 -41.19 25.70 -1.69
N ILE D 6 -40.61 26.82 -2.09
CA ILE D 6 -39.18 26.97 -2.13
C ILE D 6 -38.81 28.32 -1.53
N HIS D 7 -37.93 28.28 -0.54
CA HIS D 7 -37.47 29.50 0.12
C HIS D 7 -35.98 29.43 0.33
N ALA D 8 -35.28 30.47 -0.09
CA ALA D 8 -33.83 30.56 0.03
C ALA D 8 -33.46 31.63 1.05
N ARG D 9 -32.25 31.53 1.58
CA ARG D 9 -31.75 32.48 2.55
C ARG D 9 -30.23 32.52 2.46
N GLU D 10 -29.64 33.52 3.10
CA GLU D 10 -28.20 33.73 3.13
C GLU D 10 -27.65 33.07 4.40
N ILE D 11 -26.61 32.23 4.29
CA ILE D 11 -25.98 31.65 5.49
C ILE D 11 -24.48 31.88 5.36
N PHE D 12 -23.70 31.39 6.33
CA PHE D 12 -22.25 31.59 6.27
C PHE D 12 -21.50 30.29 5.93
N ASP D 13 -20.45 30.41 5.12
CA ASP D 13 -19.66 29.24 4.77
C ASP D 13 -18.51 29.09 5.76
N SER D 14 -17.61 28.12 5.54
CA SER D 14 -16.52 27.88 6.48
C SER D 14 -15.47 28.96 6.66
N ARG D 15 -15.44 29.94 5.75
CA ARG D 15 -14.47 31.03 5.87
C ARG D 15 -15.18 32.28 6.43
N GLY D 16 -16.48 32.16 6.69
CA GLY D 16 -17.22 33.28 7.21
C GLY D 16 -17.84 34.21 6.15
N ASN D 17 -17.99 33.72 4.93
CA ASN D 17 -18.59 34.52 3.87
C ASN D 17 -19.96 33.98 3.55
N PRO D 18 -20.87 34.87 3.13
CA PRO D 18 -22.25 34.52 2.77
C PRO D 18 -22.36 33.51 1.63
N THR D 19 -23.38 32.67 1.70
CA THR D 19 -23.61 31.74 0.61
C THR D 19 -25.09 31.38 0.60
N VAL D 20 -25.51 30.70 -0.45
CA VAL D 20 -26.89 30.34 -0.60
C VAL D 20 -27.29 29.02 0.08
N GLU D 21 -28.45 29.03 0.71
CA GLU D 21 -29.02 27.85 1.32
C GLU D 21 -30.46 27.85 0.84
N VAL D 22 -30.97 26.68 0.49
CA VAL D 22 -32.32 26.55 -0.01
C VAL D 22 -33.14 25.52 0.74
N ASP D 23 -34.38 25.89 1.06
CA ASP D 23 -35.36 25.03 1.73
C ASP D 23 -36.42 24.68 0.68
N LEU D 24 -36.71 23.40 0.50
CA LEU D 24 -37.71 23.02 -0.48
C LEU D 24 -38.70 22.07 0.19
N PHE D 25 -39.99 22.34 0.02
CA PHE D 25 -41.01 21.50 0.64
C PHE D 25 -41.85 20.65 -0.31
N THR D 26 -42.16 19.44 0.13
CA THR D 26 -43.03 18.51 -0.59
C THR D 26 -43.91 17.92 0.52
N SER D 27 -44.92 17.14 0.15
CA SER D 27 -45.77 16.56 1.17
C SER D 27 -44.91 15.68 2.08
N LYS D 28 -43.68 15.39 1.65
CA LYS D 28 -42.78 14.54 2.42
C LYS D 28 -41.96 15.29 3.48
N GLY D 29 -42.03 16.61 3.49
CA GLY D 29 -41.28 17.36 4.49
C GLY D 29 -40.39 18.42 3.87
N LEU D 30 -39.39 18.85 4.63
CA LEU D 30 -38.44 19.88 4.20
C LEU D 30 -37.12 19.28 3.74
N PHE D 31 -36.55 19.87 2.68
CA PHE D 31 -35.28 19.42 2.16
C PHE D 31 -34.43 20.67 2.06
N ARG D 32 -33.21 20.60 2.58
CA ARG D 32 -32.32 21.74 2.63
C ARG D 32 -30.94 21.46 2.10
N ALA D 33 -30.42 22.39 1.32
CA ALA D 33 -29.10 22.25 0.72
C ALA D 33 -28.45 23.63 0.68
N ALA D 34 -27.13 23.67 0.77
CA ALA D 34 -26.38 24.91 0.73
C ALA D 34 -25.28 24.82 -0.35
N VAL D 35 -24.83 25.97 -0.83
CA VAL D 35 -23.84 26.05 -1.91
C VAL D 35 -22.43 26.37 -1.43
N PRO D 36 -21.42 25.65 -1.97
CA PRO D 36 -20.03 25.89 -1.58
C PRO D 36 -19.42 27.00 -2.41
N SER D 37 -18.24 27.46 -2.01
CA SER D 37 -17.59 28.53 -2.74
C SER D 37 -16.08 28.39 -2.77
N GLY D 38 -15.53 28.33 -3.99
CA GLY D 38 -14.10 28.19 -4.14
C GLY D 38 -13.32 29.47 -3.93
N ALA D 39 -12.01 29.33 -3.73
CA ALA D 39 -11.10 30.46 -3.56
C ALA D 39 -10.29 30.59 -4.86
N SER D 40 -9.64 29.50 -5.28
CA SER D 40 -8.89 29.50 -6.53
C SER D 40 -9.85 29.00 -7.61
N THR D 41 -10.75 29.89 -8.02
CA THR D 41 -11.78 29.58 -9.00
C THR D 41 -11.33 29.80 -10.46
N GLY D 42 -11.55 28.80 -11.29
CA GLY D 42 -11.17 28.90 -12.70
C GLY D 42 -11.98 29.95 -13.44
N ILE D 43 -11.37 30.63 -14.41
CA ILE D 43 -12.09 31.67 -15.13
C ILE D 43 -13.27 31.13 -15.92
N TYR D 44 -13.31 29.82 -16.14
CA TYR D 44 -14.40 29.20 -16.88
C TYR D 44 -15.53 28.63 -16.04
N GLU D 45 -15.53 28.91 -14.75
CA GLU D 45 -16.58 28.39 -13.88
C GLU D 45 -17.90 29.12 -14.11
N ALA D 46 -19.01 28.46 -13.87
CA ALA D 46 -20.29 29.12 -14.04
C ALA D 46 -20.29 30.32 -13.08
N LEU D 47 -21.12 31.33 -13.35
CA LEU D 47 -21.11 32.52 -12.50
C LEU D 47 -21.63 32.36 -11.07
N GLU D 48 -20.77 32.72 -10.12
CA GLU D 48 -21.12 32.71 -8.71
C GLU D 48 -21.56 34.14 -8.48
N LEU D 49 -22.88 34.37 -8.40
CA LEU D 49 -23.42 35.71 -8.24
C LEU D 49 -23.29 36.34 -6.85
N ARG D 50 -22.54 37.43 -6.80
CA ARG D 50 -22.29 38.19 -5.58
C ARG D 50 -23.00 39.55 -5.68
N ASP D 51 -23.49 40.07 -4.57
CA ASP D 51 -24.19 41.36 -4.57
C ASP D 51 -23.29 42.53 -5.01
N ASN D 52 -22.01 42.47 -4.65
CA ASN D 52 -21.03 43.48 -4.98
C ASN D 52 -21.21 44.82 -4.26
N ASP D 53 -21.88 44.79 -3.13
CA ASP D 53 -22.09 45.99 -2.31
C ASP D 53 -20.94 46.00 -1.30
N LYS D 54 -19.87 46.70 -1.65
CA LYS D 54 -18.68 46.78 -0.81
C LYS D 54 -18.88 47.20 0.63
N THR D 55 -20.06 47.75 0.95
CA THR D 55 -20.30 48.17 2.31
C THR D 55 -20.83 46.99 3.14
N ARG D 56 -21.26 45.93 2.46
CA ARG D 56 -21.81 44.77 3.12
C ARG D 56 -21.00 43.50 2.80
N TYR D 57 -20.39 42.91 3.82
CA TYR D 57 -19.58 41.70 3.66
C TYR D 57 -18.48 41.88 2.62
N MET D 58 -18.06 43.13 2.43
CA MET D 58 -17.02 43.45 1.46
C MET D 58 -17.43 43.00 0.06
N GLY D 59 -18.71 43.20 -0.24
CA GLY D 59 -19.23 42.85 -1.55
C GLY D 59 -19.63 41.41 -1.77
N LYS D 60 -19.59 40.59 -0.71
CA LYS D 60 -19.91 39.17 -0.85
C LYS D 60 -21.31 38.69 -0.53
N GLY D 61 -22.22 39.62 -0.24
CA GLY D 61 -23.58 39.18 0.04
C GLY D 61 -24.09 38.42 -1.17
N VAL D 62 -25.08 37.56 -0.97
CA VAL D 62 -25.66 36.81 -2.07
C VAL D 62 -27.17 37.02 -2.03
N SER D 63 -27.59 38.16 -1.50
CA SER D 63 -29.02 38.49 -1.41
C SER D 63 -29.66 38.48 -2.81
N LYS D 64 -28.90 38.90 -3.82
CA LYS D 64 -29.43 38.90 -5.17
C LYS D 64 -29.74 37.47 -5.63
N ALA D 65 -28.80 36.56 -5.41
CA ALA D 65 -29.03 35.17 -5.80
C ALA D 65 -30.25 34.65 -5.07
N VAL D 66 -30.35 34.99 -3.80
CA VAL D 66 -31.47 34.56 -2.95
C VAL D 66 -32.80 35.11 -3.48
N GLU D 67 -32.80 36.36 -3.92
CA GLU D 67 -34.01 36.97 -4.46
C GLU D 67 -34.44 36.27 -5.76
N HIS D 68 -33.48 35.90 -6.61
CA HIS D 68 -33.83 35.20 -7.86
C HIS D 68 -34.58 33.91 -7.57
N ILE D 69 -34.17 33.21 -6.52
CA ILE D 69 -34.82 31.97 -6.15
C ILE D 69 -36.22 32.21 -5.60
N ASN D 70 -36.28 33.06 -4.58
CA ASN D 70 -37.55 33.37 -3.92
C ASN D 70 -38.59 34.04 -4.82
N LYS D 71 -38.15 35.01 -5.62
CA LYS D 71 -39.11 35.71 -6.47
C LYS D 71 -39.35 35.13 -7.87
N THR D 72 -38.33 34.55 -8.48
CA THR D 72 -38.49 34.02 -9.83
C THR D 72 -38.54 32.52 -10.01
N ILE D 73 -37.50 31.83 -9.54
CA ILE D 73 -37.47 30.38 -9.68
C ILE D 73 -38.56 29.61 -8.92
N ALA D 74 -38.72 29.89 -7.63
CA ALA D 74 -39.71 29.19 -6.82
C ALA D 74 -41.12 29.23 -7.39
N PRO D 75 -41.61 30.43 -7.73
CA PRO D 75 -42.96 30.44 -8.28
C PRO D 75 -43.08 29.60 -9.55
N ALA D 76 -42.08 29.73 -10.43
CA ALA D 76 -42.08 28.96 -11.67
C ALA D 76 -42.12 27.46 -11.42
N LEU D 77 -41.24 26.97 -10.54
CA LEU D 77 -41.17 25.54 -10.25
C LEU D 77 -42.45 25.02 -9.59
N VAL D 78 -42.95 25.75 -8.61
CA VAL D 78 -44.17 25.33 -7.92
C VAL D 78 -45.34 25.20 -8.92
N SER D 79 -45.46 26.17 -9.82
CA SER D 79 -46.52 26.16 -10.82
C SER D 79 -46.45 24.98 -11.78
N LYS D 80 -45.27 24.72 -12.33
CA LYS D 80 -45.09 23.64 -13.29
C LYS D 80 -45.50 22.27 -12.75
N LYS D 81 -45.67 22.18 -11.42
CA LYS D 81 -46.07 20.93 -10.80
C LYS D 81 -45.23 19.73 -11.30
N LEU D 82 -43.93 19.93 -11.33
CA LEU D 82 -43.02 18.86 -11.75
C LEU D 82 -42.67 18.04 -10.51
N ASN D 83 -42.62 16.72 -10.67
CA ASN D 83 -42.27 15.87 -9.54
C ASN D 83 -40.77 16.03 -9.25
N VAL D 84 -40.45 16.15 -7.97
CA VAL D 84 -39.06 16.33 -7.57
C VAL D 84 -38.11 15.27 -8.08
N THR D 85 -38.64 14.09 -8.40
CA THR D 85 -37.78 13.02 -8.91
C THR D 85 -37.35 13.32 -10.34
N GLU D 86 -38.03 14.23 -11.01
CA GLU D 86 -37.66 14.57 -12.38
C GLU D 86 -36.50 15.55 -12.43
N GLN D 87 -35.36 15.13 -11.88
CA GLN D 87 -34.19 15.99 -11.81
C GLN D 87 -33.84 16.69 -13.12
N GLU D 88 -33.68 15.92 -14.20
CA GLU D 88 -33.32 16.51 -15.48
C GLU D 88 -34.33 17.54 -15.99
N LYS D 89 -35.62 17.24 -15.93
CA LYS D 89 -36.62 18.19 -16.40
C LYS D 89 -36.59 19.47 -15.56
N ILE D 90 -36.44 19.32 -14.25
CA ILE D 90 -36.39 20.50 -13.39
C ILE D 90 -35.15 21.33 -13.68
N ASP D 91 -33.99 20.70 -13.76
CA ASP D 91 -32.75 21.43 -14.02
C ASP D 91 -32.79 22.21 -15.34
N LYS D 92 -33.27 21.59 -16.41
CA LYS D 92 -33.32 22.29 -17.69
C LYS D 92 -34.27 23.48 -17.59
N LEU D 93 -35.39 23.30 -16.89
CA LEU D 93 -36.34 24.38 -16.74
C LEU D 93 -35.61 25.61 -16.19
N MET D 94 -34.78 25.42 -15.15
CA MET D 94 -34.06 26.56 -14.57
C MET D 94 -33.01 27.06 -15.54
N ILE D 95 -32.33 26.15 -16.21
CA ILE D 95 -31.31 26.53 -17.18
C ILE D 95 -31.96 27.37 -18.29
N GLU D 96 -33.13 26.94 -18.74
CA GLU D 96 -33.85 27.67 -19.78
C GLU D 96 -34.33 29.03 -19.28
N MET D 97 -34.79 29.08 -18.02
CA MET D 97 -35.24 30.35 -17.47
C MET D 97 -34.08 31.33 -17.34
N ASP D 98 -32.91 30.82 -16.96
CA ASP D 98 -31.75 31.68 -16.84
C ASP D 98 -31.41 32.20 -18.22
N GLY D 99 -31.40 31.30 -19.19
CA GLY D 99 -31.13 31.67 -20.56
C GLY D 99 -29.69 32.00 -20.94
N THR D 100 -28.76 32.01 -20.00
CA THR D 100 -27.37 32.33 -20.34
C THR D 100 -26.46 31.11 -20.37
N GLU D 101 -25.32 31.25 -21.03
CA GLU D 101 -24.36 30.15 -21.15
C GLU D 101 -23.75 29.79 -19.79
N ASN D 102 -23.45 30.81 -19.00
CA ASN D 102 -22.86 30.56 -17.69
C ASN D 102 -23.73 30.93 -16.50
N LYS D 103 -25.04 30.83 -16.68
CA LYS D 103 -26.00 31.10 -15.61
C LYS D 103 -25.70 32.42 -14.92
N SER D 104 -25.46 33.47 -15.70
CA SER D 104 -25.16 34.78 -15.13
C SER D 104 -26.38 35.64 -14.86
N LYS D 105 -27.57 35.16 -15.20
CA LYS D 105 -28.76 35.95 -14.91
C LYS D 105 -29.21 35.68 -13.47
N PHE D 106 -29.27 34.40 -13.11
CA PHE D 106 -29.69 33.98 -11.76
C PHE D 106 -28.48 33.71 -10.86
N GLY D 107 -27.35 33.38 -11.48
CA GLY D 107 -26.15 33.04 -10.73
C GLY D 107 -26.16 31.52 -10.59
N ALA D 108 -25.00 30.88 -10.77
CA ALA D 108 -24.90 29.42 -10.67
C ALA D 108 -25.24 28.94 -9.26
N ASN D 109 -24.90 29.76 -8.28
CA ASN D 109 -25.17 29.45 -6.89
C ASN D 109 -26.67 29.43 -6.63
N ALA D 110 -27.43 30.26 -7.35
CA ALA D 110 -28.87 30.27 -7.17
C ALA D 110 -29.49 29.00 -7.73
N ILE D 111 -29.08 28.63 -8.94
CA ILE D 111 -29.62 27.43 -9.56
C ILE D 111 -29.16 26.16 -8.85
N LEU D 112 -27.88 26.07 -8.54
CA LEU D 112 -27.38 24.88 -7.85
C LEU D 112 -28.11 24.62 -6.52
N GLY D 113 -28.37 25.70 -5.77
CA GLY D 113 -29.05 25.55 -4.50
C GLY D 113 -30.35 24.80 -4.62
N VAL D 114 -31.13 25.19 -5.62
CA VAL D 114 -32.42 24.53 -5.84
C VAL D 114 -32.22 23.12 -6.37
N SER D 115 -31.24 22.97 -7.25
CA SER D 115 -30.93 21.68 -7.87
C SER D 115 -30.60 20.65 -6.79
N LEU D 116 -29.77 21.03 -5.84
CA LEU D 116 -29.40 20.12 -4.75
C LEU D 116 -30.61 19.76 -3.89
N ALA D 117 -31.40 20.76 -3.53
CA ALA D 117 -32.58 20.54 -2.70
C ALA D 117 -33.56 19.61 -3.41
N VAL D 118 -33.77 19.87 -4.70
CA VAL D 118 -34.66 19.04 -5.50
C VAL D 118 -34.19 17.57 -5.49
N CYS D 119 -32.89 17.36 -5.64
CA CYS D 119 -32.35 16.00 -5.66
C CYS D 119 -32.60 15.29 -4.30
N LYS D 120 -32.35 15.98 -3.20
CA LYS D 120 -32.60 15.38 -1.89
C LYS D 120 -34.09 15.05 -1.73
N ALA D 121 -34.96 15.92 -2.21
CA ALA D 121 -36.40 15.70 -2.11
C ALA D 121 -36.76 14.49 -2.96
N GLY D 122 -36.12 14.38 -4.11
CA GLY D 122 -36.38 13.26 -5.00
C GLY D 122 -36.15 11.89 -4.36
N ALA D 123 -35.03 11.76 -3.65
CA ALA D 123 -34.67 10.49 -3.01
C ALA D 123 -35.71 10.05 -1.99
N VAL D 124 -36.14 10.97 -1.13
CA VAL D 124 -37.14 10.64 -0.13
C VAL D 124 -38.49 10.42 -0.80
N GLU D 125 -38.70 11.09 -1.93
CA GLU D 125 -39.95 10.92 -2.67
C GLU D 125 -40.06 9.44 -3.07
N LYS D 126 -38.95 8.85 -3.52
CA LYS D 126 -38.92 7.44 -3.92
C LYS D 126 -38.64 6.50 -2.74
N GLY D 127 -38.45 7.06 -1.55
CA GLY D 127 -38.17 6.25 -0.38
C GLY D 127 -36.87 5.49 -0.45
N VAL D 128 -35.87 6.06 -1.12
CA VAL D 128 -34.57 5.40 -1.24
C VAL D 128 -33.46 6.32 -0.75
N PRO D 129 -32.33 5.77 -0.26
CA PRO D 129 -31.26 6.65 0.22
C PRO D 129 -30.82 7.65 -0.87
N LEU D 130 -30.24 8.78 -0.45
CA LEU D 130 -29.80 9.78 -1.44
C LEU D 130 -28.81 9.23 -2.46
N TYR D 131 -27.78 8.51 -1.99
CA TYR D 131 -26.80 7.96 -2.91
C TYR D 131 -27.43 6.99 -3.92
N ARG D 132 -28.52 6.32 -3.53
CA ARG D 132 -29.19 5.39 -4.45
C ARG D 132 -29.94 6.16 -5.52
N HIS D 133 -30.56 7.28 -5.13
CA HIS D 133 -31.30 8.11 -6.07
C HIS D 133 -30.31 8.64 -7.10
N ILE D 134 -29.15 9.07 -6.62
CA ILE D 134 -28.11 9.58 -7.50
C ILE D 134 -27.71 8.48 -8.48
N ALA D 135 -27.44 7.28 -7.95
CA ALA D 135 -27.09 6.15 -8.77
C ALA D 135 -28.17 5.92 -9.84
N ASP D 136 -29.43 5.96 -9.43
CA ASP D 136 -30.51 5.78 -10.40
C ASP D 136 -30.45 6.86 -11.48
N LEU D 137 -30.16 8.09 -11.08
CA LEU D 137 -30.08 9.21 -12.02
C LEU D 137 -28.87 9.09 -12.95
N ALA D 138 -27.79 8.51 -12.44
CA ALA D 138 -26.58 8.35 -13.24
C ALA D 138 -26.62 7.08 -14.06
N GLY D 139 -27.60 6.22 -13.79
CA GLY D 139 -27.70 4.97 -14.51
C GLY D 139 -26.82 3.87 -13.94
N ASN D 140 -26.44 4.00 -12.68
CA ASN D 140 -25.60 2.99 -12.04
C ASN D 140 -26.43 2.08 -11.14
N SER D 141 -26.08 0.80 -11.14
CA SER D 141 -26.80 -0.16 -10.30
C SER D 141 -25.94 -0.41 -9.09
N GLU D 142 -24.64 -0.28 -9.25
CA GLU D 142 -23.74 -0.48 -8.13
C GLU D 142 -23.47 0.80 -7.37
N VAL D 143 -22.91 0.65 -6.19
CA VAL D 143 -22.60 1.77 -5.34
C VAL D 143 -21.33 1.40 -4.59
N ILE D 144 -20.38 2.32 -4.49
CA ILE D 144 -19.16 1.97 -3.76
C ILE D 144 -18.56 3.13 -2.98
N LEU D 145 -17.98 2.81 -1.82
CA LEU D 145 -17.34 3.82 -0.98
C LEU D 145 -16.05 4.19 -1.66
N PRO D 146 -15.73 5.49 -1.70
CA PRO D 146 -14.51 5.98 -2.34
C PRO D 146 -13.31 6.02 -1.41
N VAL D 147 -12.12 6.06 -2.01
CA VAL D 147 -10.90 6.22 -1.24
C VAL D 147 -10.93 7.73 -0.99
N PRO D 148 -10.68 8.16 0.25
CA PRO D 148 -10.70 9.60 0.55
C PRO D 148 -9.30 10.21 0.38
N ALA D 149 -9.24 11.45 -0.12
CA ALA D 149 -7.98 12.14 -0.31
C ALA D 149 -7.94 13.34 0.65
N PHE D 150 -7.17 13.20 1.71
CA PHE D 150 -7.05 14.23 2.75
C PHE D 150 -5.95 15.26 2.50
N ASN D 151 -6.38 16.52 2.36
CA ASN D 151 -5.46 17.64 2.14
C ASN D 151 -4.92 18.05 3.49
N VAL D 152 -3.83 17.42 3.90
CA VAL D 152 -3.27 17.65 5.22
C VAL D 152 -2.23 18.73 5.41
N ILE D 153 -1.77 19.34 4.32
CA ILE D 153 -0.85 20.46 4.41
C ILE D 153 -1.41 21.41 3.37
N ASN D 154 -1.70 22.64 3.79
CA ASN D 154 -2.30 23.62 2.88
C ASN D 154 -1.33 24.70 2.45
N GLY D 155 -1.44 25.11 1.18
CA GLY D 155 -0.61 26.18 0.66
C GLY D 155 -1.44 26.93 -0.37
N GLY D 156 -0.76 27.57 -1.32
CA GLY D 156 -1.47 28.30 -2.35
C GLY D 156 -2.38 29.35 -1.77
N SER D 157 -3.53 29.54 -2.40
CA SER D 157 -4.49 30.54 -1.98
C SER D 157 -5.35 30.09 -0.79
N HIS D 158 -4.97 28.99 -0.14
CA HIS D 158 -5.72 28.45 1.00
C HIS D 158 -5.03 28.59 2.35
N ALA D 159 -3.79 29.07 2.36
CA ALA D 159 -3.07 29.18 3.61
C ALA D 159 -2.12 30.36 3.74
N GLY D 160 -1.81 30.70 4.98
CA GLY D 160 -0.90 31.80 5.25
C GLY D 160 0.54 31.29 5.32
N ASN D 161 1.17 31.16 4.16
CA ASN D 161 2.55 30.71 4.03
C ASN D 161 3.03 30.96 2.62
N LYS D 162 4.30 30.65 2.37
CA LYS D 162 4.90 30.85 1.05
C LYS D 162 4.56 29.72 0.09
N LEU D 163 4.46 28.50 0.62
CA LEU D 163 4.15 27.31 -0.16
C LEU D 163 3.18 27.64 -1.30
N ALA D 164 3.67 27.56 -2.53
CA ALA D 164 2.88 27.90 -3.70
C ALA D 164 1.81 26.89 -4.09
N MET D 165 2.15 25.60 -4.02
CA MET D 165 1.20 24.58 -4.39
C MET D 165 0.10 24.48 -3.33
N GLN D 166 -1.13 24.42 -3.81
CA GLN D 166 -2.32 24.42 -2.98
C GLN D 166 -2.57 23.31 -1.96
N GLU D 167 -2.64 22.06 -2.41
CA GLU D 167 -2.94 20.93 -1.53
C GLU D 167 -1.99 19.74 -1.59
N PHE D 168 -1.65 19.21 -0.42
CA PHE D 168 -0.79 18.04 -0.30
C PHE D 168 -1.66 16.97 0.36
N MET D 169 -2.11 16.01 -0.45
CA MET D 169 -3.01 14.96 0.01
C MET D 169 -2.47 13.55 0.24
N ILE D 170 -3.08 12.87 1.21
CA ILE D 170 -2.73 11.50 1.52
C ILE D 170 -3.98 10.66 1.22
N LEU D 171 -3.78 9.57 0.47
CA LEU D 171 -4.87 8.68 0.10
C LEU D 171 -4.63 7.28 0.65
N PRO D 172 -5.48 6.81 1.56
CA PRO D 172 -5.30 5.46 2.12
C PRO D 172 -5.88 4.43 1.16
N VAL D 173 -5.25 4.26 0.00
CA VAL D 173 -5.75 3.30 -0.97
C VAL D 173 -5.65 1.87 -0.43
N GLY D 174 -4.84 1.68 0.61
CA GLY D 174 -4.65 0.36 1.19
C GLY D 174 -5.62 -0.01 2.28
N ALA D 175 -6.45 0.95 2.71
CA ALA D 175 -7.43 0.70 3.75
C ALA D 175 -8.32 -0.46 3.33
N ALA D 176 -8.73 -1.28 4.29
CA ALA D 176 -9.59 -2.42 3.99
C ALA D 176 -11.04 -1.99 3.81
N ASN D 177 -11.37 -0.80 4.32
CA ASN D 177 -12.73 -0.28 4.22
C ASN D 177 -12.72 1.21 4.53
N PHE D 178 -13.85 1.88 4.31
CA PHE D 178 -13.89 3.31 4.55
C PHE D 178 -13.54 3.69 5.99
N ARG D 179 -14.04 2.94 6.98
CA ARG D 179 -13.70 3.29 8.36
C ARG D 179 -12.20 3.16 8.61
N GLU D 180 -11.54 2.16 8.01
CA GLU D 180 -10.09 2.08 8.22
C GLU D 180 -9.42 3.26 7.53
N ALA D 181 -9.93 3.64 6.37
CA ALA D 181 -9.36 4.77 5.62
C ALA D 181 -9.41 6.04 6.47
N MET D 182 -10.48 6.21 7.26
CA MET D 182 -10.61 7.37 8.14
C MET D 182 -9.60 7.25 9.28
N ARG D 183 -9.46 6.05 9.82
CA ARG D 183 -8.53 5.85 10.91
C ARG D 183 -7.13 6.23 10.46
N ILE D 184 -6.73 5.74 9.28
CA ILE D 184 -5.43 6.04 8.73
C ILE D 184 -5.27 7.56 8.49
N GLY D 185 -6.29 8.17 7.87
CA GLY D 185 -6.21 9.60 7.62
C GLY D 185 -6.05 10.39 8.88
N ALA D 186 -6.82 10.05 9.91
CA ALA D 186 -6.76 10.75 11.20
C ALA D 186 -5.43 10.52 11.91
N GLU D 187 -5.02 9.25 12.01
CA GLU D 187 -3.75 8.94 12.68
C GLU D 187 -2.55 9.58 11.99
N VAL D 188 -2.51 9.54 10.66
CA VAL D 188 -1.41 10.15 9.95
C VAL D 188 -1.45 11.67 10.18
N TYR D 189 -2.65 12.25 10.19
CA TYR D 189 -2.80 13.69 10.40
C TYR D 189 -2.26 14.13 11.76
N HIS D 190 -2.58 13.37 12.81
CA HIS D 190 -2.11 13.74 14.13
C HIS D 190 -0.61 13.55 14.27
N ASN D 191 -0.05 12.58 13.55
CA ASN D 191 1.39 12.35 13.61
C ASN D 191 2.08 13.49 12.85
N LEU D 192 1.42 13.97 11.79
CA LEU D 192 1.96 15.06 10.99
C LEU D 192 2.08 16.34 11.84
N LYS D 193 1.11 16.56 12.73
CA LYS D 193 1.16 17.74 13.58
C LYS D 193 2.43 17.74 14.42
N ASN D 194 2.75 16.59 15.01
CA ASN D 194 3.94 16.44 15.84
C ASN D 194 5.20 16.63 14.99
N VAL D 195 5.24 15.98 13.84
CA VAL D 195 6.39 16.10 12.94
C VAL D 195 6.63 17.58 12.66
N ILE D 196 5.59 18.28 12.20
CA ILE D 196 5.74 19.70 11.91
C ILE D 196 6.15 20.51 13.15
N LYS D 197 5.52 20.23 14.27
CA LYS D 197 5.82 20.92 15.52
C LYS D 197 7.28 20.77 15.95
N GLU D 198 7.78 19.54 15.88
CA GLU D 198 9.15 19.26 16.28
C GLU D 198 10.17 19.90 15.34
N LYS D 199 9.80 20.04 14.08
CA LYS D 199 10.72 20.62 13.11
C LYS D 199 10.59 22.14 12.99
N TYR D 200 9.35 22.66 12.95
CA TYR D 200 9.15 24.09 12.82
C TYR D 200 8.57 24.84 14.02
N GLY D 201 8.28 24.14 15.11
CA GLY D 201 7.71 24.81 16.26
C GLY D 201 6.19 24.97 16.17
N LYS D 202 5.56 25.15 17.32
CA LYS D 202 4.11 25.31 17.43
C LYS D 202 3.46 26.28 16.44
N ASP D 203 4.13 27.40 16.17
CA ASP D 203 3.59 28.41 15.26
C ASP D 203 3.26 27.90 13.88
N ALA D 204 3.83 26.75 13.52
CA ALA D 204 3.58 26.19 12.20
C ALA D 204 2.49 25.13 12.23
N THR D 205 1.90 24.92 13.39
CA THR D 205 0.85 23.92 13.53
C THR D 205 -0.59 24.43 13.45
N ASN D 206 -0.78 25.63 12.93
CA ASN D 206 -2.13 26.16 12.77
C ASN D 206 -2.66 25.68 11.42
N VAL D 207 -3.95 25.86 11.15
CA VAL D 207 -4.49 25.34 9.90
C VAL D 207 -4.95 26.33 8.83
N GLY D 208 -5.04 25.83 7.60
CA GLY D 208 -5.48 26.62 6.47
C GLY D 208 -6.97 26.40 6.22
N ASP D 209 -7.49 26.94 5.12
CA ASP D 209 -8.92 26.83 4.79
C ASP D 209 -9.51 25.42 4.79
N GLU D 210 -8.71 24.41 4.45
CA GLU D 210 -9.22 23.05 4.37
C GLU D 210 -8.83 22.14 5.53
N GLY D 211 -8.35 22.71 6.63
CA GLY D 211 -8.01 21.88 7.78
C GLY D 211 -6.59 21.36 7.86
N GLY D 212 -5.84 21.44 6.76
CA GLY D 212 -4.46 20.99 6.80
C GLY D 212 -3.59 22.04 7.45
N PHE D 213 -2.49 21.61 8.05
CA PHE D 213 -1.58 22.53 8.69
C PHE D 213 -0.97 23.48 7.66
N ALA D 214 -0.63 24.68 8.13
CA ALA D 214 -0.06 25.70 7.28
C ALA D 214 1.31 26.01 7.88
N PRO D 215 2.29 25.14 7.63
CA PRO D 215 3.61 25.41 8.17
C PRO D 215 4.28 26.52 7.37
N ASN D 216 5.23 27.20 8.01
CA ASN D 216 5.93 28.28 7.35
C ASN D 216 7.02 27.72 6.43
N ILE D 217 6.62 27.23 5.26
CA ILE D 217 7.58 26.69 4.29
C ILE D 217 7.31 27.18 2.88
N LEU D 218 8.33 27.05 2.03
CA LEU D 218 8.24 27.49 0.65
C LEU D 218 8.39 26.34 -0.34
N GLU D 219 9.31 25.44 -0.03
CA GLU D 219 9.62 24.30 -0.87
C GLU D 219 8.53 23.27 -0.94
N ASN D 220 7.94 23.11 -2.12
CA ASN D 220 6.87 22.15 -2.28
C ASN D 220 7.38 20.74 -1.99
N LYS D 221 8.68 20.55 -2.14
CA LYS D 221 9.29 19.24 -1.89
C LYS D 221 9.25 18.93 -0.40
N GLU D 222 9.45 19.96 0.42
CA GLU D 222 9.41 19.81 1.87
C GLU D 222 8.02 19.35 2.32
N GLY D 223 7.00 19.74 1.54
CA GLY D 223 5.64 19.34 1.85
C GLY D 223 5.52 17.84 1.72
N LEU D 224 5.98 17.33 0.58
CA LEU D 224 5.95 15.90 0.32
C LEU D 224 6.82 15.20 1.35
N GLU D 225 7.92 15.84 1.72
CA GLU D 225 8.83 15.26 2.69
C GLU D 225 8.13 15.10 4.04
N LEU D 226 7.40 16.13 4.47
CA LEU D 226 6.71 16.08 5.77
C LEU D 226 5.67 14.96 5.78
N LEU D 227 4.92 14.83 4.68
CA LEU D 227 3.90 13.80 4.56
C LEU D 227 4.51 12.42 4.65
N LYS D 228 5.57 12.21 3.86
CA LYS D 228 6.28 10.94 3.83
C LYS D 228 6.66 10.48 5.24
N THR D 229 7.26 11.38 6.03
CA THR D 229 7.65 10.98 7.37
C THR D 229 6.47 10.85 8.35
N ALA D 230 5.39 11.57 8.12
CA ALA D 230 4.24 11.44 9.02
C ALA D 230 3.60 10.08 8.72
N ILE D 231 3.50 9.73 7.44
CA ILE D 231 2.91 8.46 7.03
C ILE D 231 3.71 7.33 7.68
N GLY D 232 5.03 7.43 7.57
CA GLY D 232 5.91 6.42 8.14
C GLY D 232 5.83 6.40 9.65
N LYS D 233 5.82 7.58 10.26
CA LYS D 233 5.74 7.64 11.71
C LYS D 233 4.45 6.98 12.21
N ALA D 234 3.41 6.99 11.38
CA ALA D 234 2.14 6.38 11.77
C ALA D 234 2.07 4.89 11.44
N GLY D 235 3.05 4.39 10.69
CA GLY D 235 3.08 2.98 10.35
C GLY D 235 2.18 2.57 9.20
N TYR D 236 1.95 3.48 8.26
CA TYR D 236 1.07 3.17 7.13
C TYR D 236 1.76 3.39 5.79
N THR D 237 3.07 3.28 5.76
CA THR D 237 3.81 3.46 4.53
C THR D 237 3.32 2.55 3.39
N ASP D 238 2.86 1.35 3.74
CA ASP D 238 2.38 0.42 2.75
C ASP D 238 0.93 0.60 2.31
N LYS D 239 0.20 1.48 3.01
CA LYS D 239 -1.21 1.69 2.68
C LYS D 239 -1.57 3.07 2.16
N VAL D 240 -0.67 4.03 2.31
CA VAL D 240 -0.93 5.39 1.88
C VAL D 240 -0.10 5.88 0.72
N VAL D 241 -0.74 6.47 -0.28
CA VAL D 241 -0.04 7.06 -1.42
C VAL D 241 -0.39 8.56 -1.37
N ILE D 242 0.32 9.37 -2.16
CA ILE D 242 0.13 10.82 -2.14
C ILE D 242 -0.50 11.42 -3.39
N GLY D 243 -1.22 12.53 -3.18
CA GLY D 243 -1.88 13.22 -4.26
C GLY D 243 -1.61 14.71 -4.12
N MET D 244 -1.77 15.47 -5.20
CA MET D 244 -1.50 16.89 -5.12
C MET D 244 -2.48 17.71 -5.96
N ASP D 245 -2.71 18.95 -5.52
CA ASP D 245 -3.51 19.90 -6.28
C ASP D 245 -2.60 21.11 -6.35
N VAL D 246 -1.98 21.31 -7.50
CA VAL D 246 -1.05 22.43 -7.69
C VAL D 246 -1.79 23.75 -7.84
N ALA D 247 -2.92 23.71 -8.53
CA ALA D 247 -3.72 24.92 -8.78
C ALA D 247 -2.82 25.93 -9.51
N ALA D 248 -2.17 25.46 -10.58
CA ALA D 248 -1.23 26.27 -11.35
C ALA D 248 -1.80 27.59 -11.88
N SER D 249 -3.07 27.57 -12.29
CA SER D 249 -3.68 28.79 -12.80
C SER D 249 -3.49 29.96 -11.82
N GLU D 250 -3.37 29.66 -10.53
CA GLU D 250 -3.18 30.70 -9.51
C GLU D 250 -1.82 31.39 -9.59
N PHE D 251 -0.80 30.72 -10.13
CA PHE D 251 0.50 31.35 -10.23
C PHE D 251 1.06 31.40 -11.66
N PHE D 252 0.14 31.35 -12.61
CA PHE D 252 0.50 31.42 -14.02
C PHE D 252 0.82 32.87 -14.34
N ARG D 253 1.99 33.12 -14.91
CA ARG D 253 2.40 34.47 -15.25
C ARG D 253 2.82 34.57 -16.70
N SER D 254 1.88 35.03 -17.53
CA SER D 254 2.07 35.23 -18.96
C SER D 254 2.91 34.16 -19.65
N GLY D 255 2.62 32.89 -19.36
CA GLY D 255 3.36 31.83 -20.01
C GLY D 255 4.27 31.05 -19.09
N LYS D 256 4.68 31.67 -17.98
CA LYS D 256 5.54 30.99 -17.03
C LYS D 256 4.81 30.77 -15.71
N TYR D 257 5.52 30.18 -14.76
CA TYR D 257 4.92 29.87 -13.46
C TYR D 257 5.80 30.38 -12.33
N ASP D 258 5.17 31.08 -11.37
CA ASP D 258 5.87 31.65 -10.23
C ASP D 258 5.59 30.82 -8.99
N LEU D 259 6.58 30.01 -8.58
CA LEU D 259 6.41 29.16 -7.42
C LEU D 259 6.66 29.86 -6.10
N ASP D 260 6.55 31.18 -6.12
CA ASP D 260 6.71 31.98 -4.91
C ASP D 260 5.82 33.20 -5.11
N PHE D 261 4.69 32.99 -5.78
CA PHE D 261 3.75 34.06 -6.09
C PHE D 261 3.18 34.84 -4.91
N LYS D 262 3.31 34.31 -3.70
CA LYS D 262 2.80 35.02 -2.53
C LYS D 262 3.86 35.91 -1.92
N SER D 263 4.99 36.02 -2.61
CA SER D 263 6.09 36.89 -2.17
C SER D 263 6.17 38.01 -3.20
N PRO D 264 6.76 39.16 -2.82
CA PRO D 264 6.88 40.30 -3.72
C PRO D 264 7.43 39.88 -5.08
N ASP D 265 6.64 40.13 -6.13
CA ASP D 265 6.96 39.76 -7.50
C ASP D 265 8.43 39.88 -7.91
N ASP D 266 8.79 39.08 -8.91
CA ASP D 266 10.15 39.05 -9.45
C ASP D 266 10.17 38.02 -10.55
N PRO D 267 10.01 38.46 -11.81
CA PRO D 267 10.00 37.60 -12.98
C PRO D 267 11.20 36.68 -13.14
N SER D 268 12.30 36.97 -12.44
CA SER D 268 13.50 36.15 -12.56
C SER D 268 13.35 34.74 -12.01
N ARG D 269 12.53 34.58 -10.97
CA ARG D 269 12.32 33.27 -10.37
C ARG D 269 11.33 32.40 -11.17
N TYR D 270 10.54 33.02 -12.05
CA TYR D 270 9.57 32.27 -12.85
C TYR D 270 10.24 31.12 -13.58
N ILE D 271 9.48 30.06 -13.85
CA ILE D 271 10.01 28.90 -14.57
C ILE D 271 9.07 28.54 -15.72
N SER D 272 9.59 27.80 -16.69
CA SER D 272 8.82 27.39 -17.85
C SER D 272 7.98 26.16 -17.54
N PRO D 273 6.98 25.88 -18.39
CA PRO D 273 6.16 24.70 -18.15
C PRO D 273 7.03 23.46 -18.17
N ASP D 274 8.06 23.46 -19.03
CA ASP D 274 8.96 22.31 -19.12
C ASP D 274 9.65 22.06 -17.79
N GLN D 275 10.15 23.12 -17.17
CA GLN D 275 10.81 22.98 -15.87
C GLN D 275 9.81 22.56 -14.80
N LEU D 276 8.54 22.92 -14.99
CA LEU D 276 7.53 22.58 -14.01
C LEU D 276 7.27 21.06 -14.12
N ALA D 277 7.10 20.58 -15.35
CA ALA D 277 6.86 19.16 -15.59
C ALA D 277 7.99 18.31 -15.02
N ASP D 278 9.23 18.73 -15.22
CA ASP D 278 10.36 17.97 -14.72
C ASP D 278 10.38 17.98 -13.20
N LEU D 279 9.88 19.06 -12.63
CA LEU D 279 9.82 19.15 -11.18
C LEU D 279 8.82 18.09 -10.72
N TYR D 280 7.70 18.00 -11.43
CA TYR D 280 6.67 17.02 -11.07
C TYR D 280 7.24 15.61 -11.18
N LYS D 281 7.78 15.28 -12.36
CA LYS D 281 8.36 13.96 -12.60
C LYS D 281 9.39 13.55 -11.56
N SER D 282 10.07 14.52 -10.95
CA SER D 282 11.05 14.23 -9.92
C SER D 282 10.29 13.88 -8.62
N PHE D 283 9.14 14.53 -8.42
CA PHE D 283 8.33 14.25 -7.25
C PHE D 283 7.80 12.82 -7.37
N ILE D 284 7.34 12.49 -8.58
CA ILE D 284 6.79 11.17 -8.87
C ILE D 284 7.80 10.04 -8.69
N LYS D 285 9.08 10.37 -8.89
CA LYS D 285 10.14 9.38 -8.77
C LYS D 285 10.57 9.19 -7.32
N ASP D 286 10.64 10.29 -6.59
CA ASP D 286 11.09 10.27 -5.21
C ASP D 286 10.01 10.06 -4.14
N TYR D 287 8.75 10.23 -4.51
CA TYR D 287 7.67 10.09 -3.54
C TYR D 287 6.54 9.30 -4.14
N PRO D 288 5.72 8.67 -3.28
CA PRO D 288 4.60 7.87 -3.78
C PRO D 288 3.44 8.71 -4.32
N VAL D 289 3.77 9.73 -5.10
CA VAL D 289 2.77 10.59 -5.70
C VAL D 289 2.09 9.85 -6.85
N VAL D 290 0.76 9.74 -6.78
CA VAL D 290 0.01 9.03 -7.81
C VAL D 290 -0.96 9.90 -8.57
N SER D 291 -1.16 11.11 -8.07
CA SER D 291 -2.10 12.03 -8.66
C SER D 291 -1.70 13.50 -8.53
N ILE D 292 -1.82 14.25 -9.62
CA ILE D 292 -1.49 15.67 -9.63
C ILE D 292 -2.60 16.42 -10.33
N GLU D 293 -3.20 17.39 -9.61
CA GLU D 293 -4.31 18.19 -10.13
C GLU D 293 -3.82 19.54 -10.62
N ASP D 294 -4.39 20.01 -11.73
CA ASP D 294 -4.02 21.28 -12.33
C ASP D 294 -2.51 21.56 -12.28
N PRO D 295 -1.70 20.68 -12.89
CA PRO D 295 -0.26 20.85 -12.91
C PRO D 295 0.14 22.07 -13.78
N PHE D 296 -0.79 22.57 -14.60
CA PHE D 296 -0.55 23.75 -15.46
C PHE D 296 -1.81 24.63 -15.53
N ASP D 297 -1.69 25.79 -16.21
CA ASP D 297 -2.80 26.73 -16.35
C ASP D 297 -4.03 26.18 -17.05
N GLN D 298 -5.19 26.74 -16.70
CA GLN D 298 -6.45 26.31 -17.28
C GLN D 298 -6.52 26.34 -18.80
N ASP D 299 -5.64 27.11 -19.43
CA ASP D 299 -5.64 27.14 -20.89
C ASP D 299 -4.28 26.90 -21.52
N ASP D 300 -3.35 26.35 -20.74
CA ASP D 300 -2.02 26.01 -21.24
C ASP D 300 -2.17 24.56 -21.76
N TRP D 301 -3.14 24.37 -22.64
CA TRP D 301 -3.46 23.07 -23.22
C TRP D 301 -2.28 22.24 -23.72
N GLY D 302 -1.27 22.89 -24.26
CA GLY D 302 -0.12 22.18 -24.76
C GLY D 302 0.61 21.41 -23.67
N ALA D 303 0.96 22.10 -22.59
CA ALA D 303 1.68 21.45 -21.50
C ALA D 303 0.91 20.27 -20.88
N TRP D 304 -0.42 20.38 -20.79
CA TRP D 304 -1.24 19.30 -20.24
C TRP D 304 -1.08 18.03 -21.06
N GLN D 305 -1.37 18.15 -22.35
CA GLN D 305 -1.28 17.03 -23.29
C GLN D 305 0.06 16.32 -23.19
N LYS D 306 1.13 17.10 -23.17
CA LYS D 306 2.48 16.55 -23.12
C LYS D 306 2.81 15.85 -21.80
N PHE D 307 2.44 16.48 -20.68
CA PHE D 307 2.71 15.90 -19.37
C PHE D 307 1.91 14.63 -19.11
N THR D 308 0.64 14.66 -19.47
CA THR D 308 -0.24 13.52 -19.27
C THR D 308 0.24 12.28 -20.03
N ALA D 309 0.76 12.48 -21.23
CA ALA D 309 1.23 11.37 -22.05
C ALA D 309 2.60 10.83 -21.61
N SER D 310 3.28 11.57 -20.75
CA SER D 310 4.61 11.17 -20.31
C SER D 310 4.80 11.00 -18.80
N ALA D 311 3.84 11.48 -18.01
CA ALA D 311 3.96 11.41 -16.55
C ALA D 311 3.75 10.02 -15.95
N GLY D 312 2.85 9.24 -16.53
CA GLY D 312 2.59 7.91 -16.01
C GLY D 312 1.75 7.89 -14.74
N ILE D 313 0.98 8.95 -14.51
CA ILE D 313 0.14 8.98 -13.32
C ILE D 313 -1.23 9.56 -13.63
N GLN D 314 -2.04 9.72 -12.59
CA GLN D 314 -3.36 10.31 -12.79
C GLN D 314 -3.11 11.80 -12.83
N VAL D 315 -3.64 12.45 -13.86
CA VAL D 315 -3.49 13.89 -14.01
C VAL D 315 -4.91 14.41 -13.98
N VAL D 316 -5.21 15.24 -12.99
CA VAL D 316 -6.57 15.74 -12.78
C VAL D 316 -6.88 17.14 -13.29
N GLY D 317 -7.92 17.24 -14.11
CA GLY D 317 -8.36 18.52 -14.63
C GLY D 317 -9.35 19.14 -13.66
N ASP D 318 -9.14 20.41 -13.30
CA ASP D 318 -10.05 21.10 -12.38
C ASP D 318 -10.40 22.44 -13.01
N ASP D 319 -9.51 23.40 -12.91
CA ASP D 319 -9.78 24.68 -13.54
C ASP D 319 -9.69 24.47 -15.06
N LEU D 320 -9.07 23.37 -15.46
CA LEU D 320 -8.94 23.04 -16.89
C LEU D 320 -10.31 22.70 -17.48
N THR D 321 -11.07 21.88 -16.77
CA THR D 321 -12.35 21.41 -17.24
C THR D 321 -13.60 22.03 -16.62
N VAL D 322 -13.42 22.61 -15.42
CA VAL D 322 -14.51 23.24 -14.67
C VAL D 322 -15.82 22.47 -14.72
N THR D 323 -15.71 21.14 -14.61
CA THR D 323 -16.88 20.27 -14.60
C THR D 323 -17.86 20.60 -15.72
N ASN D 324 -17.30 21.11 -16.82
CA ASN D 324 -18.08 21.52 -18.01
C ASN D 324 -17.90 20.53 -19.16
N PRO D 325 -18.97 19.81 -19.54
CA PRO D 325 -18.94 18.83 -20.62
C PRO D 325 -18.35 19.33 -21.94
N LYS D 326 -18.34 20.65 -22.15
CA LYS D 326 -17.78 21.22 -23.37
C LYS D 326 -16.26 21.27 -23.26
N ARG D 327 -15.76 21.65 -22.09
CA ARG D 327 -14.32 21.72 -21.89
C ARG D 327 -13.78 20.29 -21.81
N ILE D 328 -14.54 19.44 -21.13
CA ILE D 328 -14.14 18.05 -20.95
C ILE D 328 -13.98 17.38 -22.32
N ALA D 329 -14.99 17.52 -23.18
CA ALA D 329 -14.95 16.94 -24.51
C ALA D 329 -13.64 17.30 -25.21
N LYS D 330 -13.22 18.55 -25.10
CA LYS D 330 -11.98 18.96 -25.73
C LYS D 330 -10.80 18.29 -25.06
N ALA D 331 -10.87 18.11 -23.74
CA ALA D 331 -9.80 17.47 -22.98
C ALA D 331 -9.64 16.01 -23.32
N VAL D 332 -10.75 15.32 -23.61
CA VAL D 332 -10.67 13.91 -23.93
C VAL D 332 -10.03 13.73 -25.31
N ASN D 333 -10.41 14.56 -26.27
CA ASN D 333 -9.85 14.48 -27.61
C ASN D 333 -8.34 14.74 -27.65
N GLU D 334 -7.86 15.72 -26.90
CA GLU D 334 -6.44 16.02 -26.88
C GLU D 334 -5.72 15.25 -25.78
N LYS D 335 -6.45 14.38 -25.07
CA LYS D 335 -5.85 13.62 -23.97
C LYS D 335 -5.07 14.55 -23.05
N SER D 336 -5.65 15.72 -22.77
CA SER D 336 -5.01 16.71 -21.92
C SER D 336 -4.80 16.21 -20.50
N CYS D 337 -5.72 15.39 -20.00
CA CYS D 337 -5.64 14.84 -18.65
C CYS D 337 -6.40 13.51 -18.66
N ASN D 338 -6.36 12.77 -17.55
CA ASN D 338 -7.05 11.49 -17.50
C ASN D 338 -7.99 11.33 -16.29
N CYS D 339 -8.30 12.44 -15.63
CA CYS D 339 -9.19 12.41 -14.48
C CYS D 339 -9.90 13.75 -14.32
N LEU D 340 -11.19 13.69 -14.04
CA LEU D 340 -12.02 14.88 -13.84
C LEU D 340 -12.30 15.17 -12.35
N LEU D 341 -12.12 16.42 -11.94
CA LEU D 341 -12.45 16.79 -10.56
C LEU D 341 -13.90 17.27 -10.72
N LEU D 342 -14.83 16.63 -10.01
CA LEU D 342 -16.23 16.99 -10.13
C LEU D 342 -16.67 17.96 -9.03
N LYS D 343 -16.89 19.21 -9.42
CA LYS D 343 -17.33 20.25 -8.50
C LYS D 343 -18.67 20.72 -9.03
N VAL D 344 -19.74 20.32 -8.35
CA VAL D 344 -21.06 20.69 -8.80
C VAL D 344 -21.30 22.18 -9.01
N ASN D 345 -20.59 23.06 -8.31
CA ASN D 345 -20.86 24.48 -8.50
C ASN D 345 -20.00 25.15 -9.59
N GLN D 346 -19.18 24.37 -10.31
CA GLN D 346 -18.41 24.99 -11.39
C GLN D 346 -19.30 25.00 -12.61
N ILE D 347 -20.33 24.16 -12.58
CA ILE D 347 -21.25 24.09 -13.71
C ILE D 347 -22.67 24.56 -13.33
N GLY D 348 -23.07 24.35 -12.07
CA GLY D 348 -24.36 24.87 -11.63
C GLY D 348 -25.60 24.01 -11.45
N SER D 349 -25.52 22.74 -11.79
CA SER D 349 -26.68 21.88 -11.60
C SER D 349 -26.28 20.44 -11.39
N VAL D 350 -27.16 19.67 -10.76
CA VAL D 350 -26.92 18.27 -10.51
C VAL D 350 -26.87 17.52 -11.85
N THR D 351 -27.82 17.82 -12.71
CA THR D 351 -27.90 17.15 -13.99
C THR D 351 -26.64 17.30 -14.86
N GLU D 352 -26.10 18.50 -14.95
CA GLU D 352 -24.91 18.70 -15.77
C GLU D 352 -23.67 18.08 -15.13
N SER D 353 -23.70 17.96 -13.81
CA SER D 353 -22.59 17.35 -13.08
C SER D 353 -22.56 15.86 -13.39
N LEU D 354 -23.73 15.25 -13.48
CA LEU D 354 -23.81 13.84 -13.81
C LEU D 354 -23.35 13.61 -15.24
N GLN D 355 -23.76 14.50 -16.15
CA GLN D 355 -23.36 14.38 -17.55
C GLN D 355 -21.86 14.48 -17.67
N ALA D 356 -21.27 15.43 -16.94
CA ALA D 356 -19.82 15.61 -16.97
C ALA D 356 -19.13 14.33 -16.49
N CYS D 357 -19.63 13.76 -15.40
CA CYS D 357 -19.05 12.52 -14.87
C CYS D 357 -19.18 11.40 -15.89
N LYS D 358 -20.39 11.17 -16.39
CA LYS D 358 -20.60 10.10 -17.37
C LYS D 358 -19.68 10.25 -18.58
N LEU D 359 -19.53 11.49 -19.06
CA LEU D 359 -18.66 11.74 -20.21
C LEU D 359 -17.23 11.33 -19.93
N ALA D 360 -16.71 11.73 -18.76
CA ALA D 360 -15.34 11.38 -18.39
C ALA D 360 -15.21 9.85 -18.34
N GLN D 361 -16.07 9.22 -17.55
CA GLN D 361 -16.07 7.78 -17.38
C GLN D 361 -16.18 7.02 -18.69
N ALA D 362 -17.07 7.45 -19.56
CA ALA D 362 -17.26 6.80 -20.85
C ALA D 362 -15.96 6.81 -21.66
N ASN D 363 -15.06 7.72 -21.31
CA ASN D 363 -13.79 7.80 -22.03
C ASN D 363 -12.60 7.31 -21.24
N GLY D 364 -12.86 6.43 -20.28
CA GLY D 364 -11.76 5.88 -19.50
C GLY D 364 -11.13 6.78 -18.47
N TRP D 365 -11.68 7.98 -18.29
CA TRP D 365 -11.14 8.90 -17.29
C TRP D 365 -11.57 8.45 -15.90
N GLY D 366 -10.83 8.87 -14.88
CA GLY D 366 -11.23 8.58 -13.54
C GLY D 366 -12.00 9.82 -13.14
N VAL D 367 -12.66 9.81 -11.99
CA VAL D 367 -13.38 10.98 -11.53
C VAL D 367 -13.22 11.11 -10.02
N MET D 368 -12.83 12.30 -9.57
CA MET D 368 -12.66 12.56 -8.15
C MET D 368 -13.67 13.63 -7.71
N VAL D 369 -14.69 13.21 -6.97
CA VAL D 369 -15.70 14.15 -6.49
C VAL D 369 -15.00 15.12 -5.54
N SER D 370 -15.41 16.38 -5.55
CA SER D 370 -14.74 17.38 -4.72
C SER D 370 -15.59 18.48 -4.07
N HIS D 371 -15.09 18.97 -2.94
CA HIS D 371 -15.69 20.06 -2.18
C HIS D 371 -15.06 21.33 -2.78
N ARG D 372 -15.30 22.48 -2.14
CA ARG D 372 -14.64 23.74 -2.51
C ARG D 372 -13.91 24.12 -1.21
N SER D 373 -12.94 25.03 -1.28
CA SER D 373 -12.23 25.43 -0.06
C SER D 373 -13.19 26.19 0.85
N GLY D 374 -14.30 26.65 0.28
CA GLY D 374 -15.30 27.36 1.05
C GLY D 374 -16.49 26.43 1.14
N GLU D 375 -16.59 25.70 2.25
CA GLU D 375 -17.68 24.74 2.42
C GLU D 375 -18.72 25.08 3.48
N THR D 376 -19.77 24.27 3.55
CA THR D 376 -20.81 24.45 4.54
C THR D 376 -21.00 23.11 5.22
N GLU D 377 -21.97 23.05 6.13
CA GLU D 377 -22.30 21.84 6.85
C GLU D 377 -23.01 20.83 5.94
N ASP D 378 -23.27 21.21 4.69
CA ASP D 378 -23.95 20.33 3.70
C ASP D 378 -23.07 19.08 3.44
N THR D 379 -23.70 17.93 3.20
CA THR D 379 -22.98 16.68 2.95
C THR D 379 -23.34 15.99 1.62
N PHE D 380 -23.99 16.72 0.73
CA PHE D 380 -24.41 16.17 -0.55
C PHE D 380 -23.33 15.40 -1.32
N ILE D 381 -22.12 15.94 -1.39
CA ILE D 381 -21.08 15.25 -2.16
C ILE D 381 -20.69 13.87 -1.62
N ALA D 382 -20.98 13.61 -0.34
CA ALA D 382 -20.69 12.29 0.23
C ALA D 382 -21.58 11.28 -0.51
N ASP D 383 -22.86 11.59 -0.59
CA ASP D 383 -23.78 10.71 -1.29
C ASP D 383 -23.56 10.73 -2.80
N LEU D 384 -23.09 11.86 -3.30
CA LEU D 384 -22.83 11.97 -4.72
C LEU D 384 -21.76 11.00 -5.16
N VAL D 385 -20.60 11.03 -4.49
CA VAL D 385 -19.49 10.16 -4.87
C VAL D 385 -19.86 8.68 -4.78
N VAL D 386 -20.65 8.31 -3.79
CA VAL D 386 -21.05 6.92 -3.64
C VAL D 386 -21.97 6.50 -4.79
N GLY D 387 -22.93 7.36 -5.14
CA GLY D 387 -23.86 7.05 -6.23
C GLY D 387 -23.27 7.10 -7.63
N LEU D 388 -22.16 7.82 -7.79
CA LEU D 388 -21.51 7.93 -9.10
C LEU D 388 -20.38 6.90 -9.23
N CYS D 389 -20.14 6.15 -8.15
CA CYS D 389 -19.11 5.11 -8.13
C CYS D 389 -17.78 5.55 -8.71
N THR D 390 -17.33 6.75 -8.38
CA THR D 390 -16.06 7.21 -8.94
C THR D 390 -14.86 6.63 -8.17
N GLY D 391 -15.12 6.15 -6.96
CA GLY D 391 -14.05 5.57 -6.18
C GLY D 391 -13.09 6.54 -5.51
N GLN D 392 -13.31 7.84 -5.69
CA GLN D 392 -12.44 8.82 -5.05
C GLN D 392 -13.09 10.18 -4.76
N ILE D 393 -12.75 10.72 -3.59
CA ILE D 393 -13.28 12.02 -3.19
C ILE D 393 -12.25 12.77 -2.35
N LYS D 394 -12.14 14.07 -2.60
CA LYS D 394 -11.27 14.89 -1.77
C LYS D 394 -12.24 15.87 -1.09
N THR D 395 -12.23 15.92 0.24
CA THR D 395 -13.14 16.85 0.91
C THR D 395 -12.56 17.39 2.20
N GLY D 396 -11.24 17.58 2.16
CA GLY D 396 -10.49 18.17 3.24
C GLY D 396 -9.66 17.29 4.14
N ALA D 397 -8.86 17.95 4.97
CA ALA D 397 -8.08 17.24 5.96
C ALA D 397 -9.13 16.72 6.94
N PRO D 398 -8.77 15.77 7.80
CA PRO D 398 -9.79 15.30 8.74
C PRO D 398 -9.82 16.35 9.86
N CYS D 399 -10.07 17.60 9.50
CA CYS D 399 -10.09 18.72 10.46
C CYS D 399 -11.04 19.82 9.94
N ARG D 400 -11.81 20.44 10.87
CA ARG D 400 -12.82 21.47 10.56
C ARG D 400 -14.05 20.68 10.10
N SER D 401 -15.17 20.83 10.81
CA SER D 401 -16.35 20.05 10.47
C SER D 401 -16.99 20.22 9.11
N GLU D 402 -16.70 21.29 8.38
CA GLU D 402 -17.31 21.37 7.06
C GLU D 402 -16.63 20.26 6.21
N ARG D 403 -15.58 19.65 6.75
CA ARG D 403 -14.88 18.56 6.05
C ARG D 403 -15.34 17.23 6.65
N LEU D 404 -15.29 17.12 7.98
CA LEU D 404 -15.70 15.91 8.67
C LEU D 404 -17.16 15.61 8.49
N ALA D 405 -17.97 16.62 8.20
CA ALA D 405 -19.40 16.37 8.00
C ALA D 405 -19.53 15.38 6.87
N LYS D 406 -18.72 15.55 5.84
CA LYS D 406 -18.77 14.64 4.70
C LYS D 406 -18.21 13.27 5.03
N TYR D 407 -17.05 13.24 5.69
CA TYR D 407 -16.42 11.96 6.04
C TYR D 407 -17.33 11.18 6.97
N ASN D 408 -17.93 11.87 7.92
CA ASN D 408 -18.84 11.25 8.86
C ASN D 408 -20.02 10.68 8.11
N GLN D 409 -20.50 11.41 7.12
CA GLN D 409 -21.62 10.93 6.32
C GLN D 409 -21.23 9.67 5.55
N LEU D 410 -19.98 9.60 5.07
CA LEU D 410 -19.54 8.41 4.34
C LEU D 410 -19.49 7.21 5.30
N LEU D 411 -19.10 7.44 6.54
CA LEU D 411 -19.09 6.34 7.51
C LEU D 411 -20.52 5.82 7.71
N ARG D 412 -21.50 6.73 7.75
CA ARG D 412 -22.89 6.32 7.93
C ARG D 412 -23.35 5.52 6.70
N ILE D 413 -22.96 5.97 5.52
CA ILE D 413 -23.34 5.28 4.29
C ILE D 413 -22.76 3.86 4.28
N GLU D 414 -21.50 3.70 4.66
CA GLU D 414 -20.88 2.37 4.69
C GLU D 414 -21.65 1.46 5.67
N GLU D 415 -21.89 1.99 6.87
CA GLU D 415 -22.61 1.26 7.90
C GLU D 415 -23.95 0.80 7.36
N GLU D 416 -24.68 1.71 6.72
CA GLU D 416 -25.98 1.41 6.17
C GLU D 416 -25.93 0.34 5.06
N LEU D 417 -24.85 0.32 4.29
CA LEU D 417 -24.73 -0.67 3.22
C LEU D 417 -24.45 -2.05 3.79
N GLY D 418 -24.06 -2.10 5.05
CA GLY D 418 -23.80 -3.37 5.71
C GLY D 418 -22.74 -4.24 5.07
N SER D 419 -22.91 -5.56 5.23
CA SER D 419 -21.95 -6.53 4.72
C SER D 419 -21.73 -6.51 3.20
N LYS D 420 -22.64 -5.88 2.46
CA LYS D 420 -22.47 -5.80 1.01
C LYS D 420 -21.78 -4.50 0.59
N ALA D 421 -21.30 -3.74 1.57
CA ALA D 421 -20.62 -2.49 1.28
C ALA D 421 -19.30 -2.75 0.56
N LYS D 422 -19.01 -1.97 -0.46
CA LYS D 422 -17.76 -2.13 -1.18
C LYS D 422 -16.90 -0.87 -1.08
N PHE D 423 -15.59 -1.09 -0.95
CA PHE D 423 -14.63 0.01 -0.85
C PHE D 423 -13.71 -0.05 -2.07
N ALA D 424 -13.61 1.07 -2.78
CA ALA D 424 -12.80 1.13 -3.98
C ALA D 424 -11.35 0.65 -3.76
N GLY D 425 -10.76 1.02 -2.64
CA GLY D 425 -9.39 0.61 -2.38
C GLY D 425 -8.43 0.77 -3.55
N ARG D 426 -7.76 -0.32 -3.92
CA ARG D 426 -6.77 -0.30 -5.00
C ARG D 426 -7.33 0.09 -6.35
N ASN D 427 -8.63 -0.13 -6.54
CA ASN D 427 -9.27 0.21 -7.81
C ASN D 427 -9.91 1.61 -7.78
N PHE D 428 -9.34 2.51 -6.97
CA PHE D 428 -9.88 3.86 -6.85
C PHE D 428 -9.91 4.65 -8.17
N ARG D 429 -8.98 4.43 -9.07
CA ARG D 429 -8.98 5.16 -10.34
C ARG D 429 -10.17 4.81 -11.22
N ASN D 430 -10.68 3.59 -11.08
CA ASN D 430 -11.85 3.13 -11.82
C ASN D 430 -12.37 1.85 -11.19
N PRO D 431 -13.21 1.99 -10.15
CA PRO D 431 -13.78 0.84 -9.44
C PRO D 431 -14.77 0.00 -10.24
N LEU D 432 -15.02 0.40 -11.49
CA LEU D 432 -15.96 -0.31 -12.35
C LEU D 432 -15.29 -1.47 -13.14
MG MG E . 27.30 -21.72 -26.58
MG MG F . 25.67 -19.14 -26.83
P PO4 G . 23.47 -19.54 -24.38
O1 PO4 G . 24.64 -20.29 -23.82
O2 PO4 G . 23.62 -19.38 -25.84
O3 PO4 G . 23.41 -18.19 -23.73
O4 PO4 G . 22.23 -20.30 -24.11
MG MG H . 15.70 -16.05 7.84
MG MG I . 17.78 -18.10 8.12
P PO4 J . 17.72 -19.69 5.38
O1 PO4 J . 17.36 -18.28 5.04
O2 PO4 J . 17.41 -19.96 6.81
O3 PO4 J . 19.17 -19.92 5.13
O4 PO4 J . 16.91 -20.62 4.53
MG MG K . -12.94 27.57 28.65
MG MG L . -11.70 25.14 28.81
P PO4 M . -12.58 23.95 25.82
O1 PO4 M . -12.60 25.41 25.59
O2 PO4 M . -12.69 23.68 27.26
O3 PO4 M . -11.30 23.38 25.31
O4 PO4 M . -13.72 23.30 25.11
MG MG N . -8.28 23.11 -7.28
MG MG O . -9.13 25.59 -7.15
P PO4 P . -10.98 25.78 -4.40
O1 PO4 P . -9.96 24.73 -4.16
O2 PO4 P . -11.19 25.99 -5.85
O3 PO4 P . -10.53 27.04 -3.78
O4 PO4 P . -12.28 25.35 -3.80
#